data_1UHF
#
_entry.id   1UHF
#
_cell.length_a   1.000
_cell.length_b   1.000
_cell.length_c   1.000
_cell.angle_alpha   90.00
_cell.angle_beta   90.00
_cell.angle_gamma   90.00
#
_symmetry.space_group_name_H-M   'P 1'
#
_entity_poly.entity_id   1
_entity_poly.type   'polypeptide(L)'
_entity_poly.pdbx_seq_one_letter_code
;GSSGSSGGEEYIALYPYSSVEPGDLTFTEGEEILVTQKDGEWWTGSIGDRSGIFPSNYVKPKDSGPSSG
;
_entity_poly.pdbx_strand_id   A
#
# COMPACT_ATOMS: atom_id res chain seq x y z
N GLY A 1 -4.01 -26.87 11.67
CA GLY A 1 -5.35 -26.83 11.12
C GLY A 1 -5.56 -25.56 10.28
N SER A 2 -6.22 -25.73 9.15
CA SER A 2 -6.49 -24.62 8.26
C SER A 2 -5.17 -24.01 7.77
N SER A 3 -5.29 -23.18 6.75
CA SER A 3 -4.13 -22.53 6.18
C SER A 3 -4.52 -21.16 5.60
N GLY A 4 -4.21 -20.11 6.36
CA GLY A 4 -4.52 -18.76 5.94
C GLY A 4 -3.31 -18.10 5.29
N SER A 5 -3.54 -17.56 4.10
CA SER A 5 -2.47 -16.90 3.37
C SER A 5 -2.50 -15.40 3.66
N SER A 6 -1.34 -14.87 3.99
CA SER A 6 -1.22 -13.45 4.29
C SER A 6 0.17 -12.94 3.89
N GLY A 7 0.32 -11.63 3.91
CA GLY A 7 1.58 -11.01 3.54
C GLY A 7 1.45 -9.49 3.51
N GLY A 8 2.47 -8.82 4.03
CA GLY A 8 2.49 -7.37 4.06
C GLY A 8 1.18 -6.82 4.65
N GLU A 9 1.03 -5.51 4.54
CA GLU A 9 -0.17 -4.86 5.05
C GLU A 9 -1.02 -4.33 3.90
N GLU A 10 -2.26 -4.79 3.87
CA GLU A 10 -3.19 -4.37 2.83
C GLU A 10 -3.78 -3.00 3.16
N TYR A 11 -3.49 -2.05 2.28
CA TYR A 11 -3.98 -0.69 2.48
C TYR A 11 -4.68 -0.18 1.22
N ILE A 12 -5.68 0.67 1.43
CA ILE A 12 -6.43 1.23 0.32
C ILE A 12 -6.06 2.71 0.16
N ALA A 13 -5.85 3.09 -1.09
CA ALA A 13 -5.48 4.47 -1.40
C ALA A 13 -6.71 5.36 -1.23
N LEU A 14 -6.63 6.23 -0.24
CA LEU A 14 -7.73 7.15 0.05
C LEU A 14 -7.90 8.11 -1.14
N TYR A 15 -6.77 8.47 -1.73
CA TYR A 15 -6.78 9.37 -2.87
C TYR A 15 -5.81 8.90 -3.96
N PRO A 16 -6.13 9.29 -5.21
CA PRO A 16 -5.30 8.92 -6.35
C PRO A 16 -4.01 9.74 -6.38
N TYR A 17 -2.91 9.04 -6.17
CA TYR A 17 -1.60 9.68 -6.17
C TYR A 17 -0.82 9.34 -7.44
N SER A 18 -0.54 10.38 -8.23
CA SER A 18 0.20 10.20 -9.46
C SER A 18 1.57 10.89 -9.37
N SER A 19 2.61 10.06 -9.39
CA SER A 19 3.96 10.58 -9.30
C SER A 19 4.62 10.53 -10.68
N VAL A 20 5.23 11.66 -11.04
CA VAL A 20 5.89 11.76 -12.32
C VAL A 20 7.18 10.94 -12.30
N GLU A 21 7.65 10.68 -11.08
CA GLU A 21 8.86 9.90 -10.91
C GLU A 21 8.53 8.42 -10.77
N PRO A 22 9.39 7.57 -11.42
CA PRO A 22 9.19 6.13 -11.38
C PRO A 22 9.59 5.56 -10.01
N GLY A 23 10.02 6.46 -9.14
CA GLY A 23 10.44 6.05 -7.80
C GLY A 23 9.22 5.84 -6.89
N ASP A 24 8.34 6.83 -6.88
CA ASP A 24 7.14 6.77 -6.07
C ASP A 24 6.11 5.87 -6.76
N LEU A 25 5.53 4.98 -5.98
CA LEU A 25 4.54 4.06 -6.49
C LEU A 25 3.32 4.86 -6.97
N THR A 26 2.87 4.53 -8.17
CA THR A 26 1.72 5.21 -8.76
C THR A 26 0.46 4.34 -8.62
N PHE A 27 -0.56 4.94 -8.02
CA PHE A 27 -1.82 4.23 -7.82
C PHE A 27 -2.98 5.22 -7.70
N THR A 28 -4.18 4.70 -7.87
CA THR A 28 -5.38 5.51 -7.78
C THR A 28 -6.15 5.18 -6.50
N GLU A 29 -7.17 6.00 -6.24
CA GLU A 29 -7.99 5.82 -5.06
C GLU A 29 -8.80 4.52 -5.18
N GLY A 30 -8.72 3.71 -4.13
CA GLY A 30 -9.45 2.45 -4.11
C GLY A 30 -8.50 1.28 -4.32
N GLU A 31 -7.43 1.54 -5.05
CA GLU A 31 -6.43 0.51 -5.32
C GLU A 31 -5.96 -0.13 -4.01
N GLU A 32 -5.51 -1.37 -4.14
CA GLU A 32 -5.03 -2.11 -2.98
C GLU A 32 -3.50 -2.14 -2.97
N ILE A 33 -2.94 -1.37 -2.05
CA ILE A 33 -1.49 -1.30 -1.93
C ILE A 33 -1.04 -2.20 -0.78
N LEU A 34 -0.08 -3.06 -1.09
CA LEU A 34 0.45 -3.98 -0.09
C LEU A 34 1.74 -3.41 0.48
N VAL A 35 1.64 -2.91 1.71
CA VAL A 35 2.79 -2.33 2.39
C VAL A 35 3.60 -3.46 3.03
N THR A 36 4.92 -3.29 2.98
CA THR A 36 5.81 -4.27 3.56
C THR A 36 6.92 -3.58 4.36
N GLN A 37 7.47 -2.54 3.75
CA GLN A 37 8.55 -1.79 4.38
C GLN A 37 8.06 -0.39 4.75
N LYS A 38 8.20 -0.07 6.03
CA LYS A 38 7.78 1.24 6.53
C LYS A 38 9.00 2.02 7.02
N ASP A 39 9.43 2.96 6.19
CA ASP A 39 10.58 3.78 6.52
C ASP A 39 10.13 5.20 6.84
N GLY A 40 10.08 5.50 8.13
CA GLY A 40 9.67 6.82 8.57
C GLY A 40 8.17 7.02 8.36
N GLU A 41 7.84 8.14 7.74
CA GLU A 41 6.45 8.46 7.47
C GLU A 41 5.98 7.79 6.17
N TRP A 42 6.87 7.81 5.19
CA TRP A 42 6.58 7.22 3.90
C TRP A 42 6.98 5.75 3.96
N TRP A 43 6.05 4.89 3.56
CA TRP A 43 6.30 3.46 3.55
C TRP A 43 6.36 2.99 2.10
N THR A 44 6.88 1.78 1.92
CA THR A 44 7.01 1.21 0.59
C THR A 44 5.85 0.24 0.33
N GLY A 45 5.04 0.60 -0.65
CA GLY A 45 3.90 -0.23 -1.02
C GLY A 45 4.20 -1.07 -2.26
N SER A 46 3.26 -1.95 -2.59
CA SER A 46 3.43 -2.81 -3.74
C SER A 46 2.05 -3.17 -4.32
N ILE A 47 2.04 -3.45 -5.61
CA ILE A 47 0.81 -3.81 -6.29
C ILE A 47 1.08 -4.95 -7.27
N GLY A 48 0.55 -6.11 -6.93
CA GLY A 48 0.73 -7.30 -7.76
C GLY A 48 2.19 -7.75 -7.76
N ASP A 49 3.04 -6.90 -8.31
CA ASP A 49 4.46 -7.19 -8.38
C ASP A 49 5.23 -5.89 -8.63
N ARG A 50 4.67 -4.80 -8.14
CA ARG A 50 5.29 -3.50 -8.30
C ARG A 50 5.92 -3.05 -6.99
N SER A 51 6.76 -2.02 -7.08
CA SER A 51 7.42 -1.49 -5.91
C SER A 51 7.63 0.01 -6.07
N GLY A 52 7.56 0.71 -4.93
CA GLY A 52 7.74 2.15 -4.93
C GLY A 52 7.37 2.75 -3.58
N ILE A 53 7.57 4.06 -3.47
CA ILE A 53 7.26 4.76 -2.22
C ILE A 53 5.95 5.52 -2.39
N PHE A 54 5.34 5.84 -1.26
CA PHE A 54 4.09 6.57 -1.27
C PHE A 54 3.81 7.22 0.09
N PRO A 55 2.89 8.21 0.09
CA PRO A 55 2.54 8.91 1.31
C PRO A 55 1.64 8.04 2.19
N SER A 56 2.16 7.72 3.37
CA SER A 56 1.41 6.91 4.32
C SER A 56 0.13 7.63 4.73
N ASN A 57 0.07 8.91 4.42
CA ASN A 57 -1.08 9.72 4.75
C ASN A 57 -2.12 9.60 3.63
N TYR A 58 -1.79 8.79 2.63
CA TYR A 58 -2.68 8.60 1.50
C TYR A 58 -3.05 7.12 1.36
N VAL A 59 -3.07 6.43 2.49
CA VAL A 59 -3.41 5.02 2.50
C VAL A 59 -4.15 4.69 3.79
N LYS A 60 -5.12 3.80 3.68
CA LYS A 60 -5.92 3.40 4.82
C LYS A 60 -5.81 1.88 5.01
N PRO A 61 -6.09 1.43 6.26
CA PRO A 61 -6.02 0.01 6.58
C PRO A 61 -7.22 -0.73 6.00
N LYS A 62 -6.92 -1.67 5.11
CA LYS A 62 -7.96 -2.46 4.48
C LYS A 62 -8.80 -3.15 5.56
N ASP A 63 -9.94 -2.55 5.85
CA ASP A 63 -10.84 -3.09 6.86
C ASP A 63 -11.90 -3.96 6.18
N SER A 64 -11.93 -5.23 6.57
CA SER A 64 -12.88 -6.17 6.01
C SER A 64 -13.65 -6.87 7.13
N GLY A 65 -14.97 -6.91 6.97
CA GLY A 65 -15.82 -7.54 7.96
C GLY A 65 -15.43 -9.01 8.18
N PRO A 66 -15.79 -9.54 9.36
CA PRO A 66 -15.49 -10.92 9.70
C PRO A 66 -16.40 -11.88 8.95
N SER A 67 -16.21 -11.92 7.64
CA SER A 67 -17.00 -12.79 6.78
C SER A 67 -17.10 -14.19 7.41
N SER A 68 -18.33 -14.68 7.50
CA SER A 68 -18.56 -15.99 8.07
C SER A 68 -19.78 -16.64 7.42
N GLY A 69 -19.52 -17.42 6.38
CA GLY A 69 -20.58 -18.10 5.65
C GLY A 69 -21.03 -17.27 4.45
N GLY A 1 2.34 -21.04 20.48
CA GLY A 1 1.95 -21.80 19.30
C GLY A 1 1.63 -20.86 18.13
N SER A 2 2.60 -20.74 17.22
CA SER A 2 2.44 -19.88 16.06
C SER A 2 1.77 -18.57 16.47
N SER A 3 2.60 -17.60 16.81
CA SER A 3 2.11 -16.29 17.22
C SER A 3 2.96 -15.20 16.59
N GLY A 4 2.27 -14.23 15.99
CA GLY A 4 2.95 -13.12 15.35
C GLY A 4 2.71 -13.12 13.84
N SER A 5 3.70 -13.62 13.11
CA SER A 5 3.60 -13.68 11.66
C SER A 5 3.10 -12.34 11.11
N SER A 6 4.06 -11.51 10.73
CA SER A 6 3.74 -10.20 10.18
C SER A 6 4.41 -10.02 8.82
N GLY A 7 3.61 -10.18 7.78
CA GLY A 7 4.11 -10.05 6.42
C GLY A 7 3.74 -8.68 5.83
N GLY A 8 2.99 -8.71 4.75
CA GLY A 8 2.56 -7.49 4.08
C GLY A 8 1.30 -6.93 4.75
N GLU A 9 1.09 -5.64 4.51
CA GLU A 9 -0.07 -4.96 5.08
C GLU A 9 -0.92 -4.36 3.97
N GLU A 10 -2.18 -4.79 3.93
CA GLU A 10 -3.11 -4.31 2.92
C GLU A 10 -3.63 -2.93 3.31
N TYR A 11 -3.68 -2.05 2.32
CA TYR A 11 -4.15 -0.70 2.53
C TYR A 11 -5.00 -0.21 1.35
N ILE A 12 -5.96 0.65 1.65
CA ILE A 12 -6.83 1.19 0.63
C ILE A 12 -6.42 2.64 0.33
N ALA A 13 -6.17 2.89 -0.94
CA ALA A 13 -5.77 4.22 -1.37
C ALA A 13 -6.94 5.19 -1.16
N LEU A 14 -6.69 6.21 -0.35
CA LEU A 14 -7.70 7.21 -0.07
C LEU A 14 -7.88 8.12 -1.30
N TYR A 15 -6.76 8.64 -1.76
CA TYR A 15 -6.77 9.53 -2.91
C TYR A 15 -5.83 9.03 -4.00
N PRO A 16 -6.11 9.45 -5.26
CA PRO A 16 -5.30 9.05 -6.39
C PRO A 16 -3.96 9.81 -6.40
N TYR A 17 -2.90 9.07 -6.07
CA TYR A 17 -1.58 9.66 -6.04
C TYR A 17 -0.78 9.28 -7.29
N SER A 18 -0.35 10.29 -8.02
CA SER A 18 0.43 10.09 -9.23
C SER A 18 1.83 10.67 -9.07
N SER A 19 2.81 9.95 -9.61
CA SER A 19 4.19 10.39 -9.54
C SER A 19 4.86 10.25 -10.90
N VAL A 20 5.49 11.33 -11.34
CA VAL A 20 6.18 11.33 -12.62
C VAL A 20 7.38 10.40 -12.55
N GLU A 21 7.98 10.35 -11.36
CA GLU A 21 9.15 9.51 -11.15
C GLU A 21 8.72 8.06 -10.90
N PRO A 22 9.51 7.12 -11.47
CA PRO A 22 9.23 5.70 -11.32
C PRO A 22 9.61 5.21 -9.92
N GLY A 23 10.11 6.14 -9.11
CA GLY A 23 10.50 5.82 -7.76
C GLY A 23 9.28 5.67 -6.84
N ASP A 24 8.43 6.69 -6.88
CA ASP A 24 7.22 6.68 -6.07
C ASP A 24 6.17 5.80 -6.74
N LEU A 25 5.56 4.94 -5.94
CA LEU A 25 4.54 4.04 -6.43
C LEU A 25 3.32 4.85 -6.90
N THR A 26 2.92 4.61 -8.13
CA THR A 26 1.78 5.31 -8.70
C THR A 26 0.51 4.46 -8.56
N PHE A 27 -0.50 5.05 -7.92
CA PHE A 27 -1.76 4.36 -7.73
C PHE A 27 -2.93 5.35 -7.76
N THR A 28 -4.13 4.80 -7.70
CA THR A 28 -5.34 5.62 -7.72
C THR A 28 -6.15 5.38 -6.45
N GLU A 29 -7.23 6.16 -6.32
CA GLU A 29 -8.09 6.05 -5.17
C GLU A 29 -8.96 4.78 -5.26
N GLY A 30 -8.87 3.97 -4.24
CA GLY A 30 -9.63 2.73 -4.19
C GLY A 30 -8.72 1.52 -4.40
N GLU A 31 -7.63 1.75 -5.11
CA GLU A 31 -6.68 0.69 -5.40
C GLU A 31 -6.20 0.06 -4.08
N GLU A 32 -5.62 -1.13 -4.22
CA GLU A 32 -5.12 -1.86 -3.07
C GLU A 32 -3.60 -1.98 -3.14
N ILE A 33 -2.93 -1.29 -2.23
CA ILE A 33 -1.48 -1.32 -2.17
C ILE A 33 -1.04 -2.25 -1.06
N LEU A 34 -0.10 -3.13 -1.40
CA LEU A 34 0.43 -4.08 -0.43
C LEU A 34 1.70 -3.51 0.20
N VAL A 35 1.56 -3.04 1.43
CA VAL A 35 2.69 -2.47 2.15
C VAL A 35 3.55 -3.60 2.72
N THR A 36 4.85 -3.44 2.57
CA THR A 36 5.79 -4.43 3.06
C THR A 36 6.83 -3.79 3.98
N GLN A 37 7.30 -2.62 3.57
CA GLN A 37 8.28 -1.89 4.34
C GLN A 37 7.76 -0.49 4.69
N LYS A 38 7.96 -0.10 5.94
CA LYS A 38 7.52 1.20 6.39
C LYS A 38 8.73 2.03 6.82
N ASP A 39 9.13 2.93 5.94
CA ASP A 39 10.27 3.79 6.21
C ASP A 39 9.77 5.18 6.60
N GLY A 40 9.83 5.45 7.90
CA GLY A 40 9.40 6.74 8.42
C GLY A 40 7.92 6.97 8.13
N GLU A 41 7.63 8.08 7.46
CA GLU A 41 6.27 8.43 7.12
C GLU A 41 5.89 7.82 5.77
N TRP A 42 6.86 7.84 4.85
CA TRP A 42 6.63 7.30 3.53
C TRP A 42 6.98 5.81 3.57
N TRP A 43 5.93 4.99 3.49
CA TRP A 43 6.11 3.54 3.51
C TRP A 43 6.25 3.07 2.06
N THR A 44 6.76 1.85 1.92
CA THR A 44 6.95 1.27 0.61
C THR A 44 5.82 0.28 0.31
N GLY A 45 5.04 0.62 -0.71
CA GLY A 45 3.92 -0.23 -1.12
C GLY A 45 4.31 -1.10 -2.31
N SER A 46 3.46 -2.08 -2.58
CA SER A 46 3.70 -2.99 -3.69
C SER A 46 2.37 -3.37 -4.35
N ILE A 47 2.44 -3.54 -5.67
CA ILE A 47 1.25 -3.90 -6.43
C ILE A 47 1.61 -4.95 -7.47
N GLY A 48 1.12 -6.15 -7.24
CA GLY A 48 1.39 -7.26 -8.15
C GLY A 48 2.88 -7.60 -8.18
N ASP A 49 3.64 -6.72 -8.82
CA ASP A 49 5.08 -6.92 -8.93
C ASP A 49 5.77 -5.56 -9.01
N ARG A 50 5.06 -4.54 -8.53
CA ARG A 50 5.59 -3.19 -8.54
C ARG A 50 6.02 -2.78 -7.13
N SER A 51 6.89 -1.78 -7.09
CA SER A 51 7.38 -1.29 -5.81
C SER A 51 7.65 0.22 -5.90
N GLY A 52 7.52 0.88 -4.76
CA GLY A 52 7.74 2.32 -4.70
C GLY A 52 7.32 2.88 -3.34
N ILE A 53 7.50 4.19 -3.20
CA ILE A 53 7.15 4.85 -1.96
C ILE A 53 5.81 5.58 -2.13
N PHE A 54 5.18 5.86 -1.00
CA PHE A 54 3.90 6.53 -1.01
C PHE A 54 3.59 7.15 0.35
N PRO A 55 2.64 8.13 0.35
CA PRO A 55 2.25 8.81 1.57
C PRO A 55 1.37 7.90 2.43
N SER A 56 1.82 7.68 3.66
CA SER A 56 1.08 6.85 4.59
C SER A 56 -0.17 7.58 5.07
N ASN A 57 -0.29 8.82 4.66
CA ASN A 57 -1.43 9.64 5.03
C ASN A 57 -2.46 9.62 3.90
N TYR A 58 -2.17 8.81 2.88
CA TYR A 58 -3.06 8.69 1.75
C TYR A 58 -3.56 7.26 1.59
N VAL A 59 -3.20 6.43 2.56
CA VAL A 59 -3.61 5.03 2.54
C VAL A 59 -4.15 4.66 3.92
N LYS A 60 -5.20 3.83 3.90
CA LYS A 60 -5.82 3.38 5.14
C LYS A 60 -5.67 1.86 5.25
N PRO A 61 -5.79 1.37 6.52
CA PRO A 61 -5.67 -0.06 6.77
C PRO A 61 -6.93 -0.79 6.33
N LYS A 62 -6.73 -1.71 5.39
CA LYS A 62 -7.84 -2.50 4.87
C LYS A 62 -8.56 -3.18 6.03
N ASP A 63 -9.65 -2.57 6.45
CA ASP A 63 -10.43 -3.12 7.55
C ASP A 63 -11.69 -2.26 7.75
N SER A 64 -12.66 -2.84 8.46
CA SER A 64 -13.91 -2.13 8.72
C SER A 64 -14.75 -2.07 7.44
N GLY A 65 -14.22 -1.35 6.46
CA GLY A 65 -14.91 -1.20 5.20
C GLY A 65 -14.06 -1.75 4.05
N PRO A 66 -14.06 -3.10 3.93
CA PRO A 66 -13.31 -3.76 2.88
C PRO A 66 -13.99 -3.61 1.52
N SER A 67 -13.61 -2.55 0.81
CA SER A 67 -14.19 -2.28 -0.49
C SER A 67 -14.12 -3.53 -1.37
N SER A 68 -15.15 -3.70 -2.18
CA SER A 68 -15.23 -4.86 -3.06
C SER A 68 -15.30 -6.14 -2.25
N GLY A 69 -16.50 -6.44 -1.77
CA GLY A 69 -16.72 -7.62 -0.97
C GLY A 69 -16.62 -7.32 0.53
N GLY A 1 -2.53 -26.24 -0.12
CA GLY A 1 -1.15 -25.98 0.26
C GLY A 1 -1.02 -24.63 0.97
N SER A 2 -1.72 -24.51 2.09
CA SER A 2 -1.69 -23.28 2.86
C SER A 2 -0.55 -23.33 3.89
N SER A 3 0.58 -22.78 3.50
CA SER A 3 1.73 -22.76 4.38
C SER A 3 2.83 -21.87 3.78
N GLY A 4 3.27 -20.89 4.57
CA GLY A 4 4.30 -19.98 4.13
C GLY A 4 4.45 -18.81 5.11
N SER A 5 4.80 -17.66 4.56
CA SER A 5 4.97 -16.47 5.38
C SER A 5 4.46 -15.24 4.63
N SER A 6 4.04 -14.25 5.39
CA SER A 6 3.52 -13.02 4.81
C SER A 6 3.46 -11.92 5.89
N GLY A 7 4.33 -10.94 5.72
CA GLY A 7 4.38 -9.83 6.65
C GLY A 7 4.05 -8.51 5.96
N GLY A 8 2.90 -8.49 5.32
CA GLY A 8 2.46 -7.30 4.60
C GLY A 8 1.08 -6.85 5.09
N GLU A 9 0.90 -5.54 5.15
CA GLU A 9 -0.37 -4.98 5.59
C GLU A 9 -1.12 -4.36 4.41
N GLU A 10 -2.32 -4.86 4.19
CA GLU A 10 -3.14 -4.37 3.09
C GLU A 10 -3.68 -2.97 3.42
N TYR A 11 -3.57 -2.08 2.44
CA TYR A 11 -4.03 -0.72 2.62
C TYR A 11 -4.81 -0.24 1.39
N ILE A 12 -5.85 0.54 1.64
CA ILE A 12 -6.68 1.07 0.57
C ILE A 12 -6.26 2.52 0.28
N ALA A 13 -6.19 2.83 -1.00
CA ALA A 13 -5.81 4.16 -1.42
C ALA A 13 -7.02 5.10 -1.28
N LEU A 14 -6.83 6.12 -0.46
CA LEU A 14 -7.89 7.09 -0.23
C LEU A 14 -8.04 8.00 -1.46
N TYR A 15 -6.90 8.51 -1.91
CA TYR A 15 -6.88 9.39 -3.07
C TYR A 15 -5.87 8.90 -4.10
N PRO A 16 -6.12 9.29 -5.38
CA PRO A 16 -5.24 8.91 -6.47
C PRO A 16 -3.94 9.73 -6.44
N TYR A 17 -2.85 9.03 -6.24
CA TYR A 17 -1.54 9.68 -6.19
C TYR A 17 -0.70 9.31 -7.40
N SER A 18 -0.39 10.31 -8.21
CA SER A 18 0.41 10.11 -9.40
C SER A 18 1.77 10.78 -9.24
N SER A 19 2.81 10.01 -9.53
CA SER A 19 4.17 10.51 -9.42
C SER A 19 4.83 10.54 -10.81
N VAL A 20 5.55 11.62 -11.06
CA VAL A 20 6.23 11.78 -12.34
C VAL A 20 7.53 10.96 -12.33
N GLU A 21 7.80 10.37 -11.17
CA GLU A 21 8.99 9.56 -11.01
C GLU A 21 8.62 8.08 -10.90
N PRO A 22 9.47 7.23 -11.53
CA PRO A 22 9.24 5.79 -11.51
C PRO A 22 9.60 5.20 -10.15
N GLY A 23 10.04 6.08 -9.25
CA GLY A 23 10.41 5.65 -7.91
C GLY A 23 9.18 5.57 -7.00
N ASP A 24 8.35 6.59 -7.08
CA ASP A 24 7.14 6.64 -6.27
C ASP A 24 6.08 5.74 -6.91
N LEU A 25 5.46 4.91 -6.07
CA LEU A 25 4.42 4.01 -6.53
C LEU A 25 3.19 4.82 -6.94
N THR A 26 2.85 4.71 -8.22
CA THR A 26 1.71 5.42 -8.76
C THR A 26 0.45 4.54 -8.69
N PHE A 27 -0.57 5.07 -8.03
CA PHE A 27 -1.82 4.36 -7.89
C PHE A 27 -3.00 5.32 -7.81
N THR A 28 -4.19 4.77 -8.01
CA THR A 28 -5.40 5.56 -7.97
C THR A 28 -6.18 5.29 -6.68
N GLU A 29 -7.28 6.01 -6.52
CA GLU A 29 -8.12 5.86 -5.34
C GLU A 29 -8.91 4.55 -5.43
N GLY A 30 -8.80 3.75 -4.39
CA GLY A 30 -9.51 2.48 -4.33
C GLY A 30 -8.55 1.31 -4.55
N GLU A 31 -7.40 1.63 -5.13
CA GLU A 31 -6.39 0.61 -5.39
C GLU A 31 -5.92 -0.02 -4.08
N GLU A 32 -5.52 -1.28 -4.18
CA GLU A 32 -5.06 -2.02 -3.01
C GLU A 32 -3.53 -2.08 -3.01
N ILE A 33 -2.94 -1.25 -2.15
CA ILE A 33 -1.49 -1.21 -2.03
C ILE A 33 -1.04 -2.12 -0.90
N LEU A 34 -0.13 -3.01 -1.22
CA LEU A 34 0.39 -3.95 -0.25
C LEU A 34 1.71 -3.41 0.32
N VAL A 35 1.61 -2.85 1.53
CA VAL A 35 2.77 -2.30 2.19
C VAL A 35 3.56 -3.43 2.87
N THR A 36 4.87 -3.36 2.72
CA THR A 36 5.75 -4.36 3.30
C THR A 36 6.84 -3.70 4.14
N GLN A 37 7.40 -2.64 3.58
CA GLN A 37 8.46 -1.91 4.26
C GLN A 37 7.97 -0.51 4.64
N LYS A 38 7.98 -0.25 5.94
CA LYS A 38 7.54 1.04 6.45
C LYS A 38 8.73 1.75 7.11
N ASP A 39 9.27 2.72 6.38
CA ASP A 39 10.40 3.48 6.87
C ASP A 39 10.00 4.94 7.02
N GLY A 40 9.86 5.36 8.27
CA GLY A 40 9.47 6.74 8.55
C GLY A 40 7.99 6.97 8.27
N GLU A 41 7.69 8.16 7.78
CA GLU A 41 6.33 8.51 7.46
C GLU A 41 5.88 7.82 6.17
N TRP A 42 6.77 7.85 5.18
CA TRP A 42 6.48 7.24 3.90
C TRP A 42 6.90 5.77 3.98
N TRP A 43 6.00 4.91 3.53
CA TRP A 43 6.26 3.48 3.54
C TRP A 43 6.34 3.00 2.09
N THR A 44 6.91 1.81 1.92
CA THR A 44 7.05 1.23 0.60
C THR A 44 5.89 0.29 0.30
N GLY A 45 5.10 0.67 -0.70
CA GLY A 45 3.95 -0.13 -1.10
C GLY A 45 4.28 -0.99 -2.32
N SER A 46 3.39 -1.94 -2.59
CA SER A 46 3.57 -2.82 -3.74
C SER A 46 2.22 -3.10 -4.40
N ILE A 47 2.27 -3.28 -5.71
CA ILE A 47 1.06 -3.55 -6.47
C ILE A 47 1.36 -4.62 -7.52
N GLY A 48 0.78 -5.79 -7.31
CA GLY A 48 0.97 -6.90 -8.22
C GLY A 48 2.43 -7.35 -8.24
N ASP A 49 3.26 -6.52 -8.86
CA ASP A 49 4.68 -6.82 -8.96
C ASP A 49 5.46 -5.51 -9.08
N ARG A 50 4.85 -4.44 -8.59
CA ARG A 50 5.47 -3.13 -8.63
C ARG A 50 5.98 -2.75 -7.24
N SER A 51 6.88 -1.77 -7.23
CA SER A 51 7.45 -1.29 -5.98
C SER A 51 7.76 0.20 -6.08
N GLY A 52 7.53 0.89 -4.97
CA GLY A 52 7.76 2.33 -4.92
C GLY A 52 7.39 2.89 -3.55
N ILE A 53 7.58 4.20 -3.42
CA ILE A 53 7.26 4.88 -2.17
C ILE A 53 5.93 5.62 -2.33
N PHE A 54 5.31 5.90 -1.20
CA PHE A 54 4.03 6.59 -1.19
C PHE A 54 3.75 7.20 0.19
N PRO A 55 2.80 8.18 0.19
CA PRO A 55 2.42 8.85 1.43
C PRO A 55 1.55 7.94 2.29
N SER A 56 2.05 7.62 3.47
CA SER A 56 1.33 6.77 4.39
C SER A 56 0.06 7.46 4.87
N ASN A 57 -0.02 8.76 4.55
CA ASN A 57 -1.17 9.55 4.94
C ASN A 57 -2.23 9.49 3.82
N TYR A 58 -1.91 8.72 2.80
CA TYR A 58 -2.82 8.58 1.67
C TYR A 58 -3.24 7.11 1.50
N VAL A 59 -3.18 6.39 2.59
CA VAL A 59 -3.57 4.98 2.58
C VAL A 59 -4.19 4.61 3.92
N LYS A 60 -5.24 3.79 3.85
CA LYS A 60 -5.93 3.36 5.04
C LYS A 60 -5.82 1.84 5.18
N PRO A 61 -5.99 1.35 6.44
CA PRO A 61 -5.90 -0.07 6.71
C PRO A 61 -7.16 -0.79 6.21
N LYS A 62 -6.93 -1.73 5.29
CA LYS A 62 -8.02 -2.50 4.73
C LYS A 62 -8.83 -3.14 5.87
N ASP A 63 -9.93 -2.47 6.22
CA ASP A 63 -10.79 -2.96 7.27
C ASP A 63 -9.98 -3.08 8.57
N SER A 64 -10.17 -2.10 9.44
CA SER A 64 -9.47 -2.09 10.71
C SER A 64 -10.09 -3.12 11.66
N GLY A 65 -9.26 -4.06 12.06
CA GLY A 65 -9.70 -5.11 12.98
C GLY A 65 -8.78 -6.34 12.89
N PRO A 66 -8.80 -7.14 13.99
CA PRO A 66 -7.98 -8.34 14.05
C PRO A 66 -8.56 -9.45 13.18
N SER A 67 -9.86 -9.65 13.34
CA SER A 67 -10.55 -10.69 12.57
C SER A 67 -10.48 -10.37 11.08
N SER A 68 -9.51 -10.98 10.41
CA SER A 68 -9.33 -10.77 8.99
C SER A 68 -9.26 -9.27 8.69
N GLY A 69 -8.06 -8.71 8.87
CA GLY A 69 -7.85 -7.30 8.63
C GLY A 69 -6.40 -7.03 8.23
N GLY A 1 5.55 -17.84 -2.77
CA GLY A 1 5.52 -18.27 -1.38
C GLY A 1 6.90 -18.71 -0.91
N SER A 2 7.12 -18.57 0.39
CA SER A 2 8.39 -18.95 0.98
C SER A 2 8.21 -19.31 2.46
N SER A 3 9.20 -19.99 3.00
CA SER A 3 9.15 -20.40 4.39
C SER A 3 9.75 -19.30 5.28
N GLY A 4 8.94 -18.86 6.23
CA GLY A 4 9.38 -17.82 7.15
C GLY A 4 8.19 -17.01 7.66
N SER A 5 8.33 -15.69 7.59
CA SER A 5 7.28 -14.79 8.03
C SER A 5 7.30 -13.52 7.19
N SER A 6 6.28 -13.39 6.35
CA SER A 6 6.17 -12.22 5.49
C SER A 6 4.69 -11.87 5.28
N GLY A 7 4.14 -11.18 6.27
CA GLY A 7 2.74 -10.77 6.21
C GLY A 7 2.61 -9.25 6.03
N GLY A 8 2.52 -8.84 4.77
CA GLY A 8 2.40 -7.43 4.46
C GLY A 8 1.09 -6.86 5.00
N GLU A 9 0.98 -5.54 4.94
CA GLU A 9 -0.20 -4.86 5.43
C GLU A 9 -0.97 -4.24 4.26
N GLU A 10 -2.24 -4.62 4.16
CA GLU A 10 -3.09 -4.11 3.10
C GLU A 10 -3.62 -2.72 3.46
N TYR A 11 -3.67 -1.87 2.45
CA TYR A 11 -4.15 -0.50 2.65
C TYR A 11 -4.99 -0.04 1.46
N ILE A 12 -5.98 0.79 1.76
CA ILE A 12 -6.86 1.31 0.73
C ILE A 12 -6.44 2.74 0.39
N ALA A 13 -6.12 2.93 -0.89
CA ALA A 13 -5.71 4.24 -1.36
C ALA A 13 -6.89 5.21 -1.29
N LEU A 14 -6.84 6.09 -0.30
CA LEU A 14 -7.91 7.06 -0.11
C LEU A 14 -7.99 7.95 -1.36
N TYR A 15 -6.85 8.53 -1.72
CA TYR A 15 -6.80 9.40 -2.88
C TYR A 15 -5.81 8.87 -3.91
N PRO A 16 -6.06 9.24 -5.20
CA PRO A 16 -5.20 8.81 -6.28
C PRO A 16 -3.88 9.59 -6.28
N TYR A 17 -2.78 8.83 -6.21
CA TYR A 17 -1.47 9.44 -6.21
C TYR A 17 -0.69 9.07 -7.47
N SER A 18 -0.32 10.09 -8.23
CA SER A 18 0.43 9.89 -9.45
C SER A 18 1.75 10.67 -9.39
N SER A 19 2.83 9.94 -9.63
CA SER A 19 4.15 10.54 -9.61
C SER A 19 4.80 10.43 -10.99
N VAL A 20 5.58 11.45 -11.33
CA VAL A 20 6.26 11.47 -12.61
C VAL A 20 7.57 10.67 -12.51
N GLU A 21 7.96 10.40 -11.28
CA GLU A 21 9.19 9.65 -11.03
C GLU A 21 8.86 8.17 -10.85
N PRO A 22 9.74 7.31 -11.43
CA PRO A 22 9.56 5.87 -11.33
C PRO A 22 9.93 5.36 -9.94
N GLY A 23 10.34 6.30 -9.10
CA GLY A 23 10.74 5.96 -7.74
C GLY A 23 9.51 5.82 -6.83
N ASP A 24 8.61 6.78 -6.96
CA ASP A 24 7.40 6.79 -6.16
C ASP A 24 6.37 5.87 -6.82
N LEU A 25 5.76 5.02 -6.00
CA LEU A 25 4.75 4.09 -6.48
C LEU A 25 3.51 4.89 -6.91
N THR A 26 3.01 4.54 -8.09
CA THR A 26 1.83 5.19 -8.61
C THR A 26 0.58 4.34 -8.38
N PHE A 27 -0.53 5.01 -8.10
CA PHE A 27 -1.78 4.33 -7.85
C PHE A 27 -2.95 5.32 -7.81
N THR A 28 -4.15 4.76 -7.81
CA THR A 28 -5.35 5.58 -7.77
C THR A 28 -6.14 5.32 -6.48
N GLU A 29 -7.24 6.03 -6.34
CA GLU A 29 -8.09 5.88 -5.17
C GLU A 29 -8.89 4.58 -5.26
N GLY A 30 -8.92 3.87 -4.14
CA GLY A 30 -9.63 2.60 -4.07
C GLY A 30 -8.69 1.42 -4.33
N GLU A 31 -7.58 1.73 -4.98
CA GLU A 31 -6.58 0.70 -5.28
C GLU A 31 -6.02 0.10 -4.00
N GLU A 32 -5.80 -1.20 -4.05
CA GLU A 32 -5.26 -1.91 -2.89
C GLU A 32 -3.74 -2.07 -3.02
N ILE A 33 -3.03 -1.34 -2.17
CA ILE A 33 -1.58 -1.39 -2.19
C ILE A 33 -1.09 -2.29 -1.05
N LEU A 34 -0.15 -3.16 -1.39
CA LEU A 34 0.40 -4.07 -0.41
C LEU A 34 1.69 -3.49 0.16
N VAL A 35 1.58 -2.97 1.37
CA VAL A 35 2.73 -2.38 2.04
C VAL A 35 3.54 -3.48 2.73
N THR A 36 4.84 -3.44 2.52
CA THR A 36 5.73 -4.41 3.11
C THR A 36 6.79 -3.73 3.99
N GLN A 37 7.27 -2.60 3.48
CA GLN A 37 8.28 -1.83 4.20
C GLN A 37 7.74 -0.44 4.55
N LYS A 38 7.90 -0.08 5.81
CA LYS A 38 7.43 1.22 6.28
C LYS A 38 8.63 2.03 6.77
N ASP A 39 9.05 2.96 5.93
CA ASP A 39 10.19 3.81 6.25
C ASP A 39 9.68 5.19 6.68
N GLY A 40 9.73 5.43 7.99
CA GLY A 40 9.28 6.71 8.53
C GLY A 40 7.80 6.93 8.22
N GLU A 41 7.54 8.00 7.48
CA GLU A 41 6.18 8.35 7.11
C GLU A 41 5.83 7.73 5.75
N TRP A 42 6.81 7.75 4.85
CA TRP A 42 6.61 7.21 3.53
C TRP A 42 6.96 5.71 3.58
N TRP A 43 5.94 4.89 3.37
CA TRP A 43 6.12 3.44 3.39
C TRP A 43 6.20 2.96 1.93
N THR A 44 6.82 1.81 1.76
CA THR A 44 6.96 1.22 0.45
C THR A 44 5.80 0.26 0.16
N GLY A 45 5.01 0.63 -0.84
CA GLY A 45 3.87 -0.18 -1.23
C GLY A 45 4.20 -1.07 -2.43
N SER A 46 3.41 -2.11 -2.60
CA SER A 46 3.61 -3.04 -3.71
C SER A 46 2.27 -3.39 -4.34
N ILE A 47 2.28 -3.50 -5.66
CA ILE A 47 1.08 -3.84 -6.40
C ILE A 47 1.42 -4.85 -7.50
N GLY A 48 0.95 -6.07 -7.32
CA GLY A 48 1.20 -7.12 -8.28
C GLY A 48 2.69 -7.48 -8.33
N ASP A 49 3.46 -6.56 -8.88
CA ASP A 49 4.90 -6.75 -9.00
C ASP A 49 5.58 -5.39 -9.09
N ARG A 50 4.92 -4.39 -8.54
CA ARG A 50 5.47 -3.04 -8.55
C ARG A 50 5.92 -2.64 -7.15
N SER A 51 6.83 -1.67 -7.11
CA SER A 51 7.35 -1.19 -5.84
C SER A 51 7.68 0.30 -5.95
N GLY A 52 7.75 0.95 -4.79
CA GLY A 52 8.05 2.36 -4.73
C GLY A 52 7.62 2.96 -3.40
N ILE A 53 7.78 4.28 -3.30
CA ILE A 53 7.41 4.98 -2.08
C ILE A 53 6.07 5.69 -2.29
N PHE A 54 5.38 5.90 -1.18
CA PHE A 54 4.08 6.55 -1.22
C PHE A 54 3.69 7.09 0.15
N PRO A 55 2.70 8.01 0.15
CA PRO A 55 2.22 8.62 1.39
C PRO A 55 1.35 7.64 2.17
N SER A 56 1.71 7.45 3.43
CA SER A 56 0.98 6.55 4.30
C SER A 56 -0.37 7.17 4.69
N ASN A 57 -0.33 8.45 5.01
CA ASN A 57 -1.53 9.17 5.40
C ASN A 57 -2.51 9.17 4.22
N TYR A 58 -1.99 8.82 3.05
CA TYR A 58 -2.81 8.78 1.86
C TYR A 58 -3.40 7.38 1.64
N VAL A 59 -3.19 6.53 2.64
CA VAL A 59 -3.71 5.17 2.57
C VAL A 59 -4.28 4.78 3.94
N LYS A 60 -5.36 4.01 3.89
CA LYS A 60 -6.01 3.57 5.11
C LYS A 60 -5.81 2.06 5.27
N PRO A 61 -5.86 1.60 6.54
CA PRO A 61 -5.69 0.18 6.84
C PRO A 61 -6.95 -0.61 6.47
N LYS A 62 -6.78 -1.49 5.49
CA LYS A 62 -7.88 -2.32 5.02
C LYS A 62 -8.53 -3.01 6.22
N ASP A 63 -9.61 -2.42 6.69
CA ASP A 63 -10.34 -2.97 7.82
C ASP A 63 -11.24 -4.11 7.35
N SER A 64 -11.52 -5.02 8.26
CA SER A 64 -12.37 -6.16 7.94
C SER A 64 -11.77 -6.96 6.80
N GLY A 65 -12.28 -8.18 6.63
CA GLY A 65 -11.79 -9.05 5.57
C GLY A 65 -12.90 -9.98 5.09
N PRO A 66 -13.55 -9.57 3.97
CA PRO A 66 -14.62 -10.36 3.39
C PRO A 66 -14.08 -11.58 2.66
N SER A 67 -14.49 -12.75 3.14
CA SER A 67 -14.05 -14.00 2.56
C SER A 67 -14.98 -14.40 1.40
N SER A 68 -16.27 -14.12 1.61
CA SER A 68 -17.27 -14.44 0.60
C SER A 68 -17.27 -15.95 0.33
N GLY A 69 -17.71 -16.69 1.33
CA GLY A 69 -17.78 -18.14 1.22
C GLY A 69 -18.62 -18.75 2.34
N GLY A 1 5.58 -19.79 -9.80
CA GLY A 1 5.17 -19.74 -8.41
C GLY A 1 5.38 -18.32 -7.83
N SER A 2 5.48 -18.27 -6.52
CA SER A 2 5.68 -17.00 -5.83
C SER A 2 6.94 -17.06 -4.97
N SER A 3 6.95 -18.01 -4.05
CA SER A 3 8.08 -18.18 -3.16
C SER A 3 8.38 -16.87 -2.44
N GLY A 4 7.62 -16.63 -1.37
CA GLY A 4 7.79 -15.42 -0.58
C GLY A 4 7.56 -15.70 0.90
N SER A 5 7.56 -14.62 1.67
CA SER A 5 7.35 -14.73 3.11
C SER A 5 6.20 -13.81 3.54
N SER A 6 5.76 -14.01 4.78
CA SER A 6 4.67 -13.20 5.32
C SER A 6 5.23 -12.05 6.15
N GLY A 7 4.81 -10.85 5.79
CA GLY A 7 5.26 -9.65 6.50
C GLY A 7 4.91 -8.39 5.71
N GLY A 8 3.64 -8.02 5.79
CA GLY A 8 3.16 -6.84 5.09
C GLY A 8 1.74 -6.48 5.53
N GLU A 9 1.40 -5.21 5.36
CA GLU A 9 0.08 -4.73 5.73
C GLU A 9 -0.63 -4.15 4.51
N GLU A 10 -1.79 -4.73 4.22
CA GLU A 10 -2.58 -4.29 3.09
C GLU A 10 -3.23 -2.94 3.39
N TYR A 11 -3.25 -2.08 2.37
CA TYR A 11 -3.84 -0.76 2.52
C TYR A 11 -4.62 -0.37 1.27
N ILE A 12 -5.71 0.37 1.49
CA ILE A 12 -6.54 0.81 0.39
C ILE A 12 -6.21 2.27 0.07
N ALA A 13 -6.02 2.52 -1.23
CA ALA A 13 -5.70 3.86 -1.69
C ALA A 13 -6.90 4.79 -1.43
N LEU A 14 -6.65 5.80 -0.59
CA LEU A 14 -7.70 6.75 -0.26
C LEU A 14 -7.83 7.78 -1.39
N TYR A 15 -6.68 8.25 -1.86
CA TYR A 15 -6.65 9.22 -2.93
C TYR A 15 -5.62 8.84 -3.99
N PRO A 16 -5.90 9.30 -5.24
CA PRO A 16 -5.01 9.01 -6.36
C PRO A 16 -3.74 9.86 -6.28
N TYR A 17 -2.62 9.19 -6.10
CA TYR A 17 -1.34 9.86 -6.01
C TYR A 17 -0.51 9.65 -7.28
N SER A 18 -0.23 10.76 -7.96
CA SER A 18 0.54 10.70 -9.18
C SER A 18 1.94 11.27 -8.94
N SER A 19 2.93 10.40 -9.08
CA SER A 19 4.31 10.80 -8.87
C SER A 19 5.00 11.01 -10.22
N VAL A 20 5.69 12.15 -10.33
CA VAL A 20 6.38 12.48 -11.55
C VAL A 20 7.55 11.52 -11.75
N GLU A 21 8.01 10.96 -10.64
CA GLU A 21 9.12 10.02 -10.68
C GLU A 21 8.60 8.58 -10.68
N PRO A 22 9.26 7.73 -11.51
CA PRO A 22 8.88 6.34 -11.61
C PRO A 22 9.34 5.55 -10.38
N GLY A 23 9.99 6.26 -9.47
CA GLY A 23 10.49 5.64 -8.25
C GLY A 23 9.37 5.49 -7.22
N ASP A 24 8.56 6.53 -7.10
CA ASP A 24 7.45 6.52 -6.17
C ASP A 24 6.32 5.69 -6.74
N LEU A 25 5.78 4.81 -5.90
CA LEU A 25 4.68 3.95 -6.31
C LEU A 25 3.47 4.80 -6.66
N THR A 26 3.05 4.69 -7.91
CA THR A 26 1.90 5.45 -8.38
C THR A 26 0.64 4.58 -8.39
N PHE A 27 -0.42 5.12 -7.83
CA PHE A 27 -1.69 4.41 -7.76
C PHE A 27 -2.86 5.38 -7.70
N THR A 28 -4.06 4.82 -7.90
CA THR A 28 -5.26 5.63 -7.87
C THR A 28 -6.14 5.24 -6.68
N GLU A 29 -7.12 6.09 -6.40
CA GLU A 29 -8.03 5.84 -5.30
C GLU A 29 -8.83 4.56 -5.54
N GLY A 30 -8.82 3.70 -4.54
CA GLY A 30 -9.54 2.44 -4.63
C GLY A 30 -8.58 1.26 -4.78
N GLU A 31 -7.49 1.51 -5.51
CA GLU A 31 -6.50 0.48 -5.73
C GLU A 31 -6.11 -0.18 -4.41
N GLU A 32 -5.52 -1.37 -4.52
CA GLU A 32 -5.10 -2.11 -3.35
C GLU A 32 -3.57 -2.15 -3.27
N ILE A 33 -3.04 -1.40 -2.34
CA ILE A 33 -1.60 -1.34 -2.15
C ILE A 33 -1.21 -2.24 -0.97
N LEU A 34 -0.13 -3.00 -1.17
CA LEU A 34 0.35 -3.90 -0.14
C LEU A 34 1.66 -3.34 0.44
N VAL A 35 1.54 -2.80 1.64
CA VAL A 35 2.70 -2.23 2.31
C VAL A 35 3.48 -3.35 3.00
N THR A 36 4.80 -3.23 2.94
CA THR A 36 5.66 -4.23 3.57
C THR A 36 6.75 -3.54 4.39
N GLN A 37 7.34 -2.51 3.82
CA GLN A 37 8.39 -1.76 4.49
C GLN A 37 7.91 -0.35 4.82
N LYS A 38 7.93 -0.03 6.10
CA LYS A 38 7.50 1.28 6.55
C LYS A 38 8.73 2.09 6.99
N ASP A 39 9.14 3.00 6.14
CA ASP A 39 10.29 3.84 6.43
C ASP A 39 9.81 5.25 6.78
N GLY A 40 9.87 5.56 8.07
CA GLY A 40 9.44 6.86 8.55
C GLY A 40 7.97 7.12 8.21
N GLU A 41 7.75 8.19 7.46
CA GLU A 41 6.40 8.56 7.06
C GLU A 41 6.08 7.99 5.67
N TRP A 42 7.15 7.70 4.93
CA TRP A 42 7.00 7.15 3.59
C TRP A 42 7.24 5.64 3.67
N TRP A 43 6.17 4.89 3.47
CA TRP A 43 6.25 3.44 3.51
C TRP A 43 6.30 2.93 2.07
N THR A 44 6.75 1.69 1.93
CA THR A 44 6.84 1.07 0.62
C THR A 44 5.62 0.19 0.35
N GLY A 45 4.86 0.59 -0.65
CA GLY A 45 3.66 -0.15 -1.03
C GLY A 45 3.91 -0.98 -2.29
N SER A 46 2.94 -1.84 -2.59
CA SER A 46 3.03 -2.70 -3.76
C SER A 46 1.64 -2.94 -4.34
N ILE A 47 1.61 -3.20 -5.63
CA ILE A 47 0.35 -3.46 -6.31
C ILE A 47 0.53 -4.61 -7.30
N GLY A 48 -0.09 -5.74 -6.97
CA GLY A 48 0.00 -6.91 -7.82
C GLY A 48 1.41 -7.49 -7.81
N ASP A 49 2.35 -6.69 -8.32
CA ASP A 49 3.73 -7.11 -8.37
C ASP A 49 4.62 -5.89 -8.62
N ARG A 50 4.14 -4.75 -8.13
CA ARG A 50 4.88 -3.50 -8.29
C ARG A 50 5.59 -3.14 -6.98
N SER A 51 6.52 -2.19 -7.09
CA SER A 51 7.28 -1.74 -5.95
C SER A 51 7.61 -0.26 -6.08
N GLY A 52 7.45 0.45 -4.97
CA GLY A 52 7.73 1.88 -4.95
C GLY A 52 7.37 2.50 -3.60
N ILE A 53 7.69 3.77 -3.47
CA ILE A 53 7.40 4.49 -2.24
C ILE A 53 6.15 5.35 -2.43
N PHE A 54 5.49 5.64 -1.33
CA PHE A 54 4.28 6.45 -1.36
C PHE A 54 4.05 7.13 -0.02
N PRO A 55 3.18 8.18 -0.05
CA PRO A 55 2.85 8.92 1.16
C PRO A 55 1.91 8.12 2.06
N SER A 56 2.41 7.78 3.24
CA SER A 56 1.63 7.02 4.19
C SER A 56 0.52 7.89 4.78
N ASN A 57 -0.33 8.40 3.89
CA ASN A 57 -1.43 9.24 4.31
C ASN A 57 -2.66 8.95 3.45
N TYR A 58 -2.42 8.85 2.16
CA TYR A 58 -3.49 8.57 1.21
C TYR A 58 -3.73 7.06 1.09
N VAL A 59 -3.67 6.39 2.23
CA VAL A 59 -3.88 4.96 2.27
C VAL A 59 -4.56 4.57 3.59
N LYS A 60 -5.48 3.63 3.49
CA LYS A 60 -6.21 3.17 4.66
C LYS A 60 -5.94 1.68 4.86
N PRO A 61 -6.11 1.24 6.14
CA PRO A 61 -5.89 -0.16 6.48
C PRO A 61 -7.05 -1.03 5.99
N LYS A 62 -6.71 -1.98 5.13
CA LYS A 62 -7.71 -2.88 4.58
C LYS A 62 -8.46 -3.57 5.72
N ASP A 63 -9.62 -3.03 6.03
CA ASP A 63 -10.44 -3.57 7.10
C ASP A 63 -9.76 -3.31 8.44
N SER A 64 -10.34 -2.39 9.20
CA SER A 64 -9.81 -2.04 10.50
C SER A 64 -10.73 -1.02 11.19
N GLY A 65 -11.28 -1.46 12.32
CA GLY A 65 -12.17 -0.60 13.09
C GLY A 65 -13.00 -1.42 14.07
N PRO A 66 -12.82 -1.08 15.38
CA PRO A 66 -13.54 -1.78 16.44
C PRO A 66 -15.01 -1.35 16.48
N SER A 67 -15.85 -2.27 16.91
CA SER A 67 -17.28 -2.00 17.00
C SER A 67 -17.71 -1.98 18.47
N SER A 68 -17.47 -3.10 19.14
CA SER A 68 -17.82 -3.22 20.55
C SER A 68 -16.57 -3.50 21.38
N GLY A 69 -16.61 -3.01 22.61
CA GLY A 69 -15.49 -3.21 23.52
C GLY A 69 -14.36 -2.22 23.22
N GLY A 1 2.53 -28.71 13.61
CA GLY A 1 3.22 -27.62 12.96
C GLY A 1 3.19 -26.36 13.83
N SER A 2 3.20 -25.22 13.17
CA SER A 2 3.18 -23.94 13.87
C SER A 2 2.33 -22.93 13.10
N SER A 3 2.00 -21.84 13.78
CA SER A 3 1.20 -20.80 13.16
C SER A 3 2.02 -19.52 13.01
N GLY A 4 1.61 -18.69 12.07
CA GLY A 4 2.30 -17.43 11.82
C GLY A 4 1.73 -16.73 10.59
N SER A 5 1.58 -15.42 10.71
CA SER A 5 1.05 -14.62 9.61
C SER A 5 1.25 -13.13 9.91
N SER A 6 2.38 -12.62 9.46
CA SER A 6 2.70 -11.22 9.67
C SER A 6 3.84 -10.79 8.73
N GLY A 7 3.58 -9.76 7.95
CA GLY A 7 4.56 -9.25 7.01
C GLY A 7 4.01 -8.06 6.22
N GLY A 8 3.29 -8.39 5.16
CA GLY A 8 2.71 -7.36 4.31
C GLY A 8 1.41 -6.83 4.92
N GLU A 9 1.20 -5.53 4.74
CA GLU A 9 0.01 -4.89 5.26
C GLU A 9 -0.83 -4.31 4.13
N GLU A 10 -2.08 -4.74 4.08
CA GLU A 10 -3.00 -4.28 3.05
C GLU A 10 -3.55 -2.89 3.41
N TYR A 11 -3.57 -2.02 2.41
CA TYR A 11 -4.07 -0.67 2.61
C TYR A 11 -4.88 -0.21 1.39
N ILE A 12 -5.89 0.60 1.68
CA ILE A 12 -6.75 1.12 0.63
C ILE A 12 -6.34 2.57 0.32
N ALA A 13 -6.10 2.81 -0.97
CA ALA A 13 -5.70 4.14 -1.41
C ALA A 13 -6.87 5.11 -1.21
N LEU A 14 -6.66 6.07 -0.33
CA LEU A 14 -7.69 7.06 -0.03
C LEU A 14 -7.89 7.95 -1.26
N TYR A 15 -6.80 8.58 -1.68
CA TYR A 15 -6.85 9.47 -2.83
C TYR A 15 -5.90 8.98 -3.93
N PRO A 16 -6.21 9.41 -5.18
CA PRO A 16 -5.40 9.02 -6.32
C PRO A 16 -4.08 9.80 -6.35
N TYR A 17 -2.99 9.07 -6.17
CA TYR A 17 -1.66 9.68 -6.16
C TYR A 17 -0.87 9.27 -7.41
N SER A 18 -0.46 10.27 -8.16
CA SER A 18 0.31 10.04 -9.37
C SER A 18 1.67 10.73 -9.28
N SER A 19 2.71 9.97 -9.53
CA SER A 19 4.06 10.50 -9.49
C SER A 19 4.69 10.45 -10.87
N VAL A 20 5.60 11.39 -11.11
CA VAL A 20 6.28 11.47 -12.39
C VAL A 20 7.61 10.72 -12.30
N GLU A 21 7.82 10.08 -11.15
CA GLU A 21 9.04 9.34 -10.92
C GLU A 21 8.74 7.84 -10.75
N PRO A 22 9.63 7.00 -11.33
CA PRO A 22 9.46 5.56 -11.24
C PRO A 22 9.80 5.04 -9.84
N GLY A 23 10.19 5.98 -8.99
CA GLY A 23 10.55 5.63 -7.62
C GLY A 23 9.32 5.53 -6.73
N ASP A 24 8.43 6.50 -6.90
CA ASP A 24 7.21 6.53 -6.11
C ASP A 24 6.16 5.62 -6.77
N LEU A 25 5.48 4.85 -5.94
CA LEU A 25 4.46 3.94 -6.43
C LEU A 25 3.23 4.74 -6.85
N THR A 26 2.89 4.60 -8.12
CA THR A 26 1.74 5.31 -8.67
C THR A 26 0.48 4.45 -8.54
N PHE A 27 -0.54 5.05 -7.95
CA PHE A 27 -1.80 4.36 -7.75
C PHE A 27 -2.97 5.35 -7.67
N THR A 28 -4.17 4.83 -7.90
CA THR A 28 -5.36 5.65 -7.86
C THR A 28 -6.16 5.36 -6.58
N GLU A 29 -7.23 6.12 -6.40
CA GLU A 29 -8.09 5.95 -5.24
C GLU A 29 -8.91 4.67 -5.38
N GLY A 30 -8.80 3.82 -4.37
CA GLY A 30 -9.52 2.56 -4.36
C GLY A 30 -8.57 1.38 -4.55
N GLU A 31 -7.47 1.66 -5.25
CA GLU A 31 -6.48 0.63 -5.51
C GLU A 31 -6.00 0.01 -4.20
N GLU A 32 -5.67 -1.28 -4.28
CA GLU A 32 -5.19 -2.00 -3.11
C GLU A 32 -3.67 -2.11 -3.15
N ILE A 33 -3.03 -1.30 -2.32
CA ILE A 33 -1.58 -1.29 -2.24
C ILE A 33 -1.14 -2.23 -1.11
N LEU A 34 -0.14 -3.05 -1.42
CA LEU A 34 0.39 -3.99 -0.45
C LEU A 34 1.66 -3.41 0.17
N VAL A 35 1.54 -3.00 1.43
CA VAL A 35 2.67 -2.44 2.14
C VAL A 35 3.50 -3.57 2.74
N THR A 36 4.81 -3.42 2.64
CA THR A 36 5.73 -4.40 3.17
C THR A 36 6.80 -3.75 4.05
N GLN A 37 7.31 -2.63 3.56
CA GLN A 37 8.33 -1.88 4.28
C GLN A 37 7.82 -0.50 4.66
N LYS A 38 7.95 -0.18 5.93
CA LYS A 38 7.50 1.11 6.43
C LYS A 38 8.71 1.91 6.93
N ASP A 39 9.12 2.86 6.10
CA ASP A 39 10.27 3.69 6.44
C ASP A 39 9.78 5.13 6.70
N GLY A 40 9.70 5.47 7.98
CA GLY A 40 9.26 6.80 8.37
C GLY A 40 7.78 6.98 8.06
N GLU A 41 7.46 8.18 7.56
CA GLU A 41 6.08 8.50 7.22
C GLU A 41 5.72 7.90 5.86
N TRP A 42 6.73 7.80 5.00
CA TRP A 42 6.52 7.25 3.68
C TRP A 42 6.92 5.77 3.70
N TRP A 43 5.93 4.92 3.55
CA TRP A 43 6.16 3.49 3.56
C TRP A 43 6.26 3.02 2.11
N THR A 44 6.82 1.82 1.94
CA THR A 44 6.98 1.26 0.61
C THR A 44 5.83 0.30 0.30
N GLY A 45 5.04 0.68 -0.71
CA GLY A 45 3.91 -0.13 -1.12
C GLY A 45 4.23 -0.93 -2.38
N SER A 46 3.35 -1.86 -2.69
CA SER A 46 3.53 -2.69 -3.88
C SER A 46 2.16 -3.00 -4.51
N ILE A 47 2.19 -3.19 -5.82
CA ILE A 47 0.97 -3.49 -6.55
C ILE A 47 1.26 -4.57 -7.59
N GLY A 48 0.70 -5.76 -7.34
CA GLY A 48 0.89 -6.87 -8.24
C GLY A 48 2.35 -7.33 -8.25
N ASP A 49 3.21 -6.47 -8.78
CA ASP A 49 4.63 -6.78 -8.85
C ASP A 49 5.42 -5.48 -8.97
N ARG A 50 4.83 -4.41 -8.45
CA ARG A 50 5.47 -3.10 -8.50
C ARG A 50 5.88 -2.67 -7.09
N SER A 51 6.86 -1.77 -7.05
CA SER A 51 7.35 -1.27 -5.78
C SER A 51 7.62 0.23 -5.88
N GLY A 52 7.75 0.86 -4.73
CA GLY A 52 8.00 2.29 -4.67
C GLY A 52 7.58 2.88 -3.33
N ILE A 53 7.73 4.18 -3.21
CA ILE A 53 7.37 4.89 -1.99
C ILE A 53 6.03 5.60 -2.20
N PHE A 54 5.36 5.88 -1.09
CA PHE A 54 4.08 6.56 -1.14
C PHE A 54 3.74 7.18 0.22
N PRO A 55 2.77 8.14 0.19
CA PRO A 55 2.34 8.82 1.40
C PRO A 55 1.45 7.90 2.25
N SER A 56 1.94 7.59 3.44
CA SER A 56 1.20 6.73 4.35
C SER A 56 -0.06 7.44 4.83
N ASN A 57 -0.14 8.73 4.50
CA ASN A 57 -1.29 9.53 4.89
C ASN A 57 -2.34 9.49 3.78
N TYR A 58 -1.99 8.80 2.70
CA TYR A 58 -2.89 8.68 1.57
C TYR A 58 -3.43 7.25 1.43
N VAL A 59 -3.16 6.46 2.47
CA VAL A 59 -3.62 5.08 2.49
C VAL A 59 -4.18 4.74 3.87
N LYS A 60 -5.15 3.84 3.87
CA LYS A 60 -5.79 3.43 5.10
C LYS A 60 -5.61 1.92 5.28
N PRO A 61 -5.74 1.47 6.56
CA PRO A 61 -5.60 0.06 6.87
C PRO A 61 -6.84 -0.72 6.45
N LYS A 62 -6.64 -1.61 5.48
CA LYS A 62 -7.73 -2.41 4.97
C LYS A 62 -8.46 -3.07 6.14
N ASP A 63 -9.54 -2.43 6.55
CA ASP A 63 -10.34 -2.94 7.65
C ASP A 63 -11.34 -3.98 7.13
N SER A 64 -11.17 -5.20 7.61
CA SER A 64 -12.04 -6.30 7.20
C SER A 64 -12.23 -7.28 8.36
N GLY A 65 -13.39 -7.17 8.99
CA GLY A 65 -13.70 -8.03 10.11
C GLY A 65 -14.30 -9.35 9.64
N PRO A 66 -15.54 -9.65 10.13
CA PRO A 66 -16.22 -10.86 9.75
C PRO A 66 -16.78 -10.77 8.33
N SER A 67 -16.40 -11.75 7.52
CA SER A 67 -16.86 -11.78 6.14
C SER A 67 -16.94 -13.23 5.66
N SER A 68 -18.07 -13.86 5.95
CA SER A 68 -18.28 -15.24 5.55
C SER A 68 -19.65 -15.38 4.87
N GLY A 69 -20.68 -15.00 5.61
CA GLY A 69 -22.04 -15.08 5.09
C GLY A 69 -23.03 -15.45 6.20
N GLY A 1 -4.35 -22.28 6.19
CA GLY A 1 -3.85 -21.70 7.42
C GLY A 1 -2.69 -20.74 7.13
N SER A 2 -2.45 -19.85 8.07
CA SER A 2 -1.38 -18.88 7.94
C SER A 2 -0.49 -18.90 9.18
N SER A 3 0.82 -18.92 8.95
CA SER A 3 1.77 -18.94 10.04
C SER A 3 3.05 -18.23 9.62
N GLY A 4 3.39 -17.18 10.37
CA GLY A 4 4.60 -16.41 10.08
C GLY A 4 4.64 -15.14 10.93
N SER A 5 5.58 -14.28 10.60
CA SER A 5 5.75 -13.02 11.31
C SER A 5 6.40 -11.99 10.41
N SER A 6 5.92 -10.76 10.51
CA SER A 6 6.44 -9.67 9.72
C SER A 6 6.29 -9.98 8.23
N GLY A 7 5.29 -9.35 7.63
CA GLY A 7 5.02 -9.56 6.22
C GLY A 7 4.63 -8.23 5.53
N GLY A 8 3.35 -8.14 5.20
CA GLY A 8 2.84 -6.95 4.55
C GLY A 8 1.44 -6.59 5.07
N GLU A 9 1.16 -5.30 5.09
CA GLU A 9 -0.12 -4.81 5.56
C GLU A 9 -0.96 -4.30 4.39
N GLU A 10 -2.14 -4.87 4.26
CA GLU A 10 -3.05 -4.48 3.19
C GLU A 10 -3.62 -3.09 3.46
N TYR A 11 -3.33 -2.17 2.55
CA TYR A 11 -3.81 -0.81 2.68
C TYR A 11 -4.55 -0.36 1.42
N ILE A 12 -5.61 0.41 1.64
CA ILE A 12 -6.41 0.90 0.53
C ILE A 12 -5.97 2.33 0.18
N ALA A 13 -6.06 2.66 -1.10
CA ALA A 13 -5.68 3.97 -1.57
C ALA A 13 -6.88 4.92 -1.45
N LEU A 14 -6.84 5.75 -0.42
CA LEU A 14 -7.90 6.71 -0.18
C LEU A 14 -8.05 7.61 -1.40
N TYR A 15 -6.97 8.29 -1.74
CA TYR A 15 -6.97 9.18 -2.88
C TYR A 15 -5.93 8.75 -3.92
N PRO A 16 -6.16 9.19 -5.18
CA PRO A 16 -5.26 8.85 -6.27
C PRO A 16 -3.97 9.67 -6.19
N TYR A 17 -2.87 8.96 -6.02
CA TYR A 17 -1.57 9.61 -5.93
C TYR A 17 -0.79 9.47 -7.24
N SER A 18 -0.42 10.62 -7.80
CA SER A 18 0.33 10.63 -9.04
C SER A 18 1.64 11.40 -8.85
N SER A 19 2.74 10.67 -9.02
CA SER A 19 4.06 11.26 -8.87
C SER A 19 4.68 11.50 -10.25
N VAL A 20 5.87 12.07 -10.23
CA VAL A 20 6.58 12.36 -11.46
C VAL A 20 7.81 11.44 -11.57
N GLU A 21 8.18 10.86 -10.43
CA GLU A 21 9.32 9.97 -10.38
C GLU A 21 8.87 8.53 -10.57
N PRO A 22 9.67 7.77 -11.37
CA PRO A 22 9.36 6.38 -11.65
C PRO A 22 9.68 5.50 -10.44
N GLY A 23 10.16 6.15 -9.39
CA GLY A 23 10.51 5.44 -8.17
C GLY A 23 9.43 5.60 -7.11
N ASP A 24 8.28 6.09 -7.56
CA ASP A 24 7.16 6.29 -6.65
C ASP A 24 5.95 5.49 -7.15
N LEU A 25 5.53 4.54 -6.31
CA LEU A 25 4.41 3.69 -6.66
C LEU A 25 3.20 4.58 -7.02
N THR A 26 2.91 4.63 -8.31
CA THR A 26 1.80 5.42 -8.80
C THR A 26 0.52 4.58 -8.85
N PHE A 27 -0.49 5.07 -8.15
CA PHE A 27 -1.77 4.38 -8.11
C PHE A 27 -2.93 5.37 -8.02
N THR A 28 -4.14 4.82 -8.00
CA THR A 28 -5.33 5.64 -7.93
C THR A 28 -6.17 5.25 -6.71
N GLU A 29 -7.22 6.02 -6.48
CA GLU A 29 -8.11 5.77 -5.36
C GLU A 29 -8.86 4.46 -5.57
N GLY A 30 -8.84 3.63 -4.53
CA GLY A 30 -9.51 2.34 -4.58
C GLY A 30 -8.51 1.20 -4.73
N GLU A 31 -7.44 1.49 -5.45
CA GLU A 31 -6.39 0.50 -5.68
C GLU A 31 -5.92 -0.08 -4.35
N GLU A 32 -5.54 -1.35 -4.39
CA GLU A 32 -5.08 -2.03 -3.20
C GLU A 32 -3.55 -2.02 -3.16
N ILE A 33 -3.02 -1.32 -2.15
CA ILE A 33 -1.58 -1.23 -1.99
C ILE A 33 -1.14 -2.15 -0.84
N LEU A 34 -0.21 -3.03 -1.16
CA LEU A 34 0.30 -3.97 -0.18
C LEU A 34 1.62 -3.43 0.39
N VAL A 35 1.52 -2.88 1.60
CA VAL A 35 2.69 -2.33 2.27
C VAL A 35 3.49 -3.47 2.90
N THR A 36 4.81 -3.32 2.84
CA THR A 36 5.70 -4.33 3.40
C THR A 36 6.79 -3.66 4.25
N GLN A 37 7.34 -2.58 3.71
CA GLN A 37 8.38 -1.85 4.40
C GLN A 37 7.91 -0.43 4.74
N LYS A 38 8.08 -0.06 5.99
CA LYS A 38 7.68 1.25 6.45
C LYS A 38 8.91 2.03 6.93
N ASP A 39 9.36 2.94 6.07
CA ASP A 39 10.53 3.75 6.38
C ASP A 39 10.09 5.20 6.61
N GLY A 40 10.03 5.57 7.88
CA GLY A 40 9.63 6.92 8.25
C GLY A 40 8.13 7.14 8.00
N GLU A 41 7.83 8.28 7.42
CA GLU A 41 6.45 8.62 7.12
C GLU A 41 5.98 7.88 5.85
N TRP A 42 6.88 7.84 4.88
CA TRP A 42 6.57 7.17 3.62
C TRP A 42 6.91 5.69 3.77
N TRP A 43 5.97 4.86 3.35
CA TRP A 43 6.16 3.42 3.43
C TRP A 43 6.17 2.85 2.01
N THR A 44 6.92 1.78 1.83
CA THR A 44 7.02 1.14 0.52
C THR A 44 5.81 0.24 0.28
N GLY A 45 5.02 0.61 -0.71
CA GLY A 45 3.83 -0.14 -1.05
C GLY A 45 4.08 -1.02 -2.28
N SER A 46 3.17 -1.97 -2.49
CA SER A 46 3.28 -2.88 -3.62
C SER A 46 1.94 -2.96 -4.35
N ILE A 47 2.02 -3.06 -5.67
CA ILE A 47 0.83 -3.16 -6.49
C ILE A 47 1.06 -4.18 -7.60
N GLY A 48 0.36 -5.30 -7.49
CA GLY A 48 0.48 -6.36 -8.48
C GLY A 48 1.90 -6.90 -8.53
N ASP A 49 2.55 -6.86 -7.38
CA ASP A 49 3.93 -7.35 -7.28
C ASP A 49 4.88 -6.23 -7.68
N ARG A 50 4.41 -5.01 -7.54
CA ARG A 50 5.21 -3.85 -7.89
C ARG A 50 5.89 -3.27 -6.63
N SER A 51 6.75 -2.30 -6.86
CA SER A 51 7.46 -1.66 -5.76
C SER A 51 7.59 -0.16 -6.02
N GLY A 52 7.52 0.60 -4.94
CA GLY A 52 7.62 2.05 -5.04
C GLY A 52 7.30 2.72 -3.70
N ILE A 53 7.54 4.02 -3.64
CA ILE A 53 7.28 4.78 -2.43
C ILE A 53 5.97 5.54 -2.59
N PHE A 54 5.35 5.85 -1.46
CA PHE A 54 4.09 6.57 -1.46
C PHE A 54 3.82 7.20 -0.09
N PRO A 55 2.88 8.18 -0.08
CA PRO A 55 2.52 8.85 1.16
C PRO A 55 1.64 7.96 2.03
N SER A 56 2.14 7.68 3.22
CA SER A 56 1.41 6.84 4.16
C SER A 56 0.14 7.55 4.61
N ASN A 57 0.05 8.83 4.25
CA ASN A 57 -1.12 9.63 4.61
C ASN A 57 -2.18 9.50 3.51
N TYR A 58 -1.87 8.66 2.54
CA TYR A 58 -2.78 8.44 1.43
C TYR A 58 -3.14 6.96 1.30
N VAL A 59 -3.15 6.29 2.45
CA VAL A 59 -3.47 4.87 2.47
C VAL A 59 -4.20 4.55 3.79
N LYS A 60 -5.19 3.68 3.67
CA LYS A 60 -5.97 3.29 4.83
C LYS A 60 -5.80 1.79 5.07
N PRO A 61 -5.97 1.38 6.35
CA PRO A 61 -5.84 -0.02 6.73
C PRO A 61 -7.05 -0.82 6.27
N LYS A 62 -6.80 -1.76 5.37
CA LYS A 62 -7.86 -2.61 4.85
C LYS A 62 -8.64 -3.22 6.00
N ASP A 63 -9.76 -2.60 6.34
CA ASP A 63 -10.60 -3.07 7.42
C ASP A 63 -11.83 -3.76 6.84
N SER A 64 -12.03 -5.00 7.26
CA SER A 64 -13.17 -5.77 6.80
C SER A 64 -14.37 -5.56 7.73
N GLY A 65 -15.46 -5.13 7.15
CA GLY A 65 -16.68 -4.88 7.91
C GLY A 65 -17.13 -3.42 7.77
N PRO A 66 -18.48 -3.24 7.82
CA PRO A 66 -19.06 -1.90 7.70
C PRO A 66 -18.85 -1.09 8.98
N SER A 67 -17.61 -0.67 9.19
CA SER A 67 -17.26 0.11 10.36
C SER A 67 -16.59 1.42 9.94
N SER A 68 -17.19 2.51 10.38
CA SER A 68 -16.66 3.84 10.06
C SER A 68 -15.25 3.98 10.64
N GLY A 69 -15.15 3.81 11.94
CA GLY A 69 -13.87 3.91 12.62
C GLY A 69 -13.38 2.55 13.07
N GLY A 1 12.20 -9.84 -2.12
CA GLY A 1 12.28 -10.91 -3.11
C GLY A 1 13.18 -12.04 -2.61
N SER A 2 13.39 -13.01 -3.49
CA SER A 2 14.23 -14.15 -3.16
C SER A 2 13.48 -15.09 -2.23
N SER A 3 13.08 -14.55 -1.08
CA SER A 3 12.35 -15.34 -0.10
C SER A 3 11.13 -14.55 0.38
N GLY A 4 10.02 -15.28 0.52
CA GLY A 4 8.78 -14.67 0.96
C GLY A 4 8.78 -14.49 2.49
N SER A 5 7.72 -14.99 3.12
CA SER A 5 7.58 -14.90 4.56
C SER A 5 7.97 -13.49 5.03
N SER A 6 6.98 -12.62 5.05
CA SER A 6 7.19 -11.25 5.47
C SER A 6 5.97 -10.73 6.23
N GLY A 7 4.83 -10.82 5.57
CA GLY A 7 3.58 -10.38 6.17
C GLY A 7 2.94 -9.27 5.33
N GLY A 8 3.50 -8.08 5.44
CA GLY A 8 2.99 -6.93 4.70
C GLY A 8 1.60 -6.53 5.21
N GLU A 9 1.34 -5.23 5.14
CA GLU A 9 0.07 -4.69 5.59
C GLU A 9 -0.74 -4.18 4.39
N GLU A 10 -1.93 -4.74 4.23
CA GLU A 10 -2.80 -4.35 3.14
C GLU A 10 -3.48 -3.01 3.45
N TYR A 11 -3.37 -2.10 2.49
CA TYR A 11 -3.95 -0.78 2.64
C TYR A 11 -4.73 -0.37 1.39
N ILE A 12 -5.77 0.43 1.61
CA ILE A 12 -6.59 0.89 0.51
C ILE A 12 -6.23 2.34 0.18
N ALA A 13 -6.02 2.58 -1.11
CA ALA A 13 -5.68 3.91 -1.57
C ALA A 13 -6.85 4.87 -1.33
N LEU A 14 -6.64 5.80 -0.43
CA LEU A 14 -7.67 6.77 -0.10
C LEU A 14 -7.81 7.77 -1.25
N TYR A 15 -6.67 8.29 -1.69
CA TYR A 15 -6.66 9.25 -2.78
C TYR A 15 -5.64 8.85 -3.85
N PRO A 16 -5.92 9.28 -5.10
CA PRO A 16 -5.04 8.98 -6.22
C PRO A 16 -3.77 9.83 -6.16
N TYR A 17 -2.64 9.16 -6.00
CA TYR A 17 -1.36 9.84 -5.94
C TYR A 17 -0.53 9.57 -7.20
N SER A 18 -0.28 10.65 -7.93
CA SER A 18 0.50 10.55 -9.15
C SER A 18 1.88 11.15 -8.94
N SER A 19 2.89 10.45 -9.46
CA SER A 19 4.26 10.91 -9.33
C SER A 19 4.92 10.98 -10.72
N VAL A 20 5.89 11.87 -10.83
CA VAL A 20 6.60 12.06 -12.08
C VAL A 20 7.80 11.11 -12.12
N GLU A 21 8.14 10.59 -10.95
CA GLU A 21 9.27 9.67 -10.84
C GLU A 21 8.78 8.23 -10.76
N PRO A 22 9.49 7.34 -11.49
CA PRO A 22 9.14 5.92 -11.50
C PRO A 22 9.54 5.24 -10.20
N GLY A 23 10.12 6.03 -9.32
CA GLY A 23 10.56 5.52 -8.02
C GLY A 23 9.40 5.43 -7.04
N ASP A 24 8.62 6.51 -7.00
CA ASP A 24 7.47 6.56 -6.11
C ASP A 24 6.34 5.73 -6.70
N LEU A 25 5.72 4.94 -5.85
CA LEU A 25 4.62 4.09 -6.26
C LEU A 25 3.43 4.97 -6.67
N THR A 26 2.89 4.68 -7.84
CA THR A 26 1.76 5.44 -8.35
C THR A 26 0.51 4.56 -8.37
N PHE A 27 -0.56 5.12 -7.81
CA PHE A 27 -1.83 4.40 -7.76
C PHE A 27 -3.01 5.37 -7.69
N THR A 28 -4.20 4.82 -7.80
CA THR A 28 -5.41 5.62 -7.76
C THR A 28 -6.26 5.24 -6.54
N GLU A 29 -7.22 6.10 -6.24
CA GLU A 29 -8.11 5.86 -5.11
C GLU A 29 -8.92 4.58 -5.34
N GLY A 30 -8.82 3.68 -4.37
CA GLY A 30 -9.54 2.42 -4.46
C GLY A 30 -8.57 1.24 -4.62
N GLU A 31 -7.47 1.52 -5.29
CA GLU A 31 -6.45 0.50 -5.52
C GLU A 31 -6.04 -0.15 -4.19
N GLU A 32 -5.48 -1.34 -4.31
CA GLU A 32 -5.03 -2.07 -3.13
C GLU A 32 -3.51 -2.07 -3.05
N ILE A 33 -3.00 -1.23 -2.15
CA ILE A 33 -1.57 -1.13 -1.96
C ILE A 33 -1.14 -2.03 -0.80
N LEU A 34 -0.14 -2.86 -1.08
CA LEU A 34 0.37 -3.78 -0.09
C LEU A 34 1.69 -3.25 0.46
N VAL A 35 1.62 -2.67 1.65
CA VAL A 35 2.79 -2.13 2.30
C VAL A 35 3.59 -3.26 2.96
N THR A 36 4.88 -3.26 2.73
CA THR A 36 5.76 -4.27 3.30
C THR A 36 6.82 -3.62 4.19
N GLN A 37 7.34 -2.51 3.71
CA GLN A 37 8.37 -1.78 4.45
C GLN A 37 7.89 -0.35 4.75
N LYS A 38 7.85 -0.03 6.03
CA LYS A 38 7.43 1.29 6.46
C LYS A 38 8.66 2.11 6.86
N ASP A 39 9.05 3.01 5.97
CA ASP A 39 10.20 3.86 6.22
C ASP A 39 9.72 5.22 6.74
N GLY A 40 9.87 5.40 8.04
CA GLY A 40 9.46 6.65 8.66
C GLY A 40 8.02 7.00 8.29
N GLU A 41 7.88 8.04 7.48
CA GLU A 41 6.56 8.48 7.04
C GLU A 41 6.23 7.89 5.68
N TRP A 42 7.25 7.77 4.85
CA TRP A 42 7.08 7.22 3.51
C TRP A 42 7.22 5.70 3.62
N TRP A 43 6.08 5.03 3.46
CA TRP A 43 6.05 3.59 3.53
C TRP A 43 6.15 3.03 2.10
N THR A 44 6.65 1.81 2.00
CA THR A 44 6.81 1.18 0.71
C THR A 44 5.60 0.28 0.41
N GLY A 45 4.89 0.66 -0.63
CA GLY A 45 3.71 -0.09 -1.04
C GLY A 45 4.02 -1.02 -2.22
N SER A 46 3.08 -1.89 -2.52
CA SER A 46 3.25 -2.83 -3.61
C SER A 46 1.88 -3.17 -4.23
N ILE A 47 1.89 -3.38 -5.53
CA ILE A 47 0.67 -3.71 -6.25
C ILE A 47 0.96 -4.81 -7.27
N GLY A 48 0.42 -5.98 -6.99
CA GLY A 48 0.62 -7.13 -7.87
C GLY A 48 2.10 -7.50 -7.97
N ASP A 49 2.83 -6.71 -8.75
CA ASP A 49 4.24 -6.95 -8.94
C ASP A 49 4.97 -5.60 -9.04
N ARG A 50 4.30 -4.57 -8.55
CA ARG A 50 4.86 -3.23 -8.58
C ARG A 50 5.51 -2.90 -7.23
N SER A 51 6.46 -1.98 -7.28
CA SER A 51 7.16 -1.56 -6.08
C SER A 51 7.53 -0.08 -6.17
N GLY A 52 7.37 0.61 -5.05
CA GLY A 52 7.68 2.03 -4.99
C GLY A 52 7.31 2.62 -3.63
N ILE A 53 7.63 3.90 -3.47
CA ILE A 53 7.33 4.59 -2.22
C ILE A 53 6.09 5.45 -2.40
N PHE A 54 5.41 5.71 -1.29
CA PHE A 54 4.21 6.52 -1.31
C PHE A 54 3.97 7.20 0.03
N PRO A 55 3.11 8.25 0.01
CA PRO A 55 2.80 8.99 1.22
C PRO A 55 1.85 8.19 2.12
N SER A 56 2.34 7.89 3.32
CA SER A 56 1.57 7.14 4.28
C SER A 56 0.44 8.01 4.85
N ASN A 57 -0.39 8.51 3.95
CA ASN A 57 -1.51 9.36 4.35
C ASN A 57 -2.74 9.02 3.51
N TYR A 58 -2.50 8.90 2.21
CA TYR A 58 -3.57 8.58 1.28
C TYR A 58 -3.78 7.06 1.19
N VAL A 59 -3.70 6.42 2.35
CA VAL A 59 -3.89 4.98 2.41
C VAL A 59 -4.56 4.60 3.73
N LYS A 60 -5.47 3.65 3.64
CA LYS A 60 -6.19 3.19 4.82
C LYS A 60 -5.94 1.71 5.03
N PRO A 61 -6.11 1.26 6.31
CA PRO A 61 -5.91 -0.14 6.65
C PRO A 61 -7.07 -0.99 6.16
N LYS A 62 -6.76 -1.90 5.25
CA LYS A 62 -7.76 -2.78 4.69
C LYS A 62 -8.48 -3.51 5.84
N ASP A 63 -9.64 -2.97 6.20
CA ASP A 63 -10.43 -3.55 7.27
C ASP A 63 -11.86 -3.77 6.77
N SER A 64 -12.44 -2.72 6.22
CA SER A 64 -13.80 -2.79 5.70
C SER A 64 -13.92 -3.93 4.69
N GLY A 65 -13.08 -3.86 3.67
CA GLY A 65 -13.09 -4.89 2.64
C GLY A 65 -12.60 -6.22 3.18
N PRO A 66 -13.53 -7.22 3.18
CA PRO A 66 -13.20 -8.55 3.68
C PRO A 66 -12.33 -9.31 2.68
N SER A 67 -11.12 -9.65 3.13
CA SER A 67 -10.18 -10.38 2.28
C SER A 67 -9.47 -11.44 3.10
N SER A 68 -9.82 -12.69 2.84
CA SER A 68 -9.22 -13.82 3.54
C SER A 68 -9.38 -13.63 5.05
N GLY A 69 -10.35 -14.33 5.60
CA GLY A 69 -10.61 -14.25 7.03
C GLY A 69 -9.60 -15.07 7.83
N GLY A 1 -2.48 -16.28 10.01
CA GLY A 1 -2.06 -17.44 10.76
C GLY A 1 -2.01 -17.12 12.27
N SER A 2 -1.01 -17.68 12.92
CA SER A 2 -0.83 -17.48 14.35
C SER A 2 0.57 -16.92 14.63
N SER A 3 0.59 -15.76 15.27
CA SER A 3 1.85 -15.12 15.60
C SER A 3 2.80 -15.17 14.40
N GLY A 4 2.76 -14.11 13.60
CA GLY A 4 3.60 -14.03 12.42
C GLY A 4 4.93 -13.35 12.75
N SER A 5 5.76 -13.22 11.72
CA SER A 5 7.06 -12.59 11.88
C SER A 5 7.08 -11.26 11.15
N SER A 6 6.88 -11.33 9.84
CA SER A 6 6.88 -10.13 9.02
C SER A 6 6.40 -10.47 7.61
N GLY A 7 5.48 -9.65 7.11
CA GLY A 7 4.93 -9.85 5.77
C GLY A 7 4.55 -8.52 5.13
N GLY A 8 3.29 -8.41 4.75
CA GLY A 8 2.79 -7.20 4.12
C GLY A 8 1.46 -6.77 4.73
N GLU A 9 1.20 -5.48 4.65
CA GLU A 9 -0.04 -4.94 5.19
C GLU A 9 -0.93 -4.41 4.06
N GLU A 10 -2.16 -4.90 4.05
CA GLU A 10 -3.12 -4.49 3.03
C GLU A 10 -3.71 -3.12 3.37
N TYR A 11 -3.51 -2.18 2.47
CA TYR A 11 -4.02 -0.83 2.66
C TYR A 11 -4.79 -0.36 1.43
N ILE A 12 -5.78 0.48 1.67
CA ILE A 12 -6.59 1.03 0.60
C ILE A 12 -6.20 2.48 0.35
N ALA A 13 -6.10 2.83 -0.92
CA ALA A 13 -5.74 4.18 -1.30
C ALA A 13 -6.93 5.11 -1.05
N LEU A 14 -6.68 6.14 -0.25
CA LEU A 14 -7.72 7.11 0.07
C LEU A 14 -7.96 8.01 -1.13
N TYR A 15 -6.87 8.52 -1.69
CA TYR A 15 -6.95 9.40 -2.83
C TYR A 15 -6.01 8.93 -3.95
N PRO A 16 -6.33 9.39 -5.20
CA PRO A 16 -5.52 9.02 -6.35
C PRO A 16 -4.21 9.80 -6.37
N TYR A 17 -3.13 9.07 -6.15
CA TYR A 17 -1.80 9.68 -6.14
C TYR A 17 -0.99 9.26 -7.36
N SER A 18 -0.67 10.24 -8.19
CA SER A 18 0.09 9.98 -9.40
C SER A 18 1.38 10.82 -9.39
N SER A 19 2.40 10.27 -10.02
CA SER A 19 3.69 10.95 -10.09
C SER A 19 4.63 10.19 -11.02
N VAL A 20 5.12 10.90 -12.02
CA VAL A 20 6.03 10.30 -12.99
C VAL A 20 7.43 10.24 -12.39
N GLU A 21 7.53 9.56 -11.26
CA GLU A 21 8.81 9.42 -10.58
C GLU A 21 9.24 7.96 -10.56
N PRO A 22 10.52 7.74 -10.99
CA PRO A 22 11.07 6.39 -11.02
C PRO A 22 11.42 5.89 -9.62
N GLY A 23 10.45 6.03 -8.72
CA GLY A 23 10.64 5.60 -7.34
C GLY A 23 9.31 5.61 -6.58
N ASP A 24 8.51 6.62 -6.87
CA ASP A 24 7.23 6.76 -6.21
C ASP A 24 6.20 5.84 -6.89
N LEU A 25 5.48 5.10 -6.06
CA LEU A 25 4.47 4.19 -6.58
C LEU A 25 3.23 4.98 -6.99
N THR A 26 2.92 4.88 -8.27
CA THR A 26 1.76 5.57 -8.81
C THR A 26 0.51 4.68 -8.72
N PHE A 27 -0.51 5.21 -8.07
CA PHE A 27 -1.75 4.48 -7.91
C PHE A 27 -2.95 5.44 -7.88
N THR A 28 -4.13 4.85 -7.83
CA THR A 28 -5.36 5.64 -7.80
C THR A 28 -6.17 5.31 -6.54
N GLU A 29 -7.21 6.11 -6.32
CA GLU A 29 -8.07 5.92 -5.17
C GLU A 29 -8.87 4.62 -5.31
N GLY A 30 -8.76 3.77 -4.29
CA GLY A 30 -9.46 2.51 -4.29
C GLY A 30 -8.49 1.34 -4.50
N GLU A 31 -7.34 1.67 -5.08
CA GLU A 31 -6.34 0.66 -5.36
C GLU A 31 -5.89 -0.01 -4.05
N GLU A 32 -5.34 -1.20 -4.19
CA GLU A 32 -4.87 -1.95 -3.05
C GLU A 32 -3.34 -1.97 -3.01
N ILE A 33 -2.79 -1.18 -2.10
CA ILE A 33 -1.34 -1.09 -1.96
C ILE A 33 -0.90 -2.01 -0.81
N LEU A 34 0.04 -2.89 -1.13
CA LEU A 34 0.56 -3.82 -0.15
C LEU A 34 1.88 -3.28 0.42
N VAL A 35 1.80 -2.81 1.65
CA VAL A 35 2.97 -2.26 2.33
C VAL A 35 3.74 -3.39 3.02
N THR A 36 5.01 -3.52 2.64
CA THR A 36 5.85 -4.55 3.22
C THR A 36 6.98 -3.92 4.03
N GLN A 37 7.24 -2.65 3.75
CA GLN A 37 8.28 -1.92 4.45
C GLN A 37 7.80 -0.52 4.80
N LYS A 38 7.91 -0.19 6.08
CA LYS A 38 7.49 1.11 6.56
C LYS A 38 8.70 1.86 7.13
N ASP A 39 9.21 2.79 6.33
CA ASP A 39 10.36 3.57 6.75
C ASP A 39 9.94 5.03 6.94
N GLY A 40 9.84 5.42 8.20
CA GLY A 40 9.45 6.77 8.53
C GLY A 40 7.97 7.01 8.24
N GLU A 41 7.67 8.18 7.71
CA GLU A 41 6.30 8.53 7.38
C GLU A 41 5.87 7.84 6.10
N TRP A 42 6.75 7.88 5.11
CA TRP A 42 6.48 7.27 3.82
C TRP A 42 6.89 5.79 3.91
N TRP A 43 5.96 4.92 3.53
CA TRP A 43 6.22 3.50 3.55
C TRP A 43 6.30 3.00 2.11
N THR A 44 6.86 1.81 1.95
CA THR A 44 7.00 1.22 0.63
C THR A 44 5.85 0.28 0.34
N GLY A 45 5.07 0.65 -0.67
CA GLY A 45 3.93 -0.16 -1.07
C GLY A 45 4.21 -0.91 -2.37
N SER A 46 3.28 -1.78 -2.72
CA SER A 46 3.41 -2.57 -3.94
C SER A 46 2.03 -2.86 -4.53
N ILE A 47 2.02 -3.13 -5.82
CA ILE A 47 0.78 -3.43 -6.51
C ILE A 47 1.01 -4.58 -7.49
N GLY A 48 0.42 -5.72 -7.17
CA GLY A 48 0.56 -6.90 -8.02
C GLY A 48 1.99 -7.42 -8.00
N ASP A 49 2.89 -6.60 -8.55
CA ASP A 49 4.29 -6.97 -8.61
C ASP A 49 5.13 -5.72 -8.84
N ARG A 50 4.60 -4.60 -8.38
CA ARG A 50 5.30 -3.33 -8.54
C ARG A 50 5.91 -2.88 -7.21
N SER A 51 6.74 -1.85 -7.28
CA SER A 51 7.39 -1.33 -6.11
C SER A 51 7.59 0.19 -6.24
N GLY A 52 7.48 0.87 -5.12
CA GLY A 52 7.64 2.32 -5.10
C GLY A 52 7.29 2.89 -3.74
N ILE A 53 7.49 4.19 -3.60
CA ILE A 53 7.20 4.88 -2.36
C ILE A 53 5.88 5.65 -2.50
N PHE A 54 5.26 5.93 -1.37
CA PHE A 54 4.00 6.65 -1.35
C PHE A 54 3.73 7.26 0.03
N PRO A 55 2.80 8.24 0.04
CA PRO A 55 2.44 8.92 1.28
C PRO A 55 1.55 8.02 2.14
N SER A 56 2.07 7.68 3.31
CA SER A 56 1.34 6.83 4.24
C SER A 56 0.08 7.55 4.72
N ASN A 57 0.01 8.83 4.42
CA ASN A 57 -1.13 9.64 4.80
C ASN A 57 -2.23 9.53 3.74
N TYR A 58 -1.95 8.69 2.74
CA TYR A 58 -2.90 8.49 1.66
C TYR A 58 -3.26 7.01 1.53
N VAL A 59 -3.21 6.32 2.65
CA VAL A 59 -3.53 4.90 2.68
C VAL A 59 -4.20 4.56 4.01
N LYS A 60 -5.16 3.65 3.94
CA LYS A 60 -5.89 3.23 5.13
C LYS A 60 -5.75 1.71 5.30
N PRO A 61 -5.97 1.25 6.56
CA PRO A 61 -5.87 -0.17 6.85
C PRO A 61 -7.09 -0.93 6.33
N LYS A 62 -6.83 -1.86 5.42
CA LYS A 62 -7.89 -2.66 4.84
C LYS A 62 -8.72 -3.30 5.96
N ASP A 63 -9.83 -2.64 6.28
CA ASP A 63 -10.71 -3.13 7.32
C ASP A 63 -12.16 -3.07 6.83
N SER A 64 -13.00 -3.89 7.44
CA SER A 64 -14.40 -3.94 7.08
C SER A 64 -15.22 -4.55 8.21
N GLY A 65 -16.48 -4.14 8.28
CA GLY A 65 -17.37 -4.63 9.31
C GLY A 65 -18.34 -5.67 8.75
N PRO A 66 -19.60 -5.62 9.25
CA PRO A 66 -20.63 -6.55 8.81
C PRO A 66 -21.13 -6.20 7.42
N SER A 67 -21.41 -4.91 7.22
CA SER A 67 -21.90 -4.43 5.95
C SER A 67 -22.04 -2.90 5.99
N SER A 68 -21.09 -2.24 5.35
CA SER A 68 -21.09 -0.78 5.29
C SER A 68 -21.93 -0.31 4.11
N GLY A 69 -23.09 0.26 4.43
CA GLY A 69 -23.99 0.76 3.40
C GLY A 69 -24.66 2.05 3.85
N GLY A 1 5.57 -26.42 2.31
CA GLY A 1 4.39 -25.83 1.72
C GLY A 1 4.77 -24.77 0.69
N SER A 2 3.93 -23.72 0.63
CA SER A 2 4.18 -22.64 -0.31
C SER A 2 5.41 -21.84 0.12
N SER A 3 6.31 -21.65 -0.85
CA SER A 3 7.53 -20.91 -0.59
C SER A 3 7.36 -19.45 -1.01
N GLY A 4 7.54 -18.56 -0.03
CA GLY A 4 7.41 -17.14 -0.29
C GLY A 4 7.38 -16.36 1.02
N SER A 5 7.71 -15.07 0.92
CA SER A 5 7.73 -14.21 2.08
C SER A 5 6.30 -13.99 2.60
N SER A 6 6.22 -13.57 3.85
CA SER A 6 4.93 -13.32 4.47
C SER A 6 5.06 -12.24 5.55
N GLY A 7 4.44 -11.11 5.28
CA GLY A 7 4.49 -9.99 6.21
C GLY A 7 4.20 -8.66 5.51
N GLY A 8 2.95 -8.50 5.11
CA GLY A 8 2.54 -7.29 4.42
C GLY A 8 1.17 -6.81 4.93
N GLU A 9 0.99 -5.50 4.90
CA GLU A 9 -0.25 -4.90 5.35
C GLU A 9 -1.04 -4.35 4.16
N GLU A 10 -2.26 -4.84 4.01
CA GLU A 10 -3.11 -4.42 2.92
C GLU A 10 -3.70 -3.04 3.23
N TYR A 11 -3.35 -2.08 2.38
CA TYR A 11 -3.83 -0.72 2.54
C TYR A 11 -4.55 -0.24 1.28
N ILE A 12 -5.58 0.56 1.49
CA ILE A 12 -6.36 1.09 0.38
C ILE A 12 -5.97 2.55 0.15
N ALA A 13 -5.90 2.93 -1.12
CA ALA A 13 -5.55 4.29 -1.48
C ALA A 13 -6.74 5.21 -1.24
N LEU A 14 -6.60 6.05 -0.24
CA LEU A 14 -7.66 6.99 0.11
C LEU A 14 -7.88 7.96 -1.05
N TYR A 15 -6.78 8.45 -1.59
CA TYR A 15 -6.84 9.37 -2.71
C TYR A 15 -5.89 8.93 -3.83
N PRO A 16 -6.25 9.37 -5.07
CA PRO A 16 -5.46 9.04 -6.24
C PRO A 16 -4.17 9.85 -6.28
N TYR A 17 -3.06 9.15 -6.11
CA TYR A 17 -1.75 9.80 -6.13
C TYR A 17 -0.98 9.46 -7.41
N SER A 18 -0.71 10.49 -8.20
CA SER A 18 0.00 10.32 -9.44
C SER A 18 1.29 11.14 -9.43
N SER A 19 2.30 10.63 -10.12
CA SER A 19 3.58 11.30 -10.19
C SER A 19 4.52 10.56 -11.14
N VAL A 20 5.01 11.29 -12.14
CA VAL A 20 5.92 10.71 -13.11
C VAL A 20 7.30 10.54 -12.48
N GLU A 21 7.33 9.78 -11.39
CA GLU A 21 8.58 9.54 -10.69
C GLU A 21 8.94 8.06 -10.76
N PRO A 22 10.15 7.79 -11.34
CA PRO A 22 10.63 6.42 -11.49
C PRO A 22 11.11 5.87 -10.14
N GLY A 23 10.25 6.00 -9.14
CA GLY A 23 10.57 5.53 -7.80
C GLY A 23 9.32 5.49 -6.91
N ASP A 24 8.50 6.52 -7.07
CA ASP A 24 7.28 6.63 -6.29
C ASP A 24 6.20 5.74 -6.92
N LEU A 25 5.54 4.97 -6.07
CA LEU A 25 4.49 4.07 -6.52
C LEU A 25 3.27 4.89 -6.93
N THR A 26 2.94 4.80 -8.20
CA THR A 26 1.79 5.53 -8.72
C THR A 26 0.55 4.65 -8.70
N PHE A 27 -0.49 5.17 -8.05
CA PHE A 27 -1.74 4.44 -7.94
C PHE A 27 -2.93 5.40 -7.84
N THR A 28 -4.12 4.83 -7.87
CA THR A 28 -5.34 5.62 -7.79
C THR A 28 -6.06 5.34 -6.47
N GLU A 29 -7.20 5.98 -6.31
CA GLU A 29 -8.00 5.82 -5.10
C GLU A 29 -8.84 4.55 -5.20
N GLY A 30 -8.71 3.72 -4.18
CA GLY A 30 -9.44 2.46 -4.13
C GLY A 30 -8.51 1.27 -4.35
N GLU A 31 -7.37 1.55 -4.95
CA GLU A 31 -6.39 0.51 -5.24
C GLU A 31 -5.95 -0.16 -3.94
N GLU A 32 -5.42 -1.36 -4.08
CA GLU A 32 -4.96 -2.13 -2.93
C GLU A 32 -3.43 -2.16 -2.90
N ILE A 33 -2.87 -1.33 -2.04
CA ILE A 33 -1.42 -1.26 -1.90
C ILE A 33 -0.98 -2.15 -0.74
N LEU A 34 -0.08 -3.07 -1.05
CA LEU A 34 0.42 -3.99 -0.04
C LEU A 34 1.74 -3.44 0.52
N VAL A 35 1.64 -2.87 1.71
CA VAL A 35 2.81 -2.31 2.37
C VAL A 35 3.60 -3.43 3.05
N THR A 36 4.89 -3.40 2.84
CA THR A 36 5.77 -4.40 3.44
C THR A 36 6.85 -3.73 4.29
N GLN A 37 7.36 -2.63 3.79
CA GLN A 37 8.39 -1.88 4.49
C GLN A 37 7.90 -0.48 4.84
N LYS A 38 7.95 -0.16 6.12
CA LYS A 38 7.51 1.15 6.58
C LYS A 38 8.69 1.89 7.21
N ASP A 39 9.23 2.83 6.44
CA ASP A 39 10.36 3.61 6.90
C ASP A 39 9.92 5.05 7.15
N GLY A 40 9.77 5.39 8.42
CA GLY A 40 9.34 6.72 8.79
C GLY A 40 7.88 6.96 8.43
N GLU A 41 7.62 8.13 7.87
CA GLU A 41 6.28 8.49 7.47
C GLU A 41 5.93 7.83 6.13
N TRP A 42 6.89 7.83 5.23
CA TRP A 42 6.69 7.25 3.92
C TRP A 42 7.04 5.76 4.02
N TRP A 43 6.10 4.93 3.57
CA TRP A 43 6.30 3.49 3.61
C TRP A 43 6.37 2.99 2.16
N THR A 44 6.91 1.79 2.00
CA THR A 44 7.03 1.19 0.69
C THR A 44 5.84 0.27 0.41
N GLY A 45 5.06 0.65 -0.60
CA GLY A 45 3.90 -0.13 -0.98
C GLY A 45 4.16 -0.91 -2.27
N SER A 46 3.24 -1.81 -2.57
CA SER A 46 3.36 -2.63 -3.77
C SER A 46 1.97 -2.87 -4.37
N ILE A 47 1.96 -3.11 -5.68
CA ILE A 47 0.71 -3.36 -6.38
C ILE A 47 0.92 -4.49 -7.39
N GLY A 48 0.30 -5.62 -7.09
CA GLY A 48 0.41 -6.78 -7.96
C GLY A 48 1.84 -7.35 -7.95
N ASP A 49 2.76 -6.54 -8.46
CA ASP A 49 4.15 -6.95 -8.52
C ASP A 49 5.02 -5.71 -8.74
N ARG A 50 4.54 -4.58 -8.25
CA ARG A 50 5.26 -3.32 -8.40
C ARG A 50 5.85 -2.90 -7.06
N SER A 51 6.74 -1.93 -7.12
CA SER A 51 7.39 -1.42 -5.92
C SER A 51 7.68 0.08 -6.07
N GLY A 52 7.54 0.79 -4.97
CA GLY A 52 7.78 2.22 -4.97
C GLY A 52 7.42 2.84 -3.62
N ILE A 53 7.63 4.14 -3.52
CA ILE A 53 7.34 4.86 -2.29
C ILE A 53 6.03 5.63 -2.46
N PHE A 54 5.39 5.92 -1.33
CA PHE A 54 4.13 6.65 -1.33
C PHE A 54 3.85 7.25 0.04
N PRO A 55 2.91 8.24 0.05
CA PRO A 55 2.53 8.90 1.28
C PRO A 55 1.63 8.00 2.14
N SER A 56 2.18 7.59 3.28
CA SER A 56 1.45 6.73 4.19
C SER A 56 0.17 7.44 4.67
N ASN A 57 0.13 8.75 4.45
CA ASN A 57 -1.01 9.54 4.84
C ASN A 57 -2.08 9.46 3.75
N TYR A 58 -1.75 8.72 2.70
CA TYR A 58 -2.67 8.57 1.58
C TYR A 58 -3.05 7.09 1.41
N VAL A 59 -3.09 6.37 2.52
CA VAL A 59 -3.43 4.96 2.50
C VAL A 59 -4.20 4.61 3.77
N LYS A 60 -5.21 3.77 3.60
CA LYS A 60 -6.02 3.34 4.72
C LYS A 60 -5.87 1.83 4.93
N PRO A 61 -6.09 1.39 6.19
CA PRO A 61 -5.98 -0.02 6.52
C PRO A 61 -7.18 -0.81 6.00
N LYS A 62 -6.88 -1.76 5.13
CA LYS A 62 -7.92 -2.59 4.55
C LYS A 62 -8.68 -3.31 5.66
N ASP A 63 -9.84 -2.75 5.98
CA ASP A 63 -10.67 -3.33 7.03
C ASP A 63 -11.23 -4.67 6.55
N SER A 64 -11.57 -5.51 7.52
CA SER A 64 -12.10 -6.83 7.22
C SER A 64 -13.33 -7.11 8.10
N GLY A 65 -14.23 -7.91 7.55
CA GLY A 65 -15.45 -8.26 8.27
C GLY A 65 -15.38 -9.71 8.77
N PRO A 66 -16.57 -10.37 8.77
CA PRO A 66 -16.68 -11.74 9.22
C PRO A 66 -16.10 -12.71 8.17
N SER A 67 -14.86 -13.10 8.40
CA SER A 67 -14.19 -14.01 7.47
C SER A 67 -14.99 -15.31 7.35
N SER A 68 -15.01 -15.83 6.14
CA SER A 68 -15.73 -17.06 5.87
C SER A 68 -15.66 -17.40 4.38
N GLY A 69 -16.11 -18.61 4.05
CA GLY A 69 -16.10 -19.06 2.68
C GLY A 69 -15.57 -20.49 2.58
N GLY A 1 13.86 -19.83 -3.66
CA GLY A 1 12.91 -20.06 -2.58
C GLY A 1 13.64 -20.22 -1.24
N SER A 2 13.13 -19.52 -0.23
CA SER A 2 13.72 -19.58 1.09
C SER A 2 12.73 -19.06 2.13
N SER A 3 12.30 -17.82 1.92
CA SER A 3 11.36 -17.20 2.83
C SER A 3 11.95 -17.10 4.23
N GLY A 4 11.59 -16.03 4.92
CA GLY A 4 12.08 -15.81 6.28
C GLY A 4 11.16 -14.86 7.05
N SER A 5 11.78 -13.84 7.63
CA SER A 5 11.03 -12.86 8.40
C SER A 5 10.44 -11.80 7.46
N SER A 6 9.13 -11.89 7.29
CA SER A 6 8.43 -10.96 6.42
C SER A 6 7.04 -10.66 6.98
N GLY A 7 6.39 -9.66 6.40
CA GLY A 7 5.07 -9.26 6.84
C GLY A 7 4.59 -8.02 6.08
N GLY A 8 3.59 -8.24 5.24
CA GLY A 8 3.02 -7.16 4.45
C GLY A 8 1.68 -6.70 5.02
N GLU A 9 1.43 -5.41 4.91
CA GLU A 9 0.18 -4.83 5.41
C GLU A 9 -0.64 -4.28 4.25
N GLU A 10 -1.85 -4.80 4.12
CA GLU A 10 -2.74 -4.37 3.05
C GLU A 10 -3.32 -2.99 3.38
N TYR A 11 -3.35 -2.14 2.36
CA TYR A 11 -3.87 -0.80 2.53
C TYR A 11 -4.69 -0.37 1.31
N ILE A 12 -5.63 0.52 1.56
CA ILE A 12 -6.49 1.02 0.50
C ILE A 12 -6.12 2.47 0.19
N ALA A 13 -6.03 2.76 -1.11
CA ALA A 13 -5.68 4.09 -1.55
C ALA A 13 -6.89 5.01 -1.36
N LEU A 14 -6.76 5.91 -0.40
CA LEU A 14 -7.83 6.86 -0.10
C LEU A 14 -8.01 7.81 -1.29
N TYR A 15 -6.89 8.31 -1.78
CA TYR A 15 -6.91 9.22 -2.90
C TYR A 15 -5.90 8.81 -3.97
N PRO A 16 -6.19 9.24 -5.24
CA PRO A 16 -5.31 8.90 -6.35
C PRO A 16 -4.04 9.74 -6.32
N TYR A 17 -2.93 9.09 -5.99
CA TYR A 17 -1.65 9.76 -5.91
C TYR A 17 -0.83 9.52 -7.20
N SER A 18 -0.58 10.62 -7.90
CA SER A 18 0.19 10.54 -9.14
C SER A 18 1.50 11.29 -8.98
N SER A 19 2.56 10.71 -9.53
CA SER A 19 3.87 11.32 -9.46
C SER A 19 4.83 10.61 -10.42
N VAL A 20 5.32 11.37 -11.40
CA VAL A 20 6.23 10.82 -12.37
C VAL A 20 7.61 10.62 -11.73
N GLU A 21 7.61 9.80 -10.68
CA GLU A 21 8.85 9.52 -9.97
C GLU A 21 9.20 8.03 -10.11
N PRO A 22 10.45 7.78 -10.59
CA PRO A 22 10.92 6.42 -10.77
C PRO A 22 11.28 5.78 -9.43
N GLY A 23 10.34 5.87 -8.49
CA GLY A 23 10.54 5.30 -7.17
C GLY A 23 9.23 5.30 -6.38
N ASP A 24 8.47 6.37 -6.54
CA ASP A 24 7.21 6.51 -5.84
C ASP A 24 6.15 5.63 -6.53
N LEU A 25 5.51 4.79 -5.73
CA LEU A 25 4.49 3.90 -6.25
C LEU A 25 3.25 4.71 -6.62
N THR A 26 2.96 4.74 -7.91
CA THR A 26 1.81 5.48 -8.40
C THR A 26 0.57 4.58 -8.44
N PHE A 27 -0.53 5.12 -7.97
CA PHE A 27 -1.79 4.38 -7.95
C PHE A 27 -2.99 5.32 -7.98
N THR A 28 -4.17 4.73 -7.85
CA THR A 28 -5.39 5.50 -7.86
C THR A 28 -6.30 5.09 -6.70
N GLU A 29 -7.18 6.00 -6.32
CA GLU A 29 -8.11 5.75 -5.24
C GLU A 29 -8.88 4.45 -5.49
N GLY A 30 -8.88 3.59 -4.48
CA GLY A 30 -9.57 2.32 -4.58
C GLY A 30 -8.59 1.17 -4.76
N GLU A 31 -7.44 1.50 -5.33
CA GLU A 31 -6.41 0.51 -5.56
C GLU A 31 -5.95 -0.11 -4.24
N GLU A 32 -5.49 -1.35 -4.32
CA GLU A 32 -5.02 -2.05 -3.15
C GLU A 32 -3.49 -2.05 -3.09
N ILE A 33 -2.96 -1.20 -2.23
CA ILE A 33 -1.52 -1.10 -2.08
C ILE A 33 -1.07 -2.00 -0.93
N LEU A 34 -0.14 -2.89 -1.26
CA LEU A 34 0.39 -3.82 -0.27
C LEU A 34 1.69 -3.27 0.29
N VAL A 35 1.61 -2.81 1.54
CA VAL A 35 2.77 -2.25 2.21
C VAL A 35 3.59 -3.39 2.82
N THR A 36 4.91 -3.20 2.77
CA THR A 36 5.82 -4.21 3.31
C THR A 36 6.88 -3.55 4.17
N GLN A 37 7.42 -2.44 3.66
CA GLN A 37 8.46 -1.71 4.38
C GLN A 37 7.96 -0.30 4.71
N LYS A 38 8.01 0.03 5.99
CA LYS A 38 7.57 1.34 6.44
C LYS A 38 8.80 2.16 6.85
N ASP A 39 9.17 3.08 5.96
CA ASP A 39 10.32 3.93 6.22
C ASP A 39 9.83 5.33 6.61
N GLY A 40 9.91 5.61 7.89
CA GLY A 40 9.48 6.91 8.41
C GLY A 40 8.01 7.16 8.07
N GLU A 41 7.78 8.26 7.34
CA GLU A 41 6.44 8.64 6.95
C GLU A 41 6.12 8.07 5.56
N TRP A 42 7.17 7.79 4.81
CA TRP A 42 7.02 7.25 3.47
C TRP A 42 7.24 5.74 3.55
N TRP A 43 6.14 5.01 3.40
CA TRP A 43 6.21 3.56 3.44
C TRP A 43 6.30 3.04 2.01
N THR A 44 6.68 1.78 1.89
CA THR A 44 6.81 1.15 0.59
C THR A 44 5.60 0.27 0.29
N GLY A 45 4.86 0.65 -0.73
CA GLY A 45 3.68 -0.10 -1.13
C GLY A 45 3.93 -0.89 -2.41
N SER A 46 3.00 -1.79 -2.71
CA SER A 46 3.12 -2.61 -3.90
C SER A 46 1.73 -2.86 -4.49
N ILE A 47 1.71 -3.12 -5.80
CA ILE A 47 0.47 -3.38 -6.50
C ILE A 47 0.67 -4.54 -7.48
N GLY A 48 0.05 -5.65 -7.16
CA GLY A 48 0.15 -6.84 -8.02
C GLY A 48 1.59 -7.38 -8.03
N ASP A 49 2.45 -6.62 -8.69
CA ASP A 49 3.86 -7.01 -8.79
C ASP A 49 4.72 -5.75 -8.97
N ARG A 50 4.19 -4.64 -8.48
CA ARG A 50 4.89 -3.38 -8.58
C ARG A 50 5.53 -3.02 -7.24
N SER A 51 6.42 -2.03 -7.29
CA SER A 51 7.11 -1.59 -6.08
C SER A 51 7.38 -0.08 -6.16
N GLY A 52 7.36 0.56 -5.01
CA GLY A 52 7.61 1.99 -4.93
C GLY A 52 7.25 2.54 -3.55
N ILE A 53 7.47 3.83 -3.39
CA ILE A 53 7.18 4.50 -2.13
C ILE A 53 5.89 5.31 -2.28
N PHE A 54 5.27 5.58 -1.14
CA PHE A 54 4.03 6.36 -1.14
C PHE A 54 3.84 7.06 0.21
N PRO A 55 2.96 8.10 0.18
CA PRO A 55 2.69 8.87 1.39
C PRO A 55 1.80 8.08 2.35
N SER A 56 2.29 7.92 3.57
CA SER A 56 1.55 7.20 4.58
C SER A 56 0.37 8.04 5.08
N ASN A 57 -0.49 8.39 4.13
CA ASN A 57 -1.66 9.19 4.46
C ASN A 57 -2.77 8.90 3.44
N TYR A 58 -2.37 8.83 2.18
CA TYR A 58 -3.31 8.56 1.11
C TYR A 58 -3.70 7.08 1.09
N VAL A 59 -3.19 6.35 2.06
CA VAL A 59 -3.47 4.93 2.17
C VAL A 59 -4.08 4.63 3.54
N LYS A 60 -5.06 3.74 3.55
CA LYS A 60 -5.73 3.37 4.78
C LYS A 60 -5.55 1.87 5.01
N PRO A 61 -5.71 1.47 6.30
CA PRO A 61 -5.56 0.07 6.67
C PRO A 61 -6.78 -0.75 6.23
N LYS A 62 -6.51 -1.72 5.37
CA LYS A 62 -7.58 -2.58 4.87
C LYS A 62 -8.32 -3.20 6.04
N ASP A 63 -9.45 -2.59 6.38
CA ASP A 63 -10.27 -3.08 7.47
C ASP A 63 -11.44 -3.90 6.91
N SER A 64 -11.68 -5.02 7.55
CA SER A 64 -12.76 -5.91 7.12
C SER A 64 -13.20 -6.79 8.30
N GLY A 65 -14.51 -6.94 8.41
CA GLY A 65 -15.08 -7.75 9.48
C GLY A 65 -16.60 -7.85 9.34
N PRO A 66 -17.30 -6.83 9.91
CA PRO A 66 -18.75 -6.80 9.85
C PRO A 66 -19.24 -6.40 8.46
N SER A 67 -19.51 -7.41 7.65
CA SER A 67 -19.97 -7.19 6.29
C SER A 67 -20.21 -8.53 5.60
N SER A 68 -21.12 -8.50 4.62
CA SER A 68 -21.45 -9.69 3.87
C SER A 68 -21.90 -10.80 4.82
N GLY A 69 -23.17 -10.76 5.17
CA GLY A 69 -23.74 -11.75 6.08
C GLY A 69 -25.03 -12.34 5.50
N GLY A 1 9.05 -27.96 6.78
CA GLY A 1 9.85 -27.17 5.87
C GLY A 1 9.05 -25.98 5.33
N SER A 2 9.75 -24.85 5.21
CA SER A 2 9.12 -23.64 4.72
C SER A 2 10.14 -22.81 3.94
N SER A 3 9.63 -22.00 3.02
CA SER A 3 10.48 -21.15 2.21
C SER A 3 11.01 -19.99 3.05
N GLY A 4 10.07 -19.21 3.58
CA GLY A 4 10.42 -18.06 4.40
C GLY A 4 9.22 -17.56 5.19
N SER A 5 9.15 -16.24 5.32
CA SER A 5 8.04 -15.62 6.04
C SER A 5 7.94 -14.14 5.66
N SER A 6 7.41 -13.90 4.47
CA SER A 6 7.25 -12.54 3.98
C SER A 6 5.77 -12.21 3.85
N GLY A 7 5.29 -11.38 4.78
CA GLY A 7 3.90 -10.98 4.78
C GLY A 7 3.74 -9.58 4.17
N GLY A 8 2.93 -8.77 4.84
CA GLY A 8 2.68 -7.41 4.37
C GLY A 8 1.39 -6.85 4.99
N GLU A 9 1.19 -5.56 4.77
CA GLU A 9 0.02 -4.89 5.30
C GLU A 9 -0.88 -4.41 4.16
N GLU A 10 -2.12 -4.86 4.19
CA GLU A 10 -3.09 -4.49 3.16
C GLU A 10 -3.67 -3.11 3.48
N TYR A 11 -3.46 -2.19 2.54
CA TYR A 11 -3.96 -0.83 2.70
C TYR A 11 -4.75 -0.40 1.46
N ILE A 12 -5.74 0.46 1.72
CA ILE A 12 -6.58 0.96 0.63
C ILE A 12 -6.19 2.41 0.33
N ALA A 13 -6.17 2.72 -0.96
CA ALA A 13 -5.82 4.07 -1.40
C ALA A 13 -7.00 4.99 -1.16
N LEU A 14 -6.79 5.98 -0.30
CA LEU A 14 -7.83 6.94 0.02
C LEU A 14 -8.00 7.91 -1.15
N TYR A 15 -6.87 8.31 -1.71
CA TYR A 15 -6.87 9.24 -2.83
C TYR A 15 -5.89 8.79 -3.91
N PRO A 16 -6.19 9.22 -5.17
CA PRO A 16 -5.34 8.87 -6.30
C PRO A 16 -4.05 9.68 -6.30
N TYR A 17 -2.93 8.97 -6.16
CA TYR A 17 -1.63 9.62 -6.13
C TYR A 17 -0.90 9.42 -7.45
N SER A 18 -0.56 10.53 -8.09
CA SER A 18 0.13 10.49 -9.36
C SER A 18 1.45 11.28 -9.26
N SER A 19 2.54 10.57 -9.42
CA SER A 19 3.86 11.18 -9.35
C SER A 19 4.67 10.83 -10.60
N VAL A 20 5.73 11.59 -10.82
CA VAL A 20 6.59 11.37 -11.97
C VAL A 20 8.01 11.08 -11.48
N GLU A 21 8.09 10.35 -10.37
CA GLU A 21 9.37 10.01 -9.80
C GLU A 21 9.77 8.57 -10.18
N PRO A 22 11.09 8.39 -10.47
CA PRO A 22 11.59 7.09 -10.86
C PRO A 22 11.69 6.16 -9.65
N GLY A 23 10.59 6.09 -8.90
CA GLY A 23 10.54 5.25 -7.72
C GLY A 23 9.33 5.59 -6.85
N ASP A 24 8.22 5.85 -7.52
CA ASP A 24 6.99 6.19 -6.83
C ASP A 24 5.84 5.31 -7.33
N LEU A 25 5.30 4.53 -6.41
CA LEU A 25 4.21 3.63 -6.75
C LEU A 25 2.97 4.45 -7.12
N THR A 26 2.71 4.51 -8.42
CA THR A 26 1.57 5.25 -8.91
C THR A 26 0.30 4.40 -8.84
N PHE A 27 -0.73 4.97 -8.22
CA PHE A 27 -2.00 4.27 -8.08
C PHE A 27 -3.15 5.26 -7.96
N THR A 28 -4.37 4.71 -7.99
CA THR A 28 -5.56 5.53 -7.88
C THR A 28 -6.35 5.16 -6.63
N GLU A 29 -7.32 6.01 -6.31
CA GLU A 29 -8.15 5.78 -5.15
C GLU A 29 -8.96 4.49 -5.31
N GLY A 30 -8.83 3.62 -4.32
CA GLY A 30 -9.53 2.34 -4.35
C GLY A 30 -8.56 1.18 -4.53
N GLU A 31 -7.45 1.47 -5.19
CA GLU A 31 -6.43 0.48 -5.44
C GLU A 31 -5.97 -0.15 -4.12
N GLU A 32 -5.54 -1.40 -4.22
CA GLU A 32 -5.06 -2.11 -3.04
C GLU A 32 -3.53 -2.15 -3.02
N ILE A 33 -2.97 -1.37 -2.10
CA ILE A 33 -1.52 -1.30 -1.96
C ILE A 33 -1.09 -2.20 -0.81
N LEU A 34 -0.10 -3.05 -1.10
CA LEU A 34 0.42 -3.96 -0.10
C LEU A 34 1.73 -3.40 0.47
N VAL A 35 1.62 -2.83 1.66
CA VAL A 35 2.77 -2.25 2.32
C VAL A 35 3.56 -3.36 3.02
N THR A 36 4.87 -3.25 2.95
CA THR A 36 5.75 -4.23 3.56
C THR A 36 6.86 -3.53 4.36
N GLN A 37 7.44 -2.51 3.74
CA GLN A 37 8.50 -1.75 4.38
C GLN A 37 8.02 -0.34 4.73
N LYS A 38 8.12 -0.02 6.01
CA LYS A 38 7.68 1.30 6.48
C LYS A 38 8.91 2.06 6.98
N ASP A 39 9.36 3.00 6.16
CA ASP A 39 10.51 3.81 6.51
C ASP A 39 10.07 5.25 6.76
N GLY A 40 9.99 5.60 8.04
CA GLY A 40 9.57 6.94 8.42
C GLY A 40 8.08 7.14 8.16
N GLU A 41 7.76 8.30 7.59
CA GLU A 41 6.38 8.63 7.28
C GLU A 41 5.94 7.93 5.99
N TRP A 42 6.85 7.89 5.03
CA TRP A 42 6.57 7.26 3.75
C TRP A 42 6.91 5.78 3.88
N TRP A 43 5.99 4.95 3.42
CA TRP A 43 6.19 3.51 3.47
C TRP A 43 6.24 2.99 2.03
N THR A 44 6.88 1.84 1.87
CA THR A 44 7.01 1.22 0.57
C THR A 44 5.83 0.29 0.30
N GLY A 45 5.04 0.66 -0.70
CA GLY A 45 3.88 -0.15 -1.07
C GLY A 45 4.15 -0.97 -2.33
N SER A 46 3.25 -1.89 -2.60
CA SER A 46 3.38 -2.74 -3.77
C SER A 46 2.00 -3.02 -4.38
N ILE A 47 1.99 -3.25 -5.68
CA ILE A 47 0.75 -3.53 -6.38
C ILE A 47 0.99 -4.64 -7.40
N GLY A 48 0.40 -5.80 -7.11
CA GLY A 48 0.54 -6.96 -7.98
C GLY A 48 2.00 -7.43 -8.04
N ASP A 49 2.83 -6.63 -8.68
CA ASP A 49 4.24 -6.95 -8.81
C ASP A 49 5.04 -5.67 -9.01
N ARG A 50 4.47 -4.57 -8.53
CA ARG A 50 5.12 -3.28 -8.66
C ARG A 50 5.60 -2.78 -7.29
N SER A 51 6.71 -2.08 -7.31
CA SER A 51 7.29 -1.55 -6.08
C SER A 51 7.60 -0.06 -6.25
N GLY A 52 7.29 0.70 -5.21
CA GLY A 52 7.53 2.13 -5.23
C GLY A 52 7.19 2.76 -3.87
N ILE A 53 7.40 4.07 -3.80
CA ILE A 53 7.12 4.80 -2.57
C ILE A 53 5.79 5.53 -2.72
N PHE A 54 5.19 5.85 -1.57
CA PHE A 54 3.92 6.54 -1.56
C PHE A 54 3.66 7.18 -0.19
N PRO A 55 2.71 8.15 -0.18
CA PRO A 55 2.37 8.84 1.05
C PRO A 55 1.51 7.95 1.95
N SER A 56 2.04 7.71 3.15
CA SER A 56 1.35 6.88 4.12
C SER A 56 0.06 7.57 4.57
N ASN A 57 -0.03 8.85 4.26
CA ASN A 57 -1.19 9.64 4.63
C ASN A 57 -2.27 9.48 3.55
N TYR A 58 -1.92 8.69 2.53
CA TYR A 58 -2.85 8.45 1.43
C TYR A 58 -3.20 6.96 1.34
N VAL A 59 -3.18 6.30 2.48
CA VAL A 59 -3.49 4.88 2.53
C VAL A 59 -4.20 4.57 3.85
N LYS A 60 -5.19 3.69 3.76
CA LYS A 60 -5.96 3.30 4.93
C LYS A 60 -5.78 1.79 5.17
N PRO A 61 -5.96 1.39 6.45
CA PRO A 61 -5.83 0.00 6.83
C PRO A 61 -7.04 -0.81 6.37
N LYS A 62 -6.79 -1.78 5.50
CA LYS A 62 -7.86 -2.62 4.99
C LYS A 62 -8.63 -3.22 6.16
N ASP A 63 -9.75 -2.58 6.47
CA ASP A 63 -10.59 -3.04 7.56
C ASP A 63 -11.87 -2.21 7.60
N SER A 64 -12.91 -2.80 8.19
CA SER A 64 -14.18 -2.12 8.30
C SER A 64 -14.91 -2.57 9.57
N GLY A 65 -15.96 -1.83 9.91
CA GLY A 65 -16.74 -2.15 11.09
C GLY A 65 -18.24 -2.01 10.81
N PRO A 66 -18.89 -1.11 11.58
CA PRO A 66 -20.31 -0.88 11.43
C PRO A 66 -20.61 -0.06 10.17
N SER A 67 -19.93 1.08 10.07
CA SER A 67 -20.11 1.95 8.93
C SER A 67 -18.77 2.16 8.21
N SER A 68 -18.75 1.78 6.95
CA SER A 68 -17.54 1.91 6.15
C SER A 68 -17.41 3.35 5.63
N GLY A 69 -16.20 3.87 5.72
CA GLY A 69 -15.93 5.22 5.28
C GLY A 69 -14.74 5.24 4.30
N GLY A 1 -6.12 -23.56 -0.85
CA GLY A 1 -5.19 -23.64 0.27
C GLY A 1 -4.04 -22.64 0.10
N SER A 2 -2.88 -23.18 -0.24
CA SER A 2 -1.70 -22.36 -0.42
C SER A 2 -1.39 -21.58 0.85
N SER A 3 -0.35 -22.04 1.55
CA SER A 3 0.05 -21.39 2.78
C SER A 3 1.39 -20.67 2.58
N GLY A 4 1.53 -19.55 3.28
CA GLY A 4 2.74 -18.76 3.19
C GLY A 4 2.48 -17.30 3.58
N SER A 5 3.33 -16.80 4.46
CA SER A 5 3.21 -15.43 4.93
C SER A 5 4.59 -14.76 4.97
N SER A 6 4.59 -13.47 4.68
CA SER A 6 5.83 -12.72 4.68
C SER A 6 5.77 -11.63 5.76
N GLY A 7 4.82 -10.74 5.61
CA GLY A 7 4.64 -9.64 6.55
C GLY A 7 4.30 -8.34 5.84
N GLY A 8 3.10 -8.30 5.27
CA GLY A 8 2.65 -7.12 4.55
C GLY A 8 1.31 -6.63 5.10
N GLU A 9 1.11 -5.33 5.01
CA GLU A 9 -0.13 -4.72 5.49
C GLU A 9 -0.97 -4.22 4.31
N GLU A 10 -2.18 -4.76 4.23
CA GLU A 10 -3.08 -4.38 3.16
C GLU A 10 -3.68 -3.00 3.43
N TYR A 11 -3.42 -2.08 2.52
CA TYR A 11 -3.92 -0.73 2.64
C TYR A 11 -4.70 -0.30 1.39
N ILE A 12 -5.74 0.48 1.61
CA ILE A 12 -6.57 0.96 0.53
C ILE A 12 -6.20 2.41 0.19
N ALA A 13 -6.10 2.68 -1.10
CA ALA A 13 -5.76 4.02 -1.56
C ALA A 13 -6.98 4.93 -1.43
N LEU A 14 -6.92 5.82 -0.45
CA LEU A 14 -8.01 6.75 -0.22
C LEU A 14 -8.19 7.64 -1.45
N TYR A 15 -7.09 8.24 -1.87
CA TYR A 15 -7.12 9.11 -3.04
C TYR A 15 -6.02 8.72 -4.03
N PRO A 16 -6.25 9.13 -5.31
CA PRO A 16 -5.28 8.84 -6.37
C PRO A 16 -4.05 9.74 -6.26
N TYR A 17 -2.90 9.10 -6.10
CA TYR A 17 -1.65 9.83 -5.98
C TYR A 17 -0.76 9.59 -7.20
N SER A 18 -0.51 10.67 -7.93
CA SER A 18 0.33 10.58 -9.12
C SER A 18 1.70 11.17 -8.83
N SER A 19 2.72 10.52 -9.38
CA SER A 19 4.09 10.97 -9.19
C SER A 19 4.78 11.14 -10.54
N VAL A 20 5.78 12.00 -10.56
CA VAL A 20 6.53 12.27 -11.78
C VAL A 20 7.75 11.36 -11.83
N GLU A 21 8.08 10.80 -10.68
CA GLU A 21 9.23 9.90 -10.58
C GLU A 21 8.76 8.45 -10.56
N PRO A 22 9.53 7.59 -11.29
CA PRO A 22 9.21 6.18 -11.37
C PRO A 22 9.58 5.46 -10.08
N GLY A 23 10.12 6.23 -9.14
CA GLY A 23 10.51 5.68 -7.85
C GLY A 23 9.32 5.54 -6.92
N ASP A 24 8.45 6.54 -6.98
CA ASP A 24 7.25 6.53 -6.14
C ASP A 24 6.20 5.61 -6.76
N LEU A 25 5.51 4.89 -5.88
CA LEU A 25 4.47 3.97 -6.33
C LEU A 25 3.22 4.75 -6.69
N THR A 26 2.93 4.79 -7.98
CA THR A 26 1.75 5.50 -8.46
C THR A 26 0.53 4.59 -8.42
N PHE A 27 -0.52 5.10 -7.78
CA PHE A 27 -1.76 4.35 -7.67
C PHE A 27 -2.97 5.29 -7.62
N THR A 28 -4.13 4.72 -7.92
CA THR A 28 -5.37 5.49 -7.92
C THR A 28 -6.23 5.09 -6.72
N GLU A 29 -7.29 5.86 -6.53
CA GLU A 29 -8.21 5.60 -5.43
C GLU A 29 -8.93 4.28 -5.64
N GLY A 30 -8.89 3.45 -4.60
CA GLY A 30 -9.53 2.14 -4.67
C GLY A 30 -8.49 1.03 -4.79
N GLU A 31 -7.37 1.37 -5.39
CA GLU A 31 -6.29 0.41 -5.58
C GLU A 31 -5.87 -0.19 -4.23
N GLU A 32 -5.34 -1.40 -4.30
CA GLU A 32 -4.90 -2.09 -3.11
C GLU A 32 -3.37 -2.12 -3.04
N ILE A 33 -2.83 -1.28 -2.17
CA ILE A 33 -1.39 -1.19 -2.00
C ILE A 33 -0.97 -2.11 -0.84
N LEU A 34 -0.06 -3.02 -1.17
CA LEU A 34 0.43 -3.96 -0.17
C LEU A 34 1.71 -3.41 0.45
N VAL A 35 1.58 -2.95 1.68
CA VAL A 35 2.72 -2.39 2.39
C VAL A 35 3.57 -3.53 2.96
N THR A 36 4.88 -3.34 2.91
CA THR A 36 5.81 -4.34 3.41
C THR A 36 6.87 -3.68 4.28
N GLN A 37 7.39 -2.56 3.80
CA GLN A 37 8.42 -1.84 4.51
C GLN A 37 7.94 -0.42 4.83
N LYS A 38 8.10 -0.03 6.09
CA LYS A 38 7.68 1.29 6.53
C LYS A 38 8.93 2.09 6.92
N ASP A 39 9.32 2.98 6.02
CA ASP A 39 10.48 3.82 6.26
C ASP A 39 10.02 5.22 6.69
N GLY A 40 10.13 5.46 7.98
CA GLY A 40 9.72 6.74 8.53
C GLY A 40 8.26 7.04 8.22
N GLU A 41 8.03 8.15 7.54
CA GLU A 41 6.69 8.56 7.17
C GLU A 41 6.32 7.99 5.80
N TRP A 42 7.35 7.76 4.99
CA TRP A 42 7.14 7.22 3.66
C TRP A 42 7.34 5.71 3.72
N TRP A 43 6.24 5.00 3.59
CA TRP A 43 6.28 3.55 3.63
C TRP A 43 6.38 3.02 2.19
N THR A 44 6.73 1.75 2.08
CA THR A 44 6.88 1.14 0.77
C THR A 44 5.68 0.22 0.49
N GLY A 45 4.92 0.60 -0.54
CA GLY A 45 3.75 -0.17 -0.92
C GLY A 45 4.03 -1.01 -2.17
N SER A 46 3.10 -1.89 -2.47
CA SER A 46 3.23 -2.76 -3.63
C SER A 46 1.86 -3.01 -4.26
N ILE A 47 1.88 -3.21 -5.57
CA ILE A 47 0.65 -3.46 -6.31
C ILE A 47 0.88 -4.57 -7.33
N GLY A 48 0.27 -5.71 -7.07
CA GLY A 48 0.41 -6.86 -7.95
C GLY A 48 1.86 -7.33 -8.03
N ASP A 49 2.66 -6.56 -8.77
CA ASP A 49 4.07 -6.89 -8.93
C ASP A 49 4.88 -5.59 -9.03
N ARG A 50 4.27 -4.51 -8.55
CA ARG A 50 4.92 -3.21 -8.58
C ARG A 50 5.43 -2.84 -7.19
N SER A 51 6.57 -2.17 -7.16
CA SER A 51 7.17 -1.74 -5.91
C SER A 51 7.64 -0.29 -6.02
N GLY A 52 7.41 0.44 -4.93
CA GLY A 52 7.80 1.85 -4.89
C GLY A 52 7.44 2.48 -3.55
N ILE A 53 7.75 3.75 -3.42
CA ILE A 53 7.46 4.48 -2.20
C ILE A 53 6.21 5.33 -2.40
N PHE A 54 5.60 5.71 -1.28
CA PHE A 54 4.40 6.53 -1.32
C PHE A 54 4.17 7.21 0.02
N PRO A 55 3.30 8.26 -0.02
CA PRO A 55 2.98 9.02 1.19
C PRO A 55 2.04 8.23 2.10
N SER A 56 2.53 7.95 3.29
CA SER A 56 1.74 7.20 4.27
C SER A 56 0.59 8.06 4.78
N ASN A 57 -0.25 8.48 3.84
CA ASN A 57 -1.39 9.31 4.18
C ASN A 57 -2.56 8.97 3.24
N TYR A 58 -2.23 8.81 1.98
CA TYR A 58 -3.22 8.48 0.98
C TYR A 58 -3.50 6.98 0.94
N VAL A 59 -3.47 6.37 2.12
CA VAL A 59 -3.71 4.95 2.24
C VAL A 59 -4.41 4.66 3.58
N LYS A 60 -5.35 3.74 3.53
CA LYS A 60 -6.10 3.37 4.72
C LYS A 60 -5.90 1.88 4.99
N PRO A 61 -6.07 1.50 6.28
CA PRO A 61 -5.91 0.12 6.70
C PRO A 61 -7.12 -0.72 6.27
N LYS A 62 -6.86 -1.69 5.41
CA LYS A 62 -7.91 -2.56 4.91
C LYS A 62 -8.66 -3.16 6.11
N ASP A 63 -9.79 -2.55 6.42
CA ASP A 63 -10.60 -3.01 7.53
C ASP A 63 -11.42 -4.23 7.09
N SER A 64 -12.04 -4.09 5.94
CA SER A 64 -12.85 -5.17 5.39
C SER A 64 -12.52 -5.37 3.91
N GLY A 65 -11.88 -6.50 3.63
CA GLY A 65 -11.49 -6.81 2.26
C GLY A 65 -12.54 -7.71 1.60
N PRO A 66 -12.59 -8.98 2.07
CA PRO A 66 -13.55 -9.95 1.54
C PRO A 66 -14.96 -9.66 2.05
N SER A 67 -15.94 -9.94 1.19
CA SER A 67 -17.33 -9.72 1.53
C SER A 67 -18.21 -10.73 0.81
N SER A 68 -19.09 -11.35 1.58
CA SER A 68 -20.00 -12.35 1.03
C SER A 68 -21.43 -11.79 1.00
N GLY A 69 -22.25 -12.41 0.17
CA GLY A 69 -23.64 -12.00 0.05
C GLY A 69 -23.77 -10.80 -0.90
N GLY A 1 18.31 -19.02 8.03
CA GLY A 1 17.13 -18.63 7.29
C GLY A 1 16.52 -17.33 7.84
N SER A 2 15.24 -17.15 7.59
CA SER A 2 14.55 -15.97 8.05
C SER A 2 13.23 -16.36 8.74
N SER A 3 12.76 -15.48 9.61
CA SER A 3 11.53 -15.72 10.33
C SER A 3 10.42 -14.79 9.82
N GLY A 4 9.19 -15.27 9.92
CA GLY A 4 8.05 -14.50 9.47
C GLY A 4 8.19 -14.10 8.00
N SER A 5 8.01 -15.09 7.13
CA SER A 5 8.11 -14.87 5.70
C SER A 5 7.08 -13.84 5.26
N SER A 6 5.81 -14.18 5.50
CA SER A 6 4.72 -13.30 5.12
C SER A 6 4.77 -12.02 5.96
N GLY A 7 5.16 -10.94 5.29
CA GLY A 7 5.26 -9.65 5.96
C GLY A 7 4.77 -8.53 5.05
N GLY A 8 3.57 -8.04 5.35
CA GLY A 8 2.97 -6.98 4.56
C GLY A 8 1.64 -6.54 5.17
N GLU A 9 1.33 -5.27 4.99
CA GLU A 9 0.09 -4.71 5.51
C GLU A 9 -0.77 -4.18 4.36
N GLU A 10 -1.99 -4.69 4.29
CA GLU A 10 -2.92 -4.27 3.26
C GLU A 10 -3.46 -2.88 3.55
N TYR A 11 -3.52 -2.06 2.51
CA TYR A 11 -4.02 -0.70 2.65
C TYR A 11 -4.86 -0.30 1.44
N ILE A 12 -5.85 0.54 1.70
CA ILE A 12 -6.74 1.00 0.64
C ILE A 12 -6.37 2.44 0.28
N ALA A 13 -6.25 2.65 -1.03
CA ALA A 13 -5.89 3.97 -1.54
C ALA A 13 -7.09 4.92 -1.37
N LEU A 14 -6.88 5.95 -0.56
CA LEU A 14 -7.93 6.91 -0.31
C LEU A 14 -8.06 7.84 -1.52
N TYR A 15 -6.94 8.39 -1.95
CA TYR A 15 -6.91 9.28 -3.09
C TYR A 15 -5.91 8.80 -4.14
N PRO A 16 -6.18 9.20 -5.41
CA PRO A 16 -5.31 8.82 -6.51
C PRO A 16 -4.01 9.64 -6.50
N TYR A 17 -2.93 8.96 -6.14
CA TYR A 17 -1.64 9.61 -6.07
C TYR A 17 -0.80 9.26 -7.30
N SER A 18 -0.49 10.28 -8.09
CA SER A 18 0.30 10.10 -9.29
C SER A 18 1.54 11.00 -9.24
N SER A 19 2.61 10.51 -9.86
CA SER A 19 3.85 11.26 -9.89
C SER A 19 4.83 10.59 -10.86
N VAL A 20 5.49 11.43 -11.66
CA VAL A 20 6.46 10.93 -12.62
C VAL A 20 7.79 10.70 -11.93
N GLU A 21 7.73 9.94 -10.85
CA GLU A 21 8.93 9.64 -10.09
C GLU A 21 9.22 8.13 -10.13
N PRO A 22 10.44 7.79 -10.62
CA PRO A 22 10.85 6.40 -10.72
C PRO A 22 11.21 5.83 -9.34
N GLY A 23 10.29 6.02 -8.41
CA GLY A 23 10.50 5.53 -7.06
C GLY A 23 9.16 5.45 -6.30
N ASP A 24 8.33 6.46 -6.49
CA ASP A 24 7.04 6.50 -5.84
C ASP A 24 6.08 5.56 -6.55
N LEU A 25 5.33 4.81 -5.75
CA LEU A 25 4.37 3.86 -6.29
C LEU A 25 3.10 4.61 -6.70
N THR A 26 2.90 4.69 -8.01
CA THR A 26 1.74 5.37 -8.55
C THR A 26 0.51 4.47 -8.46
N PHE A 27 -0.60 5.07 -8.03
CA PHE A 27 -1.84 4.33 -7.91
C PHE A 27 -3.04 5.27 -7.94
N THR A 28 -4.23 4.67 -7.89
CA THR A 28 -5.46 5.45 -7.91
C THR A 28 -6.29 5.15 -6.66
N GLU A 29 -7.34 5.95 -6.48
CA GLU A 29 -8.21 5.78 -5.34
C GLU A 29 -9.02 4.49 -5.47
N GLY A 30 -8.90 3.65 -4.45
CA GLY A 30 -9.60 2.38 -4.43
C GLY A 30 -8.63 1.21 -4.56
N GLU A 31 -7.54 1.46 -5.27
CA GLU A 31 -6.52 0.44 -5.48
C GLU A 31 -6.07 -0.12 -4.13
N GLU A 32 -5.53 -1.33 -4.19
CA GLU A 32 -5.05 -2.00 -2.99
C GLU A 32 -3.52 -2.06 -2.98
N ILE A 33 -2.94 -1.20 -2.15
CA ILE A 33 -1.49 -1.15 -2.04
C ILE A 33 -1.03 -2.05 -0.89
N LEU A 34 -0.09 -2.92 -1.21
CA LEU A 34 0.44 -3.86 -0.22
C LEU A 34 1.76 -3.31 0.32
N VAL A 35 1.72 -2.83 1.55
CA VAL A 35 2.90 -2.29 2.19
C VAL A 35 3.68 -3.42 2.85
N THR A 36 4.95 -3.51 2.48
CA THR A 36 5.82 -4.54 3.02
C THR A 36 6.92 -3.91 3.88
N GLN A 37 7.19 -2.65 3.60
CA GLN A 37 8.22 -1.92 4.34
C GLN A 37 7.72 -0.51 4.69
N LYS A 38 7.88 -0.16 5.96
CA LYS A 38 7.46 1.15 6.42
C LYS A 38 8.69 1.95 6.87
N ASP A 39 9.10 2.87 6.00
CA ASP A 39 10.26 3.70 6.29
C ASP A 39 9.78 5.07 6.77
N GLY A 40 9.89 5.27 8.08
CA GLY A 40 9.47 6.52 8.68
C GLY A 40 8.02 6.84 8.35
N GLU A 41 7.84 7.95 7.64
CA GLU A 41 6.51 8.38 7.24
C GLU A 41 6.18 7.84 5.85
N TRP A 42 7.22 7.68 5.05
CA TRP A 42 7.04 7.19 3.69
C TRP A 42 7.22 5.67 3.72
N TRP A 43 6.12 4.97 3.53
CA TRP A 43 6.14 3.51 3.54
C TRP A 43 6.27 3.04 2.09
N THR A 44 6.62 1.77 1.95
CA THR A 44 6.79 1.19 0.63
C THR A 44 5.61 0.26 0.31
N GLY A 45 4.85 0.63 -0.70
CA GLY A 45 3.70 -0.15 -1.12
C GLY A 45 4.03 -0.97 -2.37
N SER A 46 3.10 -1.86 -2.71
CA SER A 46 3.27 -2.71 -3.87
C SER A 46 1.92 -2.95 -4.54
N ILE A 47 1.97 -3.13 -5.86
CA ILE A 47 0.76 -3.37 -6.63
C ILE A 47 1.03 -4.46 -7.67
N GLY A 48 0.42 -5.62 -7.45
CA GLY A 48 0.59 -6.73 -8.36
C GLY A 48 2.05 -7.20 -8.40
N ASP A 49 2.86 -6.42 -9.09
CA ASP A 49 4.28 -6.74 -9.20
C ASP A 49 5.08 -5.44 -9.29
N ARG A 50 4.47 -4.38 -8.80
CA ARG A 50 5.12 -3.07 -8.81
C ARG A 50 5.64 -2.72 -7.42
N SER A 51 6.70 -1.91 -7.40
CA SER A 51 7.30 -1.50 -6.15
C SER A 51 7.64 0.00 -6.19
N GLY A 52 7.33 0.68 -5.10
CA GLY A 52 7.59 2.10 -5.01
C GLY A 52 7.22 2.63 -3.62
N ILE A 53 7.48 3.92 -3.43
CA ILE A 53 7.17 4.57 -2.17
C ILE A 53 5.89 5.39 -2.32
N PHE A 54 5.26 5.64 -1.18
CA PHE A 54 4.02 6.41 -1.17
C PHE A 54 3.83 7.10 0.18
N PRO A 55 2.95 8.14 0.15
CA PRO A 55 2.66 8.90 1.37
C PRO A 55 1.76 8.10 2.31
N SER A 56 2.24 7.92 3.53
CA SER A 56 1.49 7.18 4.53
C SER A 56 0.33 8.03 5.04
N ASN A 57 -0.53 8.42 4.11
CA ASN A 57 -1.69 9.23 4.45
C ASN A 57 -2.81 8.94 3.45
N TYR A 58 -2.45 8.89 2.19
CA TYR A 58 -3.42 8.63 1.13
C TYR A 58 -3.85 7.17 1.15
N VAL A 59 -3.28 6.42 2.08
CA VAL A 59 -3.60 5.00 2.21
C VAL A 59 -4.11 4.73 3.64
N LYS A 60 -5.11 3.88 3.72
CA LYS A 60 -5.70 3.53 5.00
C LYS A 60 -5.51 2.03 5.24
N PRO A 61 -5.61 1.63 6.53
CA PRO A 61 -5.46 0.24 6.91
C PRO A 61 -6.72 -0.57 6.54
N LYS A 62 -6.53 -1.49 5.60
CA LYS A 62 -7.61 -2.33 5.15
C LYS A 62 -8.31 -2.95 6.36
N ASP A 63 -9.41 -2.31 6.77
CA ASP A 63 -10.17 -2.78 7.91
C ASP A 63 -11.03 -3.97 7.47
N SER A 64 -10.96 -5.04 8.27
CA SER A 64 -11.73 -6.24 7.98
C SER A 64 -11.70 -7.18 9.18
N GLY A 65 -12.89 -7.54 9.64
CA GLY A 65 -13.02 -8.43 10.77
C GLY A 65 -13.57 -7.69 11.99
N PRO A 66 -14.93 -7.56 12.02
CA PRO A 66 -15.60 -6.88 13.12
C PRO A 66 -15.61 -7.75 14.38
N SER A 67 -14.43 -7.94 14.95
CA SER A 67 -14.29 -8.74 16.15
C SER A 67 -14.84 -10.15 15.90
N SER A 68 -13.95 -11.04 15.50
CA SER A 68 -14.32 -12.42 15.24
C SER A 68 -14.96 -13.04 16.48
N GLY A 69 -16.20 -13.47 16.31
CA GLY A 69 -16.94 -14.08 17.41
C GLY A 69 -18.34 -13.50 17.53
N GLY A 1 10.55 -18.22 -9.63
CA GLY A 1 9.19 -17.99 -9.16
C GLY A 1 9.18 -17.62 -7.68
N SER A 2 9.39 -16.34 -7.41
CA SER A 2 9.40 -15.84 -6.05
C SER A 2 8.81 -14.43 -6.00
N SER A 3 7.61 -14.36 -5.44
CA SER A 3 6.93 -13.08 -5.33
C SER A 3 6.50 -12.85 -3.87
N GLY A 4 7.34 -12.13 -3.15
CA GLY A 4 7.06 -11.84 -1.75
C GLY A 4 8.32 -11.95 -0.90
N SER A 5 8.17 -11.60 0.37
CA SER A 5 9.30 -11.65 1.30
C SER A 5 8.91 -12.45 2.54
N SER A 6 7.87 -11.99 3.21
CA SER A 6 7.39 -12.65 4.41
C SER A 6 5.89 -12.39 4.59
N GLY A 7 5.55 -11.11 4.64
CA GLY A 7 4.16 -10.71 4.81
C GLY A 7 3.87 -9.41 4.07
N GLY A 8 2.98 -8.62 4.66
CA GLY A 8 2.61 -7.34 4.07
C GLY A 8 1.33 -6.80 4.71
N GLU A 9 1.11 -5.51 4.51
CA GLU A 9 -0.06 -4.85 5.06
C GLU A 9 -0.94 -4.31 3.94
N GLU A 10 -2.19 -4.77 3.93
CA GLU A 10 -3.13 -4.34 2.92
C GLU A 10 -3.71 -2.97 3.27
N TYR A 11 -3.50 -2.03 2.38
CA TYR A 11 -3.99 -0.67 2.58
C TYR A 11 -4.76 -0.18 1.36
N ILE A 12 -5.77 0.63 1.63
CA ILE A 12 -6.60 1.18 0.57
C ILE A 12 -6.18 2.63 0.31
N ALA A 13 -6.11 2.95 -0.98
CA ALA A 13 -5.72 4.29 -1.38
C ALA A 13 -6.92 5.23 -1.27
N LEU A 14 -6.90 6.06 -0.24
CA LEU A 14 -7.97 6.99 0.00
C LEU A 14 -8.12 7.91 -1.21
N TYR A 15 -6.99 8.40 -1.69
CA TYR A 15 -6.97 9.29 -2.84
C TYR A 15 -5.96 8.81 -3.89
N PRO A 16 -6.22 9.20 -5.17
CA PRO A 16 -5.35 8.82 -6.26
C PRO A 16 -4.06 9.64 -6.24
N TYR A 17 -2.95 8.93 -6.09
CA TYR A 17 -1.64 9.59 -6.05
C TYR A 17 -0.86 9.31 -7.32
N SER A 18 -0.56 10.38 -8.04
CA SER A 18 0.19 10.27 -9.28
C SER A 18 1.47 11.09 -9.20
N SER A 19 2.57 10.44 -9.53
CA SER A 19 3.87 11.10 -9.50
C SER A 19 4.73 10.62 -10.67
N VAL A 20 5.84 11.32 -10.86
CA VAL A 20 6.75 10.98 -11.95
C VAL A 20 8.15 10.73 -11.37
N GLU A 21 8.18 9.97 -10.29
CA GLU A 21 9.44 9.65 -9.64
C GLU A 21 9.84 8.20 -9.92
N PRO A 22 11.16 8.00 -10.11
CA PRO A 22 11.68 6.67 -10.39
C PRO A 22 11.71 5.81 -9.13
N GLY A 23 10.56 5.79 -8.44
CA GLY A 23 10.45 5.02 -7.22
C GLY A 23 9.19 5.44 -6.44
N ASP A 24 8.12 5.65 -7.18
CA ASP A 24 6.86 6.05 -6.56
C ASP A 24 5.74 5.14 -7.07
N LEU A 25 5.16 4.40 -6.13
CA LEU A 25 4.08 3.48 -6.47
C LEU A 25 2.83 4.29 -6.85
N THR A 26 2.60 4.36 -8.15
CA THR A 26 1.45 5.10 -8.66
C THR A 26 0.18 4.24 -8.54
N PHE A 27 -0.83 4.84 -7.93
CA PHE A 27 -2.10 4.15 -7.74
C PHE A 27 -3.25 5.15 -7.67
N THR A 28 -4.46 4.61 -7.76
CA THR A 28 -5.66 5.44 -7.70
C THR A 28 -6.44 5.17 -6.42
N GLU A 29 -7.48 5.96 -6.22
CA GLU A 29 -8.32 5.81 -5.05
C GLU A 29 -9.12 4.49 -5.11
N GLY A 30 -9.05 3.75 -4.02
CA GLY A 30 -9.75 2.48 -3.94
C GLY A 30 -8.80 1.31 -4.19
N GLU A 31 -7.78 1.59 -5.00
CA GLU A 31 -6.79 0.57 -5.33
C GLU A 31 -6.20 -0.02 -4.05
N GLU A 32 -5.93 -1.31 -4.09
CA GLU A 32 -5.36 -2.01 -2.94
C GLU A 32 -3.83 -2.01 -3.04
N ILE A 33 -3.21 -1.45 -2.01
CA ILE A 33 -1.76 -1.38 -1.97
C ILE A 33 -1.24 -2.30 -0.86
N LEU A 34 -0.23 -3.08 -1.21
CA LEU A 34 0.35 -4.01 -0.25
C LEU A 34 1.66 -3.41 0.29
N VAL A 35 1.56 -2.89 1.50
CA VAL A 35 2.71 -2.29 2.15
C VAL A 35 3.56 -3.38 2.82
N THR A 36 4.86 -3.24 2.68
CA THR A 36 5.78 -4.21 3.26
C THR A 36 6.87 -3.50 4.06
N GLN A 37 7.39 -2.43 3.46
CA GLN A 37 8.45 -1.66 4.10
C GLN A 37 7.93 -0.25 4.44
N LYS A 38 8.12 0.12 5.71
CA LYS A 38 7.68 1.42 6.17
C LYS A 38 8.89 2.23 6.61
N ASP A 39 9.29 3.16 5.74
CA ASP A 39 10.44 4.00 6.02
C ASP A 39 9.95 5.40 6.43
N GLY A 40 10.02 5.66 7.72
CA GLY A 40 9.59 6.94 8.26
C GLY A 40 8.09 7.16 8.00
N GLU A 41 7.80 8.25 7.31
CA GLU A 41 6.43 8.60 7.00
C GLU A 41 6.00 7.95 5.67
N TRP A 42 6.92 8.00 4.71
CA TRP A 42 6.66 7.41 3.41
C TRP A 42 7.04 5.94 3.46
N TRP A 43 6.05 5.09 3.27
CA TRP A 43 6.27 3.66 3.29
C TRP A 43 6.32 3.16 1.84
N THR A 44 6.87 1.97 1.67
CA THR A 44 7.00 1.37 0.36
C THR A 44 5.85 0.38 0.11
N GLY A 45 5.02 0.71 -0.87
CA GLY A 45 3.89 -0.14 -1.20
C GLY A 45 4.22 -1.04 -2.39
N SER A 46 3.30 -1.96 -2.66
CA SER A 46 3.49 -2.89 -3.76
C SER A 46 2.13 -3.25 -4.38
N ILE A 47 2.14 -3.43 -5.69
CA ILE A 47 0.92 -3.78 -6.41
C ILE A 47 1.24 -4.85 -7.45
N GLY A 48 0.74 -6.04 -7.20
CA GLY A 48 0.96 -7.16 -8.10
C GLY A 48 2.45 -7.53 -8.18
N ASP A 49 3.20 -6.67 -8.84
CA ASP A 49 4.64 -6.89 -8.98
C ASP A 49 5.34 -5.54 -9.10
N ARG A 50 4.69 -4.52 -8.57
CA ARG A 50 5.25 -3.17 -8.61
C ARG A 50 5.71 -2.75 -7.21
N SER A 51 6.72 -1.89 -7.19
CA SER A 51 7.27 -1.41 -5.93
C SER A 51 7.63 0.08 -6.06
N GLY A 52 7.40 0.80 -4.98
CA GLY A 52 7.72 2.22 -4.96
C GLY A 52 7.34 2.84 -3.60
N ILE A 53 7.52 4.15 -3.53
CA ILE A 53 7.21 4.87 -2.31
C ILE A 53 5.87 5.59 -2.46
N PHE A 54 5.26 5.90 -1.34
CA PHE A 54 3.98 6.59 -1.33
C PHE A 54 3.70 7.25 0.02
N PRO A 55 2.74 8.20 0.01
CA PRO A 55 2.38 8.92 1.22
C PRO A 55 1.53 8.04 2.14
N SER A 56 2.03 7.81 3.33
CA SER A 56 1.34 6.98 4.31
C SER A 56 0.08 7.71 4.79
N ASN A 57 -0.04 8.96 4.37
CA ASN A 57 -1.18 9.77 4.76
C ASN A 57 -2.25 9.70 3.66
N TYR A 58 -1.96 8.86 2.66
CA TYR A 58 -2.89 8.68 1.55
C TYR A 58 -3.34 7.22 1.43
N VAL A 59 -3.11 6.48 2.51
CA VAL A 59 -3.49 5.08 2.54
C VAL A 59 -4.16 4.76 3.88
N LYS A 60 -5.07 3.80 3.84
CA LYS A 60 -5.79 3.39 5.03
C LYS A 60 -5.64 1.89 5.23
N PRO A 61 -5.85 1.44 6.49
CA PRO A 61 -5.76 0.03 6.81
C PRO A 61 -6.98 -0.74 6.30
N LYS A 62 -6.74 -1.65 5.39
CA LYS A 62 -7.80 -2.46 4.81
C LYS A 62 -8.55 -3.17 5.94
N ASP A 63 -9.68 -2.60 6.31
CA ASP A 63 -10.50 -3.18 7.37
C ASP A 63 -11.67 -3.94 6.75
N SER A 64 -11.78 -5.21 7.12
CA SER A 64 -12.84 -6.06 6.60
C SER A 64 -14.16 -5.29 6.60
N GLY A 65 -14.81 -5.30 5.45
CA GLY A 65 -16.08 -4.62 5.29
C GLY A 65 -16.21 -4.00 3.90
N PRO A 66 -16.89 -2.82 3.85
CA PRO A 66 -17.08 -2.12 2.60
C PRO A 66 -15.79 -1.44 2.14
N SER A 67 -15.41 -1.72 0.90
CA SER A 67 -14.20 -1.16 0.33
C SER A 67 -14.11 0.33 0.69
N SER A 68 -15.13 1.07 0.28
CA SER A 68 -15.17 2.49 0.55
C SER A 68 -13.98 3.20 -0.11
N GLY A 69 -14.30 3.97 -1.14
CA GLY A 69 -13.26 4.70 -1.86
C GLY A 69 -12.46 3.76 -2.77
N GLY A 1 9.05 -10.33 23.15
CA GLY A 1 9.64 -11.47 22.48
C GLY A 1 10.57 -11.02 21.35
N SER A 2 11.38 -11.96 20.87
CA SER A 2 12.31 -11.67 19.80
C SER A 2 11.66 -12.00 18.45
N SER A 3 11.70 -11.01 17.56
CA SER A 3 11.13 -11.18 16.23
C SER A 3 9.66 -11.57 16.35
N GLY A 4 8.80 -10.60 16.07
CA GLY A 4 7.36 -10.84 16.14
C GLY A 4 6.83 -11.36 14.80
N SER A 5 6.21 -10.45 14.06
CA SER A 5 5.65 -10.80 12.76
C SER A 5 5.80 -9.62 11.80
N SER A 6 6.59 -9.85 10.76
CA SER A 6 6.82 -8.82 9.76
C SER A 6 6.52 -9.37 8.37
N GLY A 7 5.44 -8.87 7.79
CA GLY A 7 5.04 -9.31 6.45
C GLY A 7 4.57 -8.12 5.61
N GLY A 8 3.29 -8.16 5.26
CA GLY A 8 2.71 -7.10 4.45
C GLY A 8 1.38 -6.63 5.05
N GLU A 9 1.12 -5.34 4.87
CA GLU A 9 -0.11 -4.75 5.38
C GLU A 9 -0.93 -4.16 4.23
N GLU A 10 -2.15 -4.65 4.12
CA GLU A 10 -3.05 -4.18 3.08
C GLU A 10 -3.59 -2.80 3.43
N TYR A 11 -3.67 -1.95 2.41
CA TYR A 11 -4.16 -0.60 2.59
C TYR A 11 -5.04 -0.17 1.41
N ILE A 12 -6.04 0.64 1.72
CA ILE A 12 -6.95 1.14 0.69
C ILE A 12 -6.58 2.59 0.35
N ALA A 13 -6.23 2.78 -0.91
CA ALA A 13 -5.86 4.10 -1.39
C ALA A 13 -7.05 5.05 -1.23
N LEU A 14 -6.86 6.05 -0.39
CA LEU A 14 -7.91 7.03 -0.15
C LEU A 14 -8.07 7.93 -1.37
N TYR A 15 -6.96 8.55 -1.76
CA TYR A 15 -6.97 9.44 -2.90
C TYR A 15 -6.02 8.92 -4.00
N PRO A 16 -6.31 9.34 -5.26
CA PRO A 16 -5.49 8.93 -6.38
C PRO A 16 -4.16 9.69 -6.41
N TYR A 17 -3.09 8.97 -6.14
CA TYR A 17 -1.77 9.57 -6.12
C TYR A 17 -0.99 9.22 -7.40
N SER A 18 -0.70 10.26 -8.16
CA SER A 18 0.04 10.09 -9.41
C SER A 18 1.33 10.90 -9.37
N SER A 19 2.34 10.38 -10.07
CA SER A 19 3.62 11.03 -10.12
C SER A 19 4.57 10.26 -11.03
N VAL A 20 5.06 10.94 -12.06
CA VAL A 20 5.97 10.32 -13.01
C VAL A 20 7.36 10.24 -12.39
N GLU A 21 7.43 9.60 -11.23
CA GLU A 21 8.69 9.45 -10.54
C GLU A 21 9.08 7.98 -10.45
N PRO A 22 10.31 7.68 -10.97
CA PRO A 22 10.81 6.32 -10.96
C PRO A 22 11.26 5.91 -9.56
N GLY A 23 10.38 6.12 -8.60
CA GLY A 23 10.68 5.79 -7.21
C GLY A 23 9.40 5.70 -6.38
N ASP A 24 8.50 6.64 -6.63
CA ASP A 24 7.23 6.67 -5.92
C ASP A 24 6.23 5.76 -6.63
N LEU A 25 5.58 4.92 -5.84
CA LEU A 25 4.60 4.00 -6.37
C LEU A 25 3.39 4.79 -6.87
N THR A 26 3.06 4.55 -8.14
CA THR A 26 1.93 5.23 -8.75
C THR A 26 0.65 4.38 -8.61
N PHE A 27 -0.37 5.01 -8.06
CA PHE A 27 -1.65 4.33 -7.86
C PHE A 27 -2.81 5.32 -7.88
N THR A 28 -4.01 4.78 -7.74
CA THR A 28 -5.20 5.61 -7.74
C THR A 28 -5.97 5.44 -6.43
N GLU A 29 -7.18 5.97 -6.41
CA GLU A 29 -8.02 5.87 -5.23
C GLU A 29 -8.83 4.57 -5.25
N GLY A 30 -8.84 3.90 -4.10
CA GLY A 30 -9.56 2.65 -3.98
C GLY A 30 -8.63 1.45 -4.19
N GLU A 31 -7.60 1.70 -4.99
CA GLU A 31 -6.63 0.66 -5.28
C GLU A 31 -6.11 0.02 -3.98
N GLU A 32 -5.77 -1.25 -4.07
CA GLU A 32 -5.27 -1.97 -2.92
C GLU A 32 -3.75 -2.10 -2.99
N ILE A 33 -3.07 -1.29 -2.17
CA ILE A 33 -1.63 -1.30 -2.13
C ILE A 33 -1.15 -2.24 -1.02
N LEU A 34 -0.19 -3.08 -1.37
CA LEU A 34 0.36 -4.03 -0.41
C LEU A 34 1.67 -3.48 0.16
N VAL A 35 1.58 -2.94 1.36
CA VAL A 35 2.74 -2.38 2.02
C VAL A 35 3.50 -3.50 2.74
N THR A 36 4.81 -3.53 2.49
CA THR A 36 5.67 -4.53 3.11
C THR A 36 6.73 -3.87 3.99
N GLN A 37 7.23 -2.74 3.49
CA GLN A 37 8.25 -2.01 4.22
C GLN A 37 7.75 -0.61 4.57
N LYS A 38 7.92 -0.26 5.84
CA LYS A 38 7.48 1.05 6.33
C LYS A 38 8.70 1.85 6.78
N ASP A 39 9.10 2.77 5.94
CA ASP A 39 10.26 3.62 6.24
C ASP A 39 9.77 4.99 6.71
N GLY A 40 9.84 5.20 8.01
CA GLY A 40 9.42 6.45 8.59
C GLY A 40 7.94 6.73 8.28
N GLU A 41 7.71 7.84 7.60
CA GLU A 41 6.36 8.23 7.24
C GLU A 41 6.00 7.65 5.86
N TRP A 42 6.99 7.63 4.98
CA TRP A 42 6.79 7.11 3.64
C TRP A 42 7.07 5.61 3.66
N TRP A 43 6.01 4.83 3.48
CA TRP A 43 6.12 3.39 3.47
C TRP A 43 6.24 2.94 2.02
N THR A 44 6.73 1.71 1.86
CA THR A 44 6.90 1.14 0.54
C THR A 44 5.74 0.20 0.21
N GLY A 45 4.98 0.58 -0.80
CA GLY A 45 3.84 -0.22 -1.23
C GLY A 45 4.20 -1.09 -2.44
N SER A 46 3.31 -2.01 -2.74
CA SER A 46 3.51 -2.91 -3.87
C SER A 46 2.18 -3.20 -4.57
N ILE A 47 2.25 -3.32 -5.88
CA ILE A 47 1.06 -3.60 -6.67
C ILE A 47 1.40 -4.62 -7.75
N GLY A 48 0.84 -5.81 -7.58
CA GLY A 48 1.08 -6.89 -8.52
C GLY A 48 2.54 -7.32 -8.52
N ASP A 49 3.40 -6.44 -9.00
CA ASP A 49 4.82 -6.71 -9.06
C ASP A 49 5.59 -5.40 -9.13
N ARG A 50 4.97 -4.36 -8.58
CA ARG A 50 5.58 -3.04 -8.58
C ARG A 50 5.99 -2.64 -7.16
N SER A 51 6.93 -1.73 -7.08
CA SER A 51 7.42 -1.26 -5.79
C SER A 51 7.77 0.23 -5.86
N GLY A 52 7.73 0.88 -4.71
CA GLY A 52 8.05 2.30 -4.64
C GLY A 52 7.59 2.89 -3.31
N ILE A 53 7.74 4.21 -3.19
CA ILE A 53 7.35 4.90 -1.99
C ILE A 53 6.00 5.59 -2.21
N PHE A 54 5.33 5.87 -1.11
CA PHE A 54 4.04 6.53 -1.17
C PHE A 54 3.67 7.16 0.17
N PRO A 55 2.69 8.11 0.12
CA PRO A 55 2.25 8.79 1.33
C PRO A 55 1.37 7.86 2.19
N SER A 56 1.84 7.63 3.40
CA SER A 56 1.12 6.77 4.33
C SER A 56 -0.11 7.52 4.87
N ASN A 57 -0.24 8.76 4.46
CA ASN A 57 -1.36 9.59 4.89
C ASN A 57 -2.44 9.58 3.81
N TYR A 58 -2.14 8.89 2.72
CA TYR A 58 -3.07 8.79 1.61
C TYR A 58 -3.62 7.37 1.47
N VAL A 59 -3.23 6.53 2.41
CA VAL A 59 -3.68 5.15 2.41
C VAL A 59 -4.22 4.79 3.80
N LYS A 60 -5.27 3.98 3.79
CA LYS A 60 -5.89 3.55 5.03
C LYS A 60 -5.68 2.05 5.22
N PRO A 61 -5.74 1.62 6.51
CA PRO A 61 -5.56 0.21 6.83
C PRO A 61 -6.80 -0.60 6.47
N LYS A 62 -6.61 -1.51 5.52
CA LYS A 62 -7.71 -2.36 5.07
C LYS A 62 -8.32 -3.06 6.28
N ASP A 63 -9.43 -2.50 6.75
CA ASP A 63 -10.12 -3.07 7.90
C ASP A 63 -11.58 -3.36 7.51
N SER A 64 -12.09 -4.45 8.07
CA SER A 64 -13.46 -4.85 7.78
C SER A 64 -13.71 -4.86 6.28
N GLY A 65 -13.17 -5.87 5.63
CA GLY A 65 -13.32 -6.01 4.18
C GLY A 65 -12.68 -4.84 3.46
N PRO A 66 -13.07 -4.67 2.16
CA PRO A 66 -12.55 -3.60 1.35
C PRO A 66 -13.16 -2.25 1.74
N SER A 67 -14.47 -2.28 1.94
CA SER A 67 -15.19 -1.07 2.31
C SER A 67 -16.24 -1.40 3.38
N SER A 68 -16.47 -0.44 4.25
CA SER A 68 -17.44 -0.60 5.32
C SER A 68 -17.78 0.75 5.95
N GLY A 69 -16.75 1.41 6.45
CA GLY A 69 -16.93 2.71 7.07
C GLY A 69 -16.92 2.58 8.59
N GLY A 1 -6.89 -8.01 5.17
CA GLY A 1 -7.21 -9.37 4.77
C GLY A 1 -7.39 -10.26 6.00
N SER A 2 -7.34 -11.57 5.76
CA SER A 2 -7.49 -12.54 6.83
C SER A 2 -7.30 -13.95 6.28
N SER A 3 -6.79 -14.82 7.14
CA SER A 3 -6.54 -16.20 6.76
C SER A 3 -5.55 -16.25 5.60
N GLY A 4 -4.28 -16.37 5.96
CA GLY A 4 -3.23 -16.43 4.96
C GLY A 4 -1.88 -16.04 5.54
N SER A 5 -0.83 -16.67 5.02
CA SER A 5 0.52 -16.39 5.50
C SER A 5 1.24 -15.47 4.51
N SER A 6 1.75 -14.37 5.05
CA SER A 6 2.46 -13.41 4.23
C SER A 6 3.01 -12.28 5.11
N GLY A 7 3.94 -11.52 4.54
CA GLY A 7 4.55 -10.42 5.26
C GLY A 7 4.28 -9.09 4.56
N GLY A 8 3.08 -8.58 4.77
CA GLY A 8 2.68 -7.32 4.16
C GLY A 8 1.39 -6.79 4.79
N GLU A 9 1.21 -5.48 4.69
CA GLU A 9 0.02 -4.84 5.24
C GLU A 9 -0.86 -4.32 4.11
N GLU A 10 -2.09 -4.82 4.10
CA GLU A 10 -3.06 -4.43 3.09
C GLU A 10 -3.63 -3.05 3.41
N TYR A 11 -3.56 -2.17 2.43
CA TYR A 11 -4.06 -0.82 2.59
C TYR A 11 -4.87 -0.37 1.37
N ILE A 12 -5.80 0.53 1.61
CA ILE A 12 -6.64 1.05 0.53
C ILE A 12 -6.27 2.51 0.26
N ALA A 13 -6.06 2.80 -1.02
CA ALA A 13 -5.71 4.15 -1.43
C ALA A 13 -6.89 5.08 -1.19
N LEU A 14 -6.73 5.97 -0.23
CA LEU A 14 -7.77 6.92 0.10
C LEU A 14 -7.95 7.90 -1.06
N TYR A 15 -6.83 8.37 -1.59
CA TYR A 15 -6.86 9.31 -2.70
C TYR A 15 -5.91 8.86 -3.81
N PRO A 16 -6.21 9.34 -5.05
CA PRO A 16 -5.39 9.00 -6.20
C PRO A 16 -4.07 9.77 -6.19
N TYR A 17 -2.99 9.02 -6.01
CA TYR A 17 -1.66 9.62 -5.96
C TYR A 17 -0.91 9.34 -7.26
N SER A 18 -0.60 10.42 -7.97
CA SER A 18 0.12 10.30 -9.23
C SER A 18 1.48 11.00 -9.11
N SER A 19 2.45 10.46 -9.84
CA SER A 19 3.80 11.01 -9.83
C SER A 19 4.69 10.23 -10.78
N VAL A 20 5.10 10.89 -11.84
CA VAL A 20 5.97 10.27 -12.83
C VAL A 20 7.39 10.17 -12.27
N GLU A 21 7.50 9.44 -11.17
CA GLU A 21 8.80 9.26 -10.53
C GLU A 21 9.20 7.79 -10.55
N PRO A 22 10.46 7.55 -11.00
CA PRO A 22 10.98 6.19 -11.08
C PRO A 22 11.33 5.65 -9.69
N GLY A 23 10.37 5.76 -8.79
CA GLY A 23 10.56 5.29 -7.43
C GLY A 23 9.24 5.33 -6.65
N ASP A 24 8.48 6.39 -6.89
CA ASP A 24 7.20 6.56 -6.22
C ASP A 24 6.16 5.63 -6.87
N LEU A 25 5.49 4.87 -6.02
CA LEU A 25 4.48 3.95 -6.48
C LEU A 25 3.22 4.73 -6.87
N THR A 26 2.98 4.79 -8.18
CA THR A 26 1.82 5.49 -8.69
C THR A 26 0.57 4.62 -8.61
N PHE A 27 -0.50 5.20 -8.09
CA PHE A 27 -1.75 4.48 -7.96
C PHE A 27 -2.95 5.45 -7.91
N THR A 28 -4.13 4.87 -7.82
CA THR A 28 -5.35 5.67 -7.78
C THR A 28 -6.17 5.31 -6.53
N GLU A 29 -7.18 6.13 -6.27
CA GLU A 29 -8.04 5.90 -5.12
C GLU A 29 -8.87 4.63 -5.31
N GLY A 30 -8.76 3.74 -4.34
CA GLY A 30 -9.49 2.48 -4.39
C GLY A 30 -8.54 1.31 -4.59
N GLU A 31 -7.41 1.60 -5.24
CA GLU A 31 -6.41 0.58 -5.50
C GLU A 31 -5.98 -0.09 -4.19
N GLU A 32 -5.55 -1.33 -4.32
CA GLU A 32 -5.10 -2.09 -3.15
C GLU A 32 -3.57 -2.16 -3.13
N ILE A 33 -2.99 -1.34 -2.29
CA ILE A 33 -1.54 -1.29 -2.15
C ILE A 33 -1.12 -2.19 -0.99
N LEU A 34 -0.13 -3.03 -1.26
CA LEU A 34 0.38 -3.94 -0.25
C LEU A 34 1.68 -3.37 0.34
N VAL A 35 1.57 -2.88 1.55
CA VAL A 35 2.73 -2.30 2.23
C VAL A 35 3.57 -3.43 2.84
N THR A 36 4.88 -3.25 2.78
CA THR A 36 5.80 -4.24 3.31
C THR A 36 6.90 -3.56 4.14
N GLN A 37 7.43 -2.49 3.57
CA GLN A 37 8.48 -1.74 4.23
C GLN A 37 7.99 -0.35 4.62
N LYS A 38 8.12 -0.04 5.89
CA LYS A 38 7.69 1.26 6.41
C LYS A 38 8.91 2.04 6.91
N ASP A 39 9.34 2.98 6.09
CA ASP A 39 10.50 3.80 6.44
C ASP A 39 10.03 5.25 6.67
N GLY A 40 9.94 5.61 7.95
CA GLY A 40 9.52 6.94 8.31
C GLY A 40 8.02 7.13 8.08
N GLU A 41 7.67 8.30 7.56
CA GLU A 41 6.28 8.62 7.30
C GLU A 41 5.82 7.91 6.02
N TRP A 42 6.69 7.92 5.02
CA TRP A 42 6.39 7.30 3.74
C TRP A 42 6.83 5.83 3.83
N TRP A 43 5.91 4.96 3.45
CA TRP A 43 6.21 3.53 3.46
C TRP A 43 6.26 3.03 2.01
N THR A 44 6.87 1.87 1.84
CA THR A 44 7.01 1.28 0.53
C THR A 44 5.84 0.34 0.24
N GLY A 45 5.04 0.72 -0.76
CA GLY A 45 3.89 -0.07 -1.14
C GLY A 45 4.16 -0.85 -2.44
N SER A 46 3.29 -1.80 -2.71
CA SER A 46 3.42 -2.62 -3.91
C SER A 46 2.05 -2.83 -4.56
N ILE A 47 2.08 -3.06 -5.86
CA ILE A 47 0.85 -3.27 -6.60
C ILE A 47 1.06 -4.40 -7.61
N GLY A 48 0.42 -5.53 -7.35
CA GLY A 48 0.53 -6.68 -8.22
C GLY A 48 1.95 -7.25 -8.20
N ASP A 49 2.89 -6.45 -8.69
CA ASP A 49 4.28 -6.86 -8.73
C ASP A 49 5.17 -5.62 -8.89
N ARG A 50 4.66 -4.50 -8.39
CA ARG A 50 5.39 -3.25 -8.47
C ARG A 50 5.87 -2.82 -7.09
N SER A 51 6.76 -1.84 -7.08
CA SER A 51 7.30 -1.32 -5.83
C SER A 51 7.53 0.18 -5.95
N GLY A 52 7.71 0.81 -4.79
CA GLY A 52 7.95 2.24 -4.75
C GLY A 52 7.55 2.82 -3.39
N ILE A 53 7.62 4.14 -3.30
CA ILE A 53 7.28 4.83 -2.07
C ILE A 53 5.95 5.56 -2.25
N PHE A 54 5.31 5.84 -1.12
CA PHE A 54 4.03 6.53 -1.15
C PHE A 54 3.72 7.16 0.21
N PRO A 55 2.76 8.12 0.19
CA PRO A 55 2.37 8.81 1.41
C PRO A 55 1.49 7.91 2.29
N SER A 56 1.98 7.65 3.50
CA SER A 56 1.25 6.81 4.43
C SER A 56 -0.02 7.52 4.90
N ASN A 57 -0.13 8.79 4.51
CA ASN A 57 -1.29 9.58 4.88
C ASN A 57 -2.33 9.50 3.75
N TYR A 58 -2.01 8.71 2.75
CA TYR A 58 -2.91 8.54 1.62
C TYR A 58 -3.33 7.08 1.47
N VAL A 59 -3.15 6.33 2.55
CA VAL A 59 -3.52 4.92 2.55
C VAL A 59 -4.20 4.58 3.88
N LYS A 60 -5.21 3.73 3.78
CA LYS A 60 -5.95 3.31 4.96
C LYS A 60 -5.78 1.81 5.16
N PRO A 61 -5.94 1.38 6.45
CA PRO A 61 -5.80 -0.03 6.79
C PRO A 61 -7.02 -0.83 6.32
N LYS A 62 -6.78 -1.74 5.39
CA LYS A 62 -7.83 -2.57 4.85
C LYS A 62 -8.61 -3.21 6.01
N ASP A 63 -9.72 -2.57 6.36
CA ASP A 63 -10.55 -3.06 7.44
C ASP A 63 -11.92 -3.47 6.88
N SER A 64 -12.56 -2.52 6.22
CA SER A 64 -13.87 -2.77 5.63
C SER A 64 -13.73 -3.71 4.42
N GLY A 65 -14.04 -4.97 4.65
CA GLY A 65 -13.96 -5.97 3.61
C GLY A 65 -15.31 -6.66 3.39
N PRO A 66 -16.06 -6.15 2.37
CA PRO A 66 -17.36 -6.72 2.06
C PRO A 66 -17.23 -8.06 1.34
N SER A 67 -17.20 -9.12 2.14
CA SER A 67 -17.08 -10.45 1.60
C SER A 67 -18.02 -11.42 2.34
N SER A 68 -18.43 -12.45 1.63
CA SER A 68 -19.33 -13.44 2.21
C SER A 68 -19.38 -14.69 1.32
N GLY A 69 -18.91 -15.79 1.88
CA GLY A 69 -18.88 -17.05 1.16
C GLY A 69 -17.85 -18.00 1.75
N GLY A 1 2.34 -14.49 -3.11
CA GLY A 1 3.46 -14.49 -2.19
C GLY A 1 2.98 -14.55 -0.74
N SER A 2 2.90 -15.77 -0.21
CA SER A 2 2.46 -15.98 1.15
C SER A 2 3.49 -16.81 1.91
N SER A 3 4.28 -16.12 2.71
CA SER A 3 5.30 -16.78 3.50
C SER A 3 5.27 -16.26 4.95
N GLY A 4 5.92 -17.02 5.82
CA GLY A 4 5.97 -16.65 7.23
C GLY A 4 4.60 -16.17 7.72
N SER A 5 4.64 -15.14 8.54
CA SER A 5 3.41 -14.58 9.09
C SER A 5 3.51 -13.05 9.15
N SER A 6 2.37 -12.41 8.99
CA SER A 6 2.31 -10.96 9.02
C SER A 6 3.51 -10.37 8.28
N GLY A 7 3.44 -10.43 6.95
CA GLY A 7 4.51 -9.92 6.12
C GLY A 7 4.13 -8.56 5.52
N GLY A 8 3.14 -8.59 4.65
CA GLY A 8 2.67 -7.38 4.00
C GLY A 8 1.37 -6.89 4.64
N GLU A 9 1.18 -5.57 4.56
CA GLU A 9 -0.01 -4.96 5.12
C GLU A 9 -0.87 -4.36 4.01
N GLU A 10 -2.12 -4.79 3.97
CA GLU A 10 -3.05 -4.31 2.98
C GLU A 10 -3.57 -2.93 3.36
N TYR A 11 -3.65 -2.06 2.37
CA TYR A 11 -4.13 -0.70 2.60
C TYR A 11 -4.99 -0.23 1.43
N ILE A 12 -5.96 0.62 1.75
CA ILE A 12 -6.86 1.16 0.74
C ILE A 12 -6.46 2.60 0.43
N ALA A 13 -6.20 2.84 -0.85
CA ALA A 13 -5.80 4.17 -1.30
C ALA A 13 -6.95 5.15 -1.04
N LEU A 14 -6.67 6.13 -0.19
CA LEU A 14 -7.66 7.14 0.14
C LEU A 14 -7.85 8.09 -1.04
N TYR A 15 -6.71 8.55 -1.56
CA TYR A 15 -6.73 9.46 -2.69
C TYR A 15 -5.84 8.96 -3.82
N PRO A 16 -6.16 9.42 -5.07
CA PRO A 16 -5.39 9.01 -6.23
C PRO A 16 -4.05 9.73 -6.28
N TYR A 17 -2.99 8.97 -6.08
CA TYR A 17 -1.65 9.52 -6.11
C TYR A 17 -0.89 9.10 -7.37
N SER A 18 -0.51 10.08 -8.15
CA SER A 18 0.23 9.83 -9.38
C SER A 18 1.60 10.48 -9.33
N SER A 19 2.57 9.80 -9.92
CA SER A 19 3.94 10.31 -9.94
C SER A 19 4.79 9.47 -10.89
N VAL A 20 5.26 10.12 -11.94
CA VAL A 20 6.08 9.45 -12.93
C VAL A 20 7.54 9.44 -12.45
N GLU A 21 7.73 8.93 -11.25
CA GLU A 21 9.06 8.86 -10.67
C GLU A 21 9.49 7.40 -10.52
N PRO A 22 10.77 7.14 -10.90
CA PRO A 22 11.33 5.79 -10.81
C PRO A 22 11.64 5.42 -9.36
N GLY A 23 10.65 5.61 -8.50
CA GLY A 23 10.81 5.30 -7.10
C GLY A 23 9.48 5.43 -6.35
N ASP A 24 8.71 6.44 -6.74
CA ASP A 24 7.42 6.68 -6.13
C ASP A 24 6.36 5.81 -6.80
N LEU A 25 5.71 4.98 -6.00
CA LEU A 25 4.68 4.09 -6.50
C LEU A 25 3.51 4.93 -7.04
N THR A 26 2.89 4.40 -8.08
CA THR A 26 1.76 5.09 -8.70
C THR A 26 0.48 4.26 -8.52
N PHE A 27 -0.53 4.91 -7.96
CA PHE A 27 -1.80 4.26 -7.74
C PHE A 27 -2.95 5.27 -7.70
N THR A 28 -4.16 4.75 -7.65
CA THR A 28 -5.34 5.60 -7.62
C THR A 28 -6.13 5.37 -6.33
N GLU A 29 -7.20 6.13 -6.19
CA GLU A 29 -8.04 6.01 -5.00
C GLU A 29 -8.92 4.76 -5.10
N GLY A 30 -8.93 4.01 -4.00
CA GLY A 30 -9.73 2.78 -3.95
C GLY A 30 -8.85 1.55 -4.19
N GLU A 31 -7.74 1.78 -4.88
CA GLU A 31 -6.81 0.70 -5.18
C GLU A 31 -6.30 0.06 -3.89
N GLU A 32 -5.76 -1.13 -4.03
CA GLU A 32 -5.23 -1.86 -2.88
C GLU A 32 -3.71 -1.95 -2.97
N ILE A 33 -3.05 -1.16 -2.13
CA ILE A 33 -1.60 -1.14 -2.10
C ILE A 33 -1.10 -2.09 -1.01
N LEU A 34 -0.16 -2.94 -1.40
CA LEU A 34 0.40 -3.91 -0.47
C LEU A 34 1.71 -3.36 0.11
N VAL A 35 1.61 -2.86 1.33
CA VAL A 35 2.77 -2.31 2.01
C VAL A 35 3.62 -3.44 2.58
N THR A 36 4.91 -3.38 2.29
CA THR A 36 5.83 -4.39 2.77
C THR A 36 6.86 -3.77 3.72
N GLN A 37 7.20 -2.52 3.44
CA GLN A 37 8.16 -1.80 4.26
C GLN A 37 7.63 -0.41 4.61
N LYS A 38 7.82 -0.04 5.87
CA LYS A 38 7.37 1.26 6.34
C LYS A 38 8.58 2.10 6.74
N ASP A 39 8.94 3.02 5.86
CA ASP A 39 10.07 3.90 6.10
C ASP A 39 9.57 5.25 6.59
N GLY A 40 9.69 5.46 7.90
CA GLY A 40 9.24 6.71 8.50
C GLY A 40 7.77 6.98 8.19
N GLU A 41 7.54 8.09 7.52
CA GLU A 41 6.18 8.48 7.16
C GLU A 41 5.81 7.89 5.80
N TRP A 42 6.79 7.88 4.90
CA TRP A 42 6.58 7.35 3.56
C TRP A 42 6.85 5.85 3.61
N TRP A 43 5.78 5.08 3.46
CA TRP A 43 5.89 3.63 3.49
C TRP A 43 6.02 3.15 2.04
N THR A 44 6.63 1.98 1.90
CA THR A 44 6.83 1.39 0.58
C THR A 44 5.68 0.44 0.24
N GLY A 45 4.93 0.81 -0.78
CA GLY A 45 3.81 0.00 -1.22
C GLY A 45 4.15 -0.80 -2.48
N SER A 46 3.33 -1.80 -2.75
CA SER A 46 3.54 -2.64 -3.92
C SER A 46 2.20 -2.96 -4.59
N ILE A 47 2.25 -3.06 -5.90
CA ILE A 47 1.05 -3.37 -6.66
C ILE A 47 1.39 -4.37 -7.77
N GLY A 48 0.88 -5.58 -7.60
CA GLY A 48 1.12 -6.64 -8.57
C GLY A 48 2.60 -6.99 -8.64
N ASP A 49 3.36 -6.11 -9.27
CA ASP A 49 4.79 -6.31 -9.42
C ASP A 49 5.50 -4.96 -9.41
N ARG A 50 4.82 -3.98 -8.84
CA ARG A 50 5.37 -2.63 -8.76
C ARG A 50 5.81 -2.32 -7.33
N SER A 51 6.85 -1.51 -7.24
CA SER A 51 7.38 -1.13 -5.94
C SER A 51 7.78 0.35 -5.94
N GLY A 52 7.54 1.00 -4.82
CA GLY A 52 7.86 2.41 -4.68
C GLY A 52 7.42 2.94 -3.32
N ILE A 53 7.50 4.26 -3.18
CA ILE A 53 7.11 4.91 -1.94
C ILE A 53 5.75 5.60 -2.13
N PHE A 54 5.12 5.90 -1.02
CA PHE A 54 3.81 6.56 -1.05
C PHE A 54 3.49 7.21 0.29
N PRO A 55 2.53 8.17 0.26
CA PRO A 55 2.12 8.87 1.46
C PRO A 55 1.25 7.98 2.35
N SER A 56 1.73 7.75 3.56
CA SER A 56 1.02 6.93 4.51
C SER A 56 -0.25 7.64 4.98
N ASN A 57 -0.37 8.89 4.57
CA ASN A 57 -1.52 9.70 4.94
C ASN A 57 -2.56 9.64 3.82
N TYR A 58 -2.26 8.83 2.82
CA TYR A 58 -3.16 8.68 1.68
C TYR A 58 -3.64 7.24 1.56
N VAL A 59 -3.21 6.42 2.51
CA VAL A 59 -3.60 5.02 2.53
C VAL A 59 -4.11 4.65 3.92
N LYS A 60 -5.15 3.84 3.94
CA LYS A 60 -5.74 3.40 5.19
C LYS A 60 -5.58 1.89 5.33
N PRO A 61 -5.69 1.41 6.60
CA PRO A 61 -5.56 -0.01 6.88
C PRO A 61 -6.82 -0.77 6.46
N LYS A 62 -6.65 -1.69 5.53
CA LYS A 62 -7.75 -2.48 5.04
C LYS A 62 -8.44 -3.18 6.21
N ASP A 63 -9.53 -2.58 6.65
CA ASP A 63 -10.28 -3.12 7.77
C ASP A 63 -10.66 -4.57 7.47
N SER A 64 -10.97 -5.30 8.52
CA SER A 64 -11.35 -6.70 8.39
C SER A 64 -12.57 -6.82 7.47
N GLY A 65 -13.62 -6.12 7.83
CA GLY A 65 -14.84 -6.14 7.04
C GLY A 65 -16.07 -6.32 7.95
N PRO A 66 -17.24 -5.85 7.43
CA PRO A 66 -18.48 -5.96 8.18
C PRO A 66 -19.01 -7.39 8.15
N SER A 67 -19.26 -7.88 6.94
CA SER A 67 -19.77 -9.23 6.77
C SER A 67 -18.74 -10.24 7.28
N SER A 68 -19.25 -11.39 7.70
CA SER A 68 -18.39 -12.45 8.21
C SER A 68 -18.21 -13.54 7.16
N GLY A 69 -16.97 -13.90 6.92
CA GLY A 69 -16.65 -14.93 5.94
C GLY A 69 -17.27 -16.27 6.33
N GLY A 1 4.74 -18.73 17.13
CA GLY A 1 4.18 -20.07 17.19
C GLY A 1 2.83 -20.14 16.48
N SER A 2 1.78 -20.11 17.27
CA SER A 2 0.43 -20.17 16.73
C SER A 2 0.12 -18.87 15.98
N SER A 3 0.46 -18.86 14.70
CA SER A 3 0.22 -17.70 13.86
C SER A 3 0.04 -18.12 12.41
N GLY A 4 -1.13 -17.83 11.87
CA GLY A 4 -1.43 -18.17 10.49
C GLY A 4 -0.43 -17.53 9.54
N SER A 5 -0.86 -16.44 8.92
CA SER A 5 -0.01 -15.72 7.98
C SER A 5 -0.08 -14.22 8.25
N SER A 6 0.98 -13.70 8.84
CA SER A 6 1.05 -12.28 9.16
C SER A 6 2.30 -11.67 8.52
N GLY A 7 2.09 -10.98 7.41
CA GLY A 7 3.18 -10.34 6.72
C GLY A 7 2.80 -8.92 6.26
N GLY A 8 2.87 -8.72 4.96
CA GLY A 8 2.54 -7.42 4.39
C GLY A 8 1.21 -6.91 4.94
N GLU A 9 1.07 -5.59 4.93
CA GLU A 9 -0.15 -4.97 5.43
C GLU A 9 -0.96 -4.38 4.27
N GLU A 10 -2.19 -4.85 4.15
CA GLU A 10 -3.06 -4.38 3.09
C GLU A 10 -3.60 -2.99 3.42
N TYR A 11 -3.53 -2.10 2.43
CA TYR A 11 -4.00 -0.74 2.61
C TYR A 11 -4.76 -0.27 1.38
N ILE A 12 -5.77 0.57 1.62
CA ILE A 12 -6.57 1.11 0.54
C ILE A 12 -6.14 2.55 0.25
N ALA A 13 -6.26 2.92 -1.02
CA ALA A 13 -5.89 4.26 -1.44
C ALA A 13 -7.08 5.21 -1.26
N LEU A 14 -6.93 6.11 -0.30
CA LEU A 14 -7.99 7.07 -0.01
C LEU A 14 -8.12 8.04 -1.18
N TYR A 15 -6.97 8.49 -1.68
CA TYR A 15 -6.95 9.41 -2.81
C TYR A 15 -5.98 8.95 -3.88
N PRO A 16 -6.28 9.35 -5.15
CA PRO A 16 -5.44 8.98 -6.28
C PRO A 16 -4.15 9.78 -6.28
N TYR A 17 -3.05 9.08 -6.05
CA TYR A 17 -1.74 9.71 -6.03
C TYR A 17 -0.94 9.36 -7.28
N SER A 18 -0.65 10.38 -8.07
CA SER A 18 0.10 10.19 -9.30
C SER A 18 1.46 10.89 -9.19
N SER A 19 2.44 10.32 -9.87
CA SER A 19 3.79 10.88 -9.86
C SER A 19 4.68 10.10 -10.83
N VAL A 20 5.10 10.79 -11.87
CA VAL A 20 5.97 10.18 -12.87
C VAL A 20 7.40 10.10 -12.32
N GLU A 21 7.53 9.42 -11.19
CA GLU A 21 8.82 9.26 -10.56
C GLU A 21 9.24 7.78 -10.58
N PRO A 22 10.51 7.56 -11.01
CA PRO A 22 11.04 6.20 -11.07
C PRO A 22 11.39 5.68 -9.67
N GLY A 23 10.42 5.80 -8.78
CA GLY A 23 10.60 5.34 -7.42
C GLY A 23 9.29 5.39 -6.63
N ASP A 24 8.51 6.43 -6.90
CA ASP A 24 7.23 6.61 -6.23
C ASP A 24 6.20 5.70 -6.89
N LEU A 25 5.50 4.96 -6.05
CA LEU A 25 4.47 4.05 -6.53
C LEU A 25 3.23 4.85 -6.94
N THR A 26 2.85 4.68 -8.20
CA THR A 26 1.69 5.38 -8.73
C THR A 26 0.44 4.51 -8.58
N PHE A 27 -0.57 5.09 -7.94
CA PHE A 27 -1.82 4.39 -7.73
C PHE A 27 -3.00 5.37 -7.66
N THR A 28 -4.19 4.81 -7.78
CA THR A 28 -5.40 5.63 -7.74
C THR A 28 -6.21 5.31 -6.47
N GLU A 29 -7.28 6.07 -6.29
CA GLU A 29 -8.15 5.89 -5.14
C GLU A 29 -8.94 4.58 -5.28
N GLY A 30 -8.90 3.79 -4.22
CA GLY A 30 -9.61 2.52 -4.21
C GLY A 30 -8.65 1.36 -4.41
N GLU A 31 -7.55 1.64 -5.10
CA GLU A 31 -6.55 0.62 -5.36
C GLU A 31 -6.10 -0.03 -4.06
N GLU A 32 -5.52 -1.21 -4.19
CA GLU A 32 -5.03 -1.95 -3.03
C GLU A 32 -3.50 -1.99 -3.03
N ILE A 33 -2.92 -1.16 -2.17
CA ILE A 33 -1.48 -1.09 -2.05
C ILE A 33 -1.01 -2.00 -0.92
N LEU A 34 -0.14 -2.93 -1.27
CA LEU A 34 0.39 -3.87 -0.29
C LEU A 34 1.70 -3.33 0.28
N VAL A 35 1.61 -2.79 1.49
CA VAL A 35 2.78 -2.24 2.15
C VAL A 35 3.58 -3.37 2.79
N THR A 36 4.90 -3.25 2.67
CA THR A 36 5.79 -4.26 3.23
C THR A 36 6.88 -3.60 4.07
N GLN A 37 7.44 -2.52 3.51
CA GLN A 37 8.49 -1.79 4.19
C GLN A 37 8.00 -0.39 4.58
N LYS A 38 8.15 -0.08 5.87
CA LYS A 38 7.73 1.21 6.37
C LYS A 38 8.95 1.98 6.87
N ASP A 39 9.39 2.92 6.06
CA ASP A 39 10.54 3.74 6.40
C ASP A 39 10.09 5.16 6.71
N GLY A 40 10.04 5.48 7.99
CA GLY A 40 9.62 6.81 8.43
C GLY A 40 8.11 7.00 8.23
N GLU A 41 7.77 8.16 7.68
CA GLU A 41 6.38 8.48 7.43
C GLU A 41 5.90 7.81 6.15
N TRP A 42 6.75 7.87 5.13
CA TRP A 42 6.42 7.28 3.84
C TRP A 42 6.88 5.81 3.87
N TRP A 43 5.96 4.94 3.48
CA TRP A 43 6.26 3.51 3.45
C TRP A 43 6.31 3.06 1.99
N THR A 44 6.87 1.88 1.79
CA THR A 44 6.98 1.33 0.46
C THR A 44 5.83 0.36 0.18
N GLY A 45 5.00 0.75 -0.79
CA GLY A 45 3.86 -0.07 -1.16
C GLY A 45 4.19 -0.97 -2.36
N SER A 46 3.26 -1.86 -2.67
CA SER A 46 3.44 -2.78 -3.78
C SER A 46 2.09 -3.09 -4.42
N ILE A 47 2.12 -3.26 -5.74
CA ILE A 47 0.91 -3.56 -6.48
C ILE A 47 1.22 -4.63 -7.53
N GLY A 48 0.66 -5.81 -7.30
CA GLY A 48 0.87 -6.92 -8.21
C GLY A 48 2.33 -7.36 -8.24
N ASP A 49 3.16 -6.50 -8.83
CA ASP A 49 4.58 -6.78 -8.92
C ASP A 49 5.35 -5.46 -9.04
N ARG A 50 4.72 -4.41 -8.55
CA ARG A 50 5.33 -3.09 -8.59
C ARG A 50 5.74 -2.65 -7.18
N SER A 51 6.72 -1.76 -7.13
CA SER A 51 7.21 -1.25 -5.86
C SER A 51 7.51 0.25 -5.97
N GLY A 52 7.64 0.88 -4.83
CA GLY A 52 7.92 2.30 -4.78
C GLY A 52 7.55 2.90 -3.41
N ILE A 53 7.62 4.23 -3.34
CA ILE A 53 7.30 4.92 -2.10
C ILE A 53 5.98 5.67 -2.28
N PHE A 54 5.34 5.95 -1.16
CA PHE A 54 4.08 6.66 -1.17
C PHE A 54 3.78 7.27 0.20
N PRO A 55 2.83 8.25 0.20
CA PRO A 55 2.45 8.92 1.43
C PRO A 55 1.56 8.02 2.29
N SER A 56 2.06 7.70 3.47
CA SER A 56 1.34 6.85 4.39
C SER A 56 0.05 7.54 4.84
N ASN A 57 -0.03 8.83 4.53
CA ASN A 57 -1.19 9.61 4.89
C ASN A 57 -2.23 9.52 3.77
N TYR A 58 -1.90 8.74 2.76
CA TYR A 58 -2.79 8.56 1.63
C TYR A 58 -3.17 7.08 1.46
N VAL A 59 -3.16 6.37 2.58
CA VAL A 59 -3.50 4.96 2.57
C VAL A 59 -4.22 4.60 3.87
N LYS A 60 -5.22 3.75 3.73
CA LYS A 60 -6.00 3.32 4.89
C LYS A 60 -5.85 1.81 5.07
N PRO A 61 -6.02 1.36 6.33
CA PRO A 61 -5.90 -0.05 6.65
C PRO A 61 -7.14 -0.82 6.18
N LYS A 62 -6.91 -1.76 5.27
CA LYS A 62 -7.98 -2.56 4.73
C LYS A 62 -8.76 -3.20 5.88
N ASP A 63 -9.86 -2.57 6.23
CA ASP A 63 -10.71 -3.07 7.32
C ASP A 63 -11.48 -4.29 6.84
N SER A 64 -11.03 -5.46 7.29
CA SER A 64 -11.66 -6.70 6.92
C SER A 64 -11.56 -7.71 8.07
N GLY A 65 -12.72 -8.15 8.53
CA GLY A 65 -12.76 -9.12 9.62
C GLY A 65 -14.21 -9.40 10.04
N PRO A 66 -14.81 -10.42 9.36
CA PRO A 66 -16.19 -10.80 9.65
C PRO A 66 -16.27 -11.57 10.97
N SER A 67 -16.21 -10.82 12.06
CA SER A 67 -16.28 -11.42 13.37
C SER A 67 -15.08 -12.34 13.60
N SER A 68 -14.35 -12.05 14.67
CA SER A 68 -13.17 -12.85 15.01
C SER A 68 -12.65 -12.45 16.39
N GLY A 69 -12.47 -13.45 17.22
CA GLY A 69 -11.97 -13.23 18.57
C GLY A 69 -10.89 -14.24 18.94
N GLY A 1 -2.15 -15.12 -7.59
CA GLY A 1 -2.17 -15.84 -6.33
C GLY A 1 -0.80 -15.75 -5.63
N SER A 2 -0.75 -16.33 -4.44
CA SER A 2 0.48 -16.32 -3.67
C SER A 2 1.01 -17.75 -3.49
N SER A 3 2.22 -17.85 -2.99
CA SER A 3 2.84 -19.14 -2.77
C SER A 3 2.98 -19.41 -1.26
N GLY A 4 3.69 -18.50 -0.60
CA GLY A 4 3.90 -18.62 0.84
C GLY A 4 4.79 -17.50 1.35
N SER A 5 4.15 -16.45 1.83
CA SER A 5 4.87 -15.30 2.36
C SER A 5 3.99 -14.53 3.35
N SER A 6 4.61 -14.11 4.44
CA SER A 6 3.91 -13.38 5.48
C SER A 6 4.76 -12.21 5.97
N GLY A 7 4.18 -11.01 5.89
CA GLY A 7 4.88 -9.82 6.33
C GLY A 7 4.52 -8.63 5.44
N GLY A 8 3.23 -8.34 5.38
CA GLY A 8 2.74 -7.24 4.58
C GLY A 8 1.40 -6.72 5.11
N GLU A 9 1.17 -5.43 4.88
CA GLU A 9 -0.06 -4.80 5.33
C GLU A 9 -0.83 -4.23 4.14
N GLU A 10 -2.05 -4.71 3.98
CA GLU A 10 -2.91 -4.27 2.89
C GLU A 10 -3.49 -2.89 3.20
N TYR A 11 -3.25 -1.96 2.29
CA TYR A 11 -3.74 -0.61 2.46
C TYR A 11 -4.50 -0.14 1.22
N ILE A 12 -5.53 0.65 1.46
CA ILE A 12 -6.35 1.17 0.37
C ILE A 12 -6.02 2.65 0.15
N ALA A 13 -5.82 2.99 -1.12
CA ALA A 13 -5.50 4.36 -1.48
C ALA A 13 -6.76 5.23 -1.35
N LEU A 14 -6.76 6.05 -0.31
CA LEU A 14 -7.89 6.93 -0.06
C LEU A 14 -8.08 7.87 -1.25
N TYR A 15 -6.96 8.34 -1.77
CA TYR A 15 -6.99 9.24 -2.92
C TYR A 15 -5.98 8.81 -3.98
N PRO A 16 -6.28 9.19 -5.25
CA PRO A 16 -5.40 8.86 -6.36
C PRO A 16 -4.14 9.71 -6.35
N TYR A 17 -3.03 9.07 -5.97
CA TYR A 17 -1.76 9.77 -5.92
C TYR A 17 -0.93 9.48 -7.17
N SER A 18 -0.68 10.54 -7.93
CA SER A 18 0.10 10.42 -9.15
C SER A 18 1.42 11.18 -9.00
N SER A 19 2.46 10.59 -9.59
CA SER A 19 3.79 11.19 -9.52
C SER A 19 4.69 10.54 -10.57
N VAL A 20 5.23 11.38 -11.44
CA VAL A 20 6.12 10.92 -12.49
C VAL A 20 7.52 10.71 -11.91
N GLU A 21 7.57 9.91 -10.85
CA GLU A 21 8.84 9.62 -10.20
C GLU A 21 9.17 8.13 -10.32
N PRO A 22 10.39 7.85 -10.85
CA PRO A 22 10.84 6.47 -11.02
C PRO A 22 11.24 5.86 -9.67
N GLY A 23 10.34 5.98 -8.71
CA GLY A 23 10.58 5.44 -7.39
C GLY A 23 9.29 5.39 -6.56
N ASP A 24 8.50 6.44 -6.71
CA ASP A 24 7.23 6.54 -5.99
C ASP A 24 6.20 5.64 -6.66
N LEU A 25 5.47 4.91 -5.83
CA LEU A 25 4.44 4.01 -6.33
C LEU A 25 3.19 4.81 -6.69
N THR A 26 2.85 4.77 -7.96
CA THR A 26 1.68 5.48 -8.44
C THR A 26 0.45 4.57 -8.41
N PHE A 27 -0.61 5.09 -7.82
CA PHE A 27 -1.85 4.34 -7.72
C PHE A 27 -3.06 5.29 -7.64
N THR A 28 -4.23 4.71 -7.85
CA THR A 28 -5.47 5.48 -7.81
C THR A 28 -6.27 5.13 -6.56
N GLU A 29 -7.34 5.89 -6.34
CA GLU A 29 -8.19 5.67 -5.19
C GLU A 29 -9.00 4.38 -5.37
N GLY A 30 -8.88 3.51 -4.37
CA GLY A 30 -9.60 2.24 -4.41
C GLY A 30 -8.62 1.07 -4.59
N GLU A 31 -7.47 1.39 -5.17
CA GLU A 31 -6.45 0.38 -5.41
C GLU A 31 -6.00 -0.24 -4.08
N GLU A 32 -5.49 -1.45 -4.18
CA GLU A 32 -5.02 -2.17 -3.00
C GLU A 32 -3.49 -2.19 -2.97
N ILE A 33 -2.95 -1.33 -2.10
CA ILE A 33 -1.51 -1.24 -1.96
C ILE A 33 -1.06 -2.14 -0.82
N LEU A 34 -0.18 -3.08 -1.15
CA LEU A 34 0.35 -4.00 -0.16
C LEU A 34 1.64 -3.45 0.42
N VAL A 35 1.54 -2.90 1.62
CA VAL A 35 2.69 -2.33 2.29
C VAL A 35 3.51 -3.46 2.93
N THR A 36 4.82 -3.30 2.89
CA THR A 36 5.72 -4.29 3.46
C THR A 36 6.79 -3.62 4.31
N GLN A 37 7.35 -2.54 3.76
CA GLN A 37 8.38 -1.79 4.46
C GLN A 37 7.90 -0.38 4.77
N LYS A 38 8.00 -0.01 6.04
CA LYS A 38 7.58 1.30 6.47
C LYS A 38 8.81 2.12 6.89
N ASP A 39 9.20 3.02 6.00
CA ASP A 39 10.35 3.86 6.26
C ASP A 39 9.88 5.24 6.75
N GLY A 40 10.04 5.44 8.05
CA GLY A 40 9.63 6.69 8.66
C GLY A 40 8.17 7.02 8.33
N GLU A 41 8.00 8.06 7.53
CA GLU A 41 6.66 8.48 7.14
C GLU A 41 6.30 7.89 5.77
N TRP A 42 7.32 7.78 4.92
CA TRP A 42 7.13 7.24 3.59
C TRP A 42 7.31 5.72 3.67
N TRP A 43 6.20 5.02 3.49
CA TRP A 43 6.22 3.57 3.53
C TRP A 43 6.33 3.05 2.09
N THR A 44 6.67 1.77 1.99
CA THR A 44 6.81 1.15 0.68
C THR A 44 5.62 0.23 0.40
N GLY A 45 4.86 0.61 -0.62
CA GLY A 45 3.69 -0.16 -1.01
C GLY A 45 3.96 -0.99 -2.27
N SER A 46 3.10 -1.95 -2.50
CA SER A 46 3.24 -2.84 -3.65
C SER A 46 1.87 -3.08 -4.29
N ILE A 47 1.89 -3.27 -5.60
CA ILE A 47 0.67 -3.52 -6.34
C ILE A 47 0.91 -4.61 -7.38
N GLY A 48 0.30 -5.76 -7.14
CA GLY A 48 0.44 -6.90 -8.03
C GLY A 48 1.89 -7.37 -8.10
N ASP A 49 2.70 -6.61 -8.85
CA ASP A 49 4.10 -6.93 -9.00
C ASP A 49 4.91 -5.64 -9.12
N ARG A 50 4.31 -4.56 -8.62
CA ARG A 50 4.96 -3.26 -8.67
C ARG A 50 5.59 -2.93 -7.31
N SER A 51 6.51 -1.98 -7.34
CA SER A 51 7.19 -1.56 -6.12
C SER A 51 7.52 -0.07 -6.20
N GLY A 52 7.30 0.60 -5.08
CA GLY A 52 7.58 2.04 -5.01
C GLY A 52 7.23 2.59 -3.63
N ILE A 53 7.46 3.88 -3.47
CA ILE A 53 7.18 4.55 -2.21
C ILE A 53 5.89 5.37 -2.34
N PHE A 54 5.30 5.68 -1.20
CA PHE A 54 4.07 6.46 -1.18
C PHE A 54 3.89 7.16 0.17
N PRO A 55 3.02 8.20 0.16
CA PRO A 55 2.75 8.96 1.37
C PRO A 55 1.85 8.17 2.33
N SER A 56 2.35 7.97 3.53
CA SER A 56 1.61 7.24 4.54
C SER A 56 0.44 8.08 5.06
N ASN A 57 -0.42 8.47 4.13
CA ASN A 57 -1.57 9.28 4.47
C ASN A 57 -2.69 9.01 3.46
N TYR A 58 -2.31 8.96 2.20
CA TYR A 58 -3.27 8.71 1.14
C TYR A 58 -3.66 7.24 1.08
N VAL A 59 -3.17 6.50 2.06
CA VAL A 59 -3.47 5.07 2.14
C VAL A 59 -4.11 4.76 3.49
N LYS A 60 -5.10 3.88 3.45
CA LYS A 60 -5.80 3.49 4.66
C LYS A 60 -5.62 1.99 4.89
N PRO A 61 -5.82 1.57 6.17
CA PRO A 61 -5.69 0.17 6.53
C PRO A 61 -6.89 -0.64 6.04
N LYS A 62 -6.60 -1.60 5.17
CA LYS A 62 -7.65 -2.45 4.62
C LYS A 62 -8.35 -3.18 5.77
N ASP A 63 -9.52 -2.65 6.13
CA ASP A 63 -10.29 -3.25 7.20
C ASP A 63 -11.13 -4.41 6.64
N SER A 64 -10.78 -5.61 7.11
CA SER A 64 -11.48 -6.80 6.66
C SER A 64 -12.09 -7.52 7.86
N GLY A 65 -11.24 -7.91 8.79
CA GLY A 65 -11.69 -8.60 9.98
C GLY A 65 -11.27 -10.08 9.96
N PRO A 66 -10.04 -10.33 10.48
CA PRO A 66 -9.52 -11.69 10.51
C PRO A 66 -10.19 -12.51 11.61
N SER A 67 -10.12 -13.82 11.46
CA SER A 67 -10.72 -14.73 12.43
C SER A 67 -9.62 -15.50 13.16
N SER A 68 -9.97 -15.96 14.36
CA SER A 68 -9.03 -16.72 15.17
C SER A 68 -8.83 -18.11 14.57
N GLY A 69 -7.57 -18.42 14.28
CA GLY A 69 -7.23 -19.71 13.70
C GLY A 69 -6.14 -20.41 14.52
#